data_9H6F
#
_entry.id   9H6F
#
_cell.length_a   186.05
_cell.length_b   63.85
_cell.length_c   180.49
_cell.angle_alpha   90
_cell.angle_beta   118.69
_cell.angle_gamma   90
#
_symmetry.space_group_name_H-M   'C 1 2 1'
#
loop_
_entity.id
_entity.type
_entity.pdbx_description
1 polymer 'Glycosyl hydrolase family 98'
2 branched beta-D-xylopyranose-(1-3)-beta-D-xylopyranose-(1-4)-beta-D-xylopyranose-(1-4)-beta-D-xylopyranose
3 non-polymer alpha-L-arabinofuranose
4 non-polymer 'CALCIUM ION'
5 non-polymer beta-D-xylopyranose
6 water water
#
_entity_poly.entity_id   1
_entity_poly.type   'polypeptide(L)'
_entity_poly.pdbx_seq_one_letter_code
;PGTAVENINTNVKALRKLIEAKQQDLAVKTYNPVNNGASYTIELSDGTSFSMYAQIAALEGGGEDVVYSPKVGAKVEHDE
YYWTLDDVWLTFENDEKVKVLDENNTVAPIVDINTDGYWTVKYGTKSRTLDKAVSGKLTSQFKQVSTIGDESVSFTFTDR
TPVIELNLFKGDNPEIPPVTGALRRPISPEQPAWFVHIDSWNYADPQKIIDLIPADIRPFTIFNISLSVSHDEATGIYNV
SEYGYEIAKSWLRTCAENNVWAMVQPSSGGFSHFKDVSLYSQFESDDKVRVYDEFFREYPNFLGFNYCEQFWGYDDQFSV
SWLQRVAHWNQLLKLTHKYGGYLVVSFCGNTWSANINPIALVKRNSDFAQTAKLYSENFIMCEKYTTQSGFFNVEGICLG
TWLSGFAGQYGIRFDQCGWTEEKGQNGDKDFPPAAGALPIIEHVMLTGQTVIDGPELIWQQCFKETNAVSVGDGYQSRNW
ECFPQFVNINIDMFRKIIDKTIRIPSRKEVIDRTKVVILQDVYSGDDNAKYSSPKNLHEGLYLRDDDGNLWDNHCYFKKT
GRYPTIPVAFELCDDVANSFQYKINQSTFEGSWSDVNTKVGKFNRWFPQEYTGELYAGRIENGWVVYNGLAGIRNAAIPF
KYNTCDKMELAYSKYTVSVIKEYANKLTFYMNNYDPSGSSKTEVIKIYGCTSKPTHSVSSRANGTAQVSENWKEDVYTLT
VTHNGPLDLTVNCSGKATDRLTVSTAASIQVPASPQIYQGAYQYEAECFDFKNVTKRVTKGDSEPIRNYTAQGYINFGAS
SAAAVR(PHD)AVTALEDGVYTIRIRYRAPSATVNTVDMYINNTKVGTPEFAQTDNDNTVWNTALMSVSLRKGANTFELK
ANSSGAGDLYLDNIVIERK
;
_entity_poly.pdbx_strand_id   A,B
#
# COMPACT_ATOMS: atom_id res chain seq x y z
N PRO A 1 1.40 -2.44 -8.99
CA PRO A 1 2.08 -2.38 -7.65
C PRO A 1 3.57 -2.73 -7.76
N GLY A 2 4.26 -2.72 -6.60
CA GLY A 2 5.64 -3.15 -6.48
C GLY A 2 6.62 -2.19 -7.15
N THR A 3 7.53 -1.61 -6.39
CA THR A 3 8.45 -0.62 -6.90
C THR A 3 9.70 -1.27 -7.52
N ALA A 4 10.47 -0.43 -8.18
CA ALA A 4 11.73 -0.82 -8.76
C ALA A 4 12.62 -1.47 -7.69
N VAL A 5 12.73 -0.82 -6.55
CA VAL A 5 13.68 -1.24 -5.53
C VAL A 5 13.25 -2.57 -4.90
N GLU A 6 11.94 -2.80 -4.79
CA GLU A 6 11.46 -4.07 -4.27
C GLU A 6 11.77 -5.19 -5.25
N ASN A 7 11.47 -4.96 -6.54
CA ASN A 7 11.88 -5.87 -7.59
C ASN A 7 13.38 -6.20 -7.51
N ILE A 8 14.21 -5.17 -7.35
CA ILE A 8 15.64 -5.37 -7.44
C ILE A 8 16.09 -6.30 -6.32
N ASN A 9 15.57 -6.07 -5.10
CA ASN A 9 15.99 -6.79 -3.91
C ASN A 9 15.43 -8.20 -3.96
N THR A 10 14.21 -8.34 -4.48
CA THR A 10 13.64 -9.65 -4.69
C THR A 10 14.62 -10.52 -5.49
N ASN A 11 15.20 -9.94 -6.55
CA ASN A 11 16.11 -10.69 -7.39
C ASN A 11 17.42 -10.99 -6.63
N VAL A 12 17.91 -10.05 -5.83
CA VAL A 12 19.11 -10.29 -5.03
C VAL A 12 18.86 -11.51 -4.13
N LYS A 13 17.71 -11.52 -3.42
CA LYS A 13 17.43 -12.58 -2.46
C LYS A 13 17.23 -13.91 -3.18
N ALA A 14 16.64 -13.88 -4.37
CA ALA A 14 16.54 -15.04 -5.22
C ALA A 14 17.92 -15.59 -5.58
N LEU A 15 18.86 -14.70 -5.94
CA LEU A 15 20.19 -15.15 -6.30
C LEU A 15 20.81 -15.92 -5.13
N ARG A 16 20.72 -15.37 -3.91
N ARG A 16 20.72 -15.37 -3.91
CA ARG A 16 21.26 -16.02 -2.73
CA ARG A 16 21.28 -16.02 -2.73
C ARG A 16 20.64 -17.40 -2.56
C ARG A 16 20.64 -17.40 -2.56
N LYS A 17 19.32 -17.46 -2.68
CA LYS A 17 18.59 -18.69 -2.45
C LYS A 17 18.96 -19.74 -3.51
N LEU A 18 19.16 -19.32 -4.76
CA LEU A 18 19.52 -20.25 -5.83
C LEU A 18 20.87 -20.86 -5.49
N ILE A 19 21.80 -20.04 -5.01
CA ILE A 19 23.14 -20.50 -4.71
C ILE A 19 23.12 -21.44 -3.51
N GLU A 20 22.26 -21.14 -2.53
CA GLU A 20 22.08 -22.03 -1.40
C GLU A 20 21.45 -23.34 -1.84
N ALA A 21 20.41 -23.29 -2.67
CA ALA A 21 19.80 -24.49 -3.23
C ALA A 21 20.82 -25.34 -3.99
N LYS A 22 21.77 -24.70 -4.68
CA LYS A 22 22.80 -25.43 -5.41
C LYS A 22 23.63 -26.28 -4.42
N GLN A 23 24.16 -25.59 -3.39
CA GLN A 23 25.03 -26.19 -2.40
C GLN A 23 24.32 -27.27 -1.59
N GLN A 24 23.02 -27.08 -1.31
CA GLN A 24 22.27 -28.06 -0.54
C GLN A 24 21.60 -29.08 -1.45
N ASP A 25 21.82 -28.92 -2.76
CA ASP A 25 21.34 -29.87 -3.75
C ASP A 25 19.81 -29.95 -3.71
N LEU A 26 19.13 -28.82 -3.45
CA LEU A 26 17.68 -28.78 -3.53
C LEU A 26 17.32 -28.89 -5.00
N ALA A 27 16.16 -29.46 -5.32
CA ALA A 27 15.68 -29.49 -6.70
C ALA A 27 14.67 -28.37 -6.91
N VAL A 28 14.47 -27.98 -8.17
CA VAL A 28 13.36 -27.13 -8.53
C VAL A 28 12.20 -28.08 -8.71
N LYS A 29 11.12 -27.87 -7.96
CA LYS A 29 9.93 -28.68 -8.10
C LYS A 29 9.12 -28.13 -9.28
N THR A 30 8.96 -26.82 -9.35
CA THR A 30 8.15 -26.23 -10.41
C THR A 30 8.54 -24.76 -10.61
N TYR A 31 8.29 -24.26 -11.81
CA TYR A 31 8.46 -22.86 -12.09
C TYR A 31 7.39 -22.50 -13.11
N ASN A 32 7.05 -21.22 -13.21
CA ASN A 32 6.00 -20.80 -14.13
C ASN A 32 6.20 -19.32 -14.48
N PRO A 33 6.26 -18.99 -15.79
CA PRO A 33 6.33 -17.61 -16.22
C PRO A 33 4.97 -16.93 -16.12
N VAL A 34 4.97 -15.62 -15.87
CA VAL A 34 3.76 -14.83 -15.74
C VAL A 34 3.93 -13.57 -16.56
N ASN A 35 2.84 -13.05 -17.14
CA ASN A 35 2.86 -11.79 -17.88
C ASN A 35 3.91 -11.85 -18.98
N ASN A 36 3.94 -13.00 -19.67
CA ASN A 36 4.78 -13.24 -20.82
C ASN A 36 6.25 -13.33 -20.41
N GLY A 37 6.52 -13.93 -19.25
CA GLY A 37 7.90 -14.04 -18.78
C GLY A 37 8.45 -12.74 -18.18
N ALA A 38 7.60 -11.72 -17.97
CA ALA A 38 8.04 -10.55 -17.22
C ALA A 38 8.47 -10.97 -15.82
N SER A 39 7.78 -11.95 -15.22
CA SER A 39 8.26 -12.55 -13.98
C SER A 39 8.06 -14.07 -14.00
N TYR A 40 8.63 -14.74 -13.00
CA TYR A 40 8.43 -16.16 -12.77
C TYR A 40 8.20 -16.44 -11.29
N THR A 41 7.34 -17.41 -10.96
CA THR A 41 7.33 -18.02 -9.63
C THR A 41 8.14 -19.32 -9.67
N ILE A 42 8.92 -19.57 -8.61
CA ILE A 42 9.76 -20.74 -8.51
C ILE A 42 9.32 -21.48 -7.26
N GLU A 43 9.08 -22.78 -7.38
CA GLU A 43 9.00 -23.60 -6.16
C GLU A 43 10.13 -24.61 -6.11
N LEU A 44 10.81 -24.65 -4.96
CA LEU A 44 11.85 -25.63 -4.69
C LEU A 44 11.30 -26.83 -3.91
N SER A 45 12.14 -27.85 -3.76
CA SER A 45 11.72 -29.13 -3.20
C SER A 45 11.47 -29.02 -1.70
N ASP A 46 12.14 -28.08 -1.02
CA ASP A 46 11.94 -27.82 0.41
C ASP A 46 10.67 -27.02 0.70
N GLY A 47 9.92 -26.61 -0.33
CA GLY A 47 8.67 -25.86 -0.12
C GLY A 47 8.82 -24.35 -0.26
N THR A 48 10.07 -23.87 -0.42
CA THR A 48 10.30 -22.44 -0.62
C THR A 48 9.79 -22.05 -2.01
N SER A 49 9.03 -20.96 -2.04
CA SER A 49 8.55 -20.37 -3.28
C SER A 49 8.93 -18.89 -3.30
N PHE A 50 9.35 -18.40 -4.46
CA PHE A 50 9.71 -17.01 -4.59
C PHE A 50 9.60 -16.60 -6.06
N SER A 51 9.63 -15.27 -6.26
CA SER A 51 9.52 -14.66 -7.56
C SER A 51 10.90 -14.21 -8.03
N MET A 52 11.08 -14.17 -9.37
CA MET A 52 12.20 -13.49 -9.99
C MET A 52 11.66 -12.60 -11.09
N TYR A 53 12.31 -11.46 -11.33
CA TYR A 53 11.77 -10.48 -12.26
C TYR A 53 12.72 -10.34 -13.44
N ALA A 54 12.22 -10.65 -14.64
CA ALA A 54 12.94 -10.38 -15.87
C ALA A 54 12.75 -8.92 -16.25
N GLN A 55 11.61 -8.34 -15.84
CA GLN A 55 11.32 -6.93 -16.05
C GLN A 55 11.23 -6.25 -14.67
N ILE A 56 11.81 -5.06 -14.57
CA ILE A 56 11.78 -4.24 -13.37
C ILE A 56 10.80 -3.08 -13.56
N ALA A 57 9.98 -2.80 -12.56
CA ALA A 57 9.17 -1.58 -12.56
C ALA A 57 10.06 -0.35 -12.74
N ALA A 58 9.56 0.63 -13.49
CA ALA A 58 10.23 1.90 -13.68
C ALA A 58 10.41 2.61 -12.34
N LEU A 59 11.54 3.30 -12.19
CA LEU A 59 11.76 4.12 -11.02
C LEU A 59 10.88 5.37 -11.17
N GLU A 60 10.13 5.69 -10.11
CA GLU A 60 9.09 6.72 -10.13
C GLU A 60 9.67 8.03 -10.66
N GLY A 61 8.81 8.83 -11.33
CA GLY A 61 9.18 10.19 -11.70
C GLY A 61 9.20 10.45 -13.21
N GLY A 62 8.99 9.39 -14.00
CA GLY A 62 8.48 9.53 -15.35
C GLY A 62 9.56 9.70 -16.41
N GLY A 63 10.83 9.41 -16.10
CA GLY A 63 11.82 9.29 -17.16
C GLY A 63 11.47 8.15 -18.14
N GLU A 64 11.86 8.29 -19.40
CA GLU A 64 11.47 7.34 -20.44
C GLU A 64 12.66 6.53 -20.94
N ASP A 65 13.89 7.00 -20.68
CA ASP A 65 15.09 6.32 -21.14
C ASP A 65 15.51 5.25 -20.12
N VAL A 66 16.41 4.36 -20.58
CA VAL A 66 17.03 3.34 -19.75
C VAL A 66 18.13 4.02 -18.94
N VAL A 67 18.04 3.95 -17.60
CA VAL A 67 19.04 4.56 -16.72
C VAL A 67 19.76 3.47 -15.93
N TYR A 68 20.80 3.89 -15.19
CA TYR A 68 21.62 3.01 -14.37
C TYR A 68 20.83 2.51 -13.16
N SER A 69 21.02 1.21 -12.84
CA SER A 69 20.72 0.69 -11.51
C SER A 69 21.77 -0.36 -11.13
N PRO A 70 22.12 -0.49 -9.83
CA PRO A 70 23.13 -1.44 -9.39
C PRO A 70 22.79 -2.89 -9.74
N LYS A 71 23.77 -3.59 -10.31
CA LYS A 71 23.61 -5.00 -10.62
C LYS A 71 24.37 -5.82 -9.59
N VAL A 72 23.64 -6.39 -8.65
CA VAL A 72 24.25 -7.24 -7.65
C VAL A 72 24.13 -8.67 -8.17
N GLY A 73 25.29 -9.21 -8.56
CA GLY A 73 25.42 -10.57 -9.07
C GLY A 73 26.31 -11.37 -8.14
N ALA A 74 26.71 -12.57 -8.60
CA ALA A 74 27.65 -13.41 -7.88
C ALA A 74 28.57 -14.16 -8.85
N LYS A 75 29.81 -14.38 -8.40
CA LYS A 75 30.87 -15.00 -9.20
C LYS A 75 31.65 -15.94 -8.26
N VAL A 76 32.19 -17.03 -8.81
CA VAL A 76 32.92 -18.03 -8.05
C VAL A 76 34.41 -17.67 -8.10
N GLU A 77 35.06 -17.78 -6.94
CA GLU A 77 36.52 -17.73 -6.87
C GLU A 77 36.96 -18.71 -5.76
N HIS A 78 38.02 -19.48 -6.04
CA HIS A 78 38.64 -20.38 -5.06
C HIS A 78 37.54 -21.19 -4.38
N ASP A 79 36.59 -21.69 -5.21
CA ASP A 79 35.55 -22.65 -4.83
C ASP A 79 34.31 -22.02 -4.17
N GLU A 80 34.30 -20.72 -3.91
CA GLU A 80 33.16 -20.14 -3.19
C GLU A 80 32.54 -18.98 -3.97
N TYR A 81 31.23 -18.80 -3.82
CA TYR A 81 30.53 -17.66 -4.38
C TYR A 81 30.68 -16.40 -3.52
N TYR A 82 31.01 -15.29 -4.19
CA TYR A 82 31.12 -13.98 -3.59
C TYR A 82 30.23 -13.01 -4.38
N TRP A 83 29.83 -11.91 -3.75
CA TRP A 83 28.88 -10.99 -4.38
C TRP A 83 29.61 -10.06 -5.34
N THR A 84 28.99 -9.73 -6.48
CA THR A 84 29.53 -8.71 -7.37
C THR A 84 28.63 -7.48 -7.35
N LEU A 85 29.21 -6.32 -7.68
CA LEU A 85 28.48 -5.09 -7.95
C LEU A 85 28.89 -4.54 -9.32
N ASP A 86 28.00 -4.66 -10.31
CA ASP A 86 28.27 -4.22 -11.68
C ASP A 86 29.47 -4.94 -12.26
N ASP A 87 29.55 -6.24 -11.99
CA ASP A 87 30.61 -7.13 -12.48
C ASP A 87 31.99 -6.87 -11.88
N VAL A 88 32.10 -6.09 -10.81
CA VAL A 88 33.32 -6.15 -10.00
C VAL A 88 32.94 -6.72 -8.62
N TRP A 89 33.92 -7.23 -7.88
CA TRP A 89 33.67 -7.72 -6.53
C TRP A 89 32.98 -6.63 -5.69
N LEU A 90 31.90 -7.00 -4.98
CA LEU A 90 31.31 -6.14 -3.97
C LEU A 90 32.24 -6.04 -2.76
N THR A 91 32.74 -4.83 -2.49
CA THR A 91 33.60 -4.54 -1.35
C THR A 91 32.99 -3.36 -0.62
N PHE A 92 33.32 -3.24 0.67
CA PHE A 92 32.86 -2.10 1.46
C PHE A 92 34.05 -1.23 1.86
N GLU A 93 34.71 -1.58 2.97
CA GLU A 93 35.81 -0.78 3.47
C GLU A 93 37.13 -1.47 3.15
N ASN A 94 37.17 -2.79 3.40
CA ASN A 94 38.39 -3.57 3.51
C ASN A 94 39.05 -3.76 2.14
N ASP A 95 38.25 -3.69 1.06
CA ASP A 95 38.61 -4.23 -0.24
C ASP A 95 38.46 -5.76 -0.20
N GLU A 96 37.84 -6.25 0.88
CA GLU A 96 37.60 -7.66 1.09
C GLU A 96 36.28 -8.02 0.41
N LYS A 97 36.29 -9.20 -0.23
CA LYS A 97 35.11 -9.74 -0.86
C LYS A 97 34.13 -10.22 0.20
N VAL A 98 32.86 -10.32 -0.21
CA VAL A 98 31.77 -10.66 0.68
C VAL A 98 31.10 -11.92 0.14
N LYS A 99 31.06 -12.95 0.98
CA LYS A 99 30.69 -14.29 0.61
C LYS A 99 29.15 -14.40 0.61
N VAL A 100 28.59 -15.07 -0.40
CA VAL A 100 27.14 -15.21 -0.56
C VAL A 100 26.57 -16.00 0.62
N LEU A 101 27.28 -17.05 1.03
CA LEU A 101 26.87 -17.95 2.09
C LEU A 101 27.86 -17.81 3.23
N ASP A 102 27.43 -17.29 4.38
CA ASP A 102 28.34 -17.16 5.52
C ASP A 102 27.79 -17.84 6.78
N GLU A 103 26.49 -18.17 6.79
CA GLU A 103 25.88 -18.97 7.86
C GLU A 103 25.72 -18.08 9.10
N ASN A 104 26.69 -17.17 9.34
CA ASN A 104 26.49 -16.05 10.26
C ASN A 104 25.22 -15.28 9.87
N ASN A 105 25.25 -14.63 8.70
CA ASN A 105 24.18 -13.78 8.23
C ASN A 105 23.23 -14.59 7.35
N THR A 106 21.97 -14.15 7.32
CA THR A 106 20.96 -14.72 6.45
C THR A 106 20.37 -13.62 5.55
N VAL A 107 21.02 -12.43 5.57
CA VAL A 107 20.56 -11.20 4.94
C VAL A 107 21.47 -10.88 3.76
N ALA A 108 20.87 -10.79 2.57
CA ALA A 108 21.58 -10.52 1.34
C ALA A 108 21.84 -9.03 1.23
N PRO A 109 22.82 -8.58 0.42
CA PRO A 109 22.98 -7.15 0.14
C PRO A 109 21.64 -6.52 -0.28
N ILE A 110 21.37 -5.36 0.31
CA ILE A 110 20.13 -4.63 0.14
C ILE A 110 20.43 -3.39 -0.69
N VAL A 111 19.70 -3.21 -1.78
CA VAL A 111 19.85 -2.03 -2.59
C VAL A 111 18.79 -1.03 -2.19
N ASP A 112 19.17 0.25 -2.17
CA ASP A 112 18.25 1.31 -1.78
C ASP A 112 18.64 2.61 -2.48
N ILE A 113 17.79 3.63 -2.32
CA ILE A 113 18.09 5.01 -2.67
C ILE A 113 18.01 5.86 -1.40
N ASN A 114 19.08 6.60 -1.09
CA ASN A 114 19.14 7.35 0.16
C ASN A 114 18.36 8.66 0.01
N THR A 115 18.39 9.49 1.06
CA THR A 115 17.61 10.74 1.10
C THR A 115 18.16 11.78 0.12
N ASP A 116 19.45 11.65 -0.25
CA ASP A 116 20.09 12.52 -1.23
C ASP A 116 19.90 12.04 -2.66
N GLY A 117 19.22 10.90 -2.85
CA GLY A 117 18.87 10.47 -4.18
C GLY A 117 19.96 9.63 -4.84
N TYR A 118 20.91 9.12 -4.05
CA TYR A 118 21.95 8.22 -4.53
C TYR A 118 21.55 6.77 -4.22
N TRP A 119 21.82 5.87 -5.17
CA TRP A 119 21.81 4.43 -4.92
C TRP A 119 22.74 4.07 -3.77
N THR A 120 22.34 3.05 -2.99
CA THR A 120 23.17 2.50 -1.94
C THR A 120 23.07 0.99 -1.96
N VAL A 121 24.11 0.36 -1.45
CA VAL A 121 24.08 -1.06 -1.16
C VAL A 121 24.60 -1.26 0.25
N LYS A 122 23.83 -2.00 1.05
CA LYS A 122 24.15 -2.25 2.43
C LYS A 122 24.26 -3.77 2.63
N TYR A 123 25.25 -4.19 3.41
CA TYR A 123 25.36 -5.58 3.87
C TYR A 123 25.88 -5.59 5.30
N GLY A 124 25.11 -6.19 6.23
CA GLY A 124 25.36 -5.99 7.65
C GLY A 124 25.24 -4.51 8.01
N THR A 125 26.18 -4.04 8.84
CA THR A 125 26.23 -2.66 9.27
C THR A 125 27.00 -1.80 8.26
N LYS A 126 27.46 -2.44 7.17
CA LYS A 126 28.32 -1.80 6.18
C LYS A 126 27.46 -1.22 5.05
N SER A 127 27.90 -0.08 4.53
CA SER A 127 27.13 0.72 3.58
C SER A 127 28.06 1.39 2.57
N ARG A 128 27.64 1.40 1.30
CA ARG A 128 28.38 2.08 0.25
C ARG A 128 27.41 2.88 -0.61
N THR A 129 27.79 4.13 -0.92
CA THR A 129 26.99 5.03 -1.73
C THR A 129 27.48 4.91 -3.18
N LEU A 130 26.57 4.73 -4.11
CA LEU A 130 26.91 4.58 -5.51
C LEU A 130 26.45 5.82 -6.25
N ASP A 131 26.15 5.64 -7.55
CA ASP A 131 25.77 6.73 -8.44
C ASP A 131 24.40 7.30 -8.07
N LYS A 132 24.19 8.56 -8.47
CA LYS A 132 22.90 9.22 -8.42
C LYS A 132 21.86 8.34 -9.09
N ALA A 133 20.66 8.26 -8.49
CA ALA A 133 19.55 7.53 -9.09
C ALA A 133 18.63 8.47 -9.84
N VAL A 134 18.55 8.30 -11.17
CA VAL A 134 17.71 9.14 -11.99
C VAL A 134 16.50 8.31 -12.37
N SER A 135 15.34 8.96 -12.44
CA SER A 135 14.10 8.37 -12.90
C SER A 135 14.28 7.79 -14.31
N GLY A 136 13.67 6.62 -14.57
CA GLY A 136 13.76 6.01 -15.88
C GLY A 136 13.48 4.51 -15.82
N LYS A 137 13.55 3.86 -16.99
CA LYS A 137 13.43 2.42 -17.10
C LYS A 137 14.73 1.78 -16.62
N LEU A 138 14.60 0.63 -15.97
CA LEU A 138 15.74 -0.14 -15.48
C LEU A 138 15.79 -1.48 -16.21
N THR A 139 16.95 -2.12 -16.19
CA THR A 139 17.11 -3.47 -16.66
C THR A 139 17.30 -4.38 -15.46
N SER A 140 16.78 -5.62 -15.55
CA SER A 140 16.94 -6.64 -14.52
C SER A 140 18.36 -7.19 -14.54
N GLN A 141 18.80 -7.74 -13.40
CA GLN A 141 20.00 -8.54 -13.31
C GLN A 141 19.71 -10.00 -13.72
N PHE A 142 18.42 -10.37 -13.77
CA PHE A 142 18.00 -11.73 -14.08
C PHE A 142 17.36 -11.74 -15.46
N LYS A 143 17.66 -12.79 -16.25
CA LYS A 143 17.21 -12.91 -17.63
C LYS A 143 16.01 -13.84 -17.73
N GLN A 144 16.21 -15.13 -17.42
CA GLN A 144 15.21 -16.15 -17.63
C GLN A 144 15.57 -17.43 -16.89
N VAL A 145 14.54 -18.22 -16.59
CA VAL A 145 14.58 -19.62 -16.21
C VAL A 145 14.23 -20.42 -17.45
N SER A 146 14.81 -21.61 -17.61
CA SER A 146 14.43 -22.51 -18.70
C SER A 146 14.91 -23.93 -18.37
N THR A 147 14.37 -24.92 -19.10
CA THR A 147 14.63 -26.33 -18.83
C THR A 147 15.60 -26.88 -19.88
N ILE A 148 16.63 -27.59 -19.39
CA ILE A 148 17.67 -28.19 -20.22
C ILE A 148 17.55 -29.71 -20.13
N GLY A 149 17.58 -30.40 -21.28
CA GLY A 149 17.08 -31.77 -21.36
C GLY A 149 15.68 -31.84 -20.75
N ASP A 150 15.45 -32.83 -19.88
CA ASP A 150 14.38 -32.79 -18.89
C ASP A 150 14.95 -33.27 -17.55
N GLU A 151 16.24 -32.99 -17.32
CA GLU A 151 16.91 -33.37 -16.10
C GLU A 151 16.98 -32.16 -15.16
N SER A 152 16.99 -30.94 -15.74
CA SER A 152 17.69 -29.80 -15.18
C SER A 152 16.96 -28.51 -15.49
N VAL A 153 17.21 -27.48 -14.66
CA VAL A 153 16.58 -26.16 -14.79
C VAL A 153 17.69 -25.14 -14.67
N SER A 154 17.71 -24.19 -15.61
CA SER A 154 18.79 -23.23 -15.73
C SER A 154 18.28 -21.82 -15.44
N PHE A 155 18.93 -21.14 -14.50
CA PHE A 155 18.69 -19.73 -14.24
C PHE A 155 19.80 -18.91 -14.89
N THR A 156 19.39 -17.99 -15.80
CA THR A 156 20.30 -17.16 -16.56
C THR A 156 20.16 -15.70 -16.15
N PHE A 157 21.28 -14.95 -16.17
CA PHE A 157 21.42 -13.59 -15.70
C PHE A 157 21.92 -12.67 -16.81
N THR A 158 21.89 -11.35 -16.57
CA THR A 158 22.23 -10.37 -17.58
C THR A 158 23.63 -9.77 -17.37
N ASP A 159 24.43 -10.29 -16.42
CA ASP A 159 25.65 -9.62 -16.02
C ASP A 159 26.85 -10.56 -15.80
N ARG A 160 26.95 -11.71 -16.47
CA ARG A 160 28.17 -12.51 -16.26
C ARG A 160 28.17 -13.28 -14.95
N THR A 161 27.16 -13.08 -14.10
CA THR A 161 26.89 -14.12 -13.13
C THR A 161 26.70 -15.38 -13.96
N PRO A 162 27.41 -16.50 -13.67
CA PRO A 162 27.27 -17.71 -14.45
C PRO A 162 25.90 -18.35 -14.32
N VAL A 163 25.52 -19.10 -15.35
CA VAL A 163 24.33 -19.95 -15.32
C VAL A 163 24.33 -20.78 -14.05
N ILE A 164 23.16 -20.85 -13.42
CA ILE A 164 22.97 -21.70 -12.26
C ILE A 164 22.00 -22.81 -12.66
N GLU A 165 22.46 -24.07 -12.55
CA GLU A 165 21.68 -25.21 -12.93
C GLU A 165 21.29 -25.96 -11.68
N LEU A 166 19.98 -26.27 -11.54
CA LEU A 166 19.50 -27.08 -10.44
C LEU A 166 18.80 -28.28 -11.06
N ASN A 167 18.73 -29.38 -10.30
CA ASN A 167 17.94 -30.51 -10.73
C ASN A 167 16.45 -30.14 -10.76
N LEU A 168 15.72 -30.80 -11.67
CA LEU A 168 14.28 -30.78 -11.74
C LEU A 168 13.71 -31.99 -11.00
N PHE A 169 12.72 -31.77 -10.14
CA PHE A 169 12.30 -32.75 -9.15
C PHE A 169 11.63 -33.92 -9.84
N LYS A 170 12.28 -35.10 -9.76
CA LYS A 170 11.76 -36.38 -10.26
C LYS A 170 10.76 -36.91 -9.24
N GLY A 171 9.46 -36.89 -9.58
CA GLY A 171 8.37 -37.07 -8.62
C GLY A 171 8.14 -38.54 -8.31
N ASP A 172 7.63 -38.84 -7.09
CA ASP A 172 7.77 -40.15 -6.48
C ASP A 172 6.53 -41.03 -6.75
N ASN A 173 5.35 -40.40 -6.89
CA ASN A 173 4.10 -41.12 -7.17
C ASN A 173 4.03 -41.51 -8.65
N PRO A 174 3.30 -42.60 -9.03
CA PRO A 174 3.17 -42.99 -10.43
C PRO A 174 2.27 -42.10 -11.30
N GLU A 175 2.59 -42.09 -12.60
CA GLU A 175 1.94 -41.19 -13.55
C GLU A 175 0.56 -41.72 -13.89
N ILE A 176 -0.44 -40.82 -13.85
CA ILE A 176 -1.83 -41.13 -14.17
C ILE A 176 -2.01 -40.89 -15.67
N PRO A 177 -2.34 -41.94 -16.49
CA PRO A 177 -2.44 -41.76 -17.94
C PRO A 177 -3.63 -40.89 -18.32
N PRO A 178 -3.49 -39.89 -19.22
CA PRO A 178 -4.58 -38.96 -19.51
C PRO A 178 -5.69 -39.60 -20.33
N VAL A 179 -6.86 -38.94 -20.38
CA VAL A 179 -7.92 -39.33 -21.28
C VAL A 179 -7.59 -38.78 -22.66
N THR A 180 -7.57 -39.66 -23.66
CA THR A 180 -7.25 -39.26 -25.02
C THR A 180 -8.18 -40.04 -25.93
N GLY A 181 -8.30 -39.58 -27.20
CA GLY A 181 -9.08 -40.24 -28.24
C GLY A 181 -10.43 -39.56 -28.41
N ALA A 182 -11.49 -40.29 -28.05
CA ALA A 182 -12.86 -39.81 -28.15
C ALA A 182 -13.11 -38.56 -27.31
N LEU A 183 -14.03 -37.72 -27.79
CA LEU A 183 -14.58 -36.63 -27.02
C LEU A 183 -14.84 -37.07 -25.57
N ARG A 184 -14.33 -36.27 -24.63
CA ARG A 184 -14.45 -36.58 -23.22
C ARG A 184 -15.91 -36.47 -22.80
N ARG A 185 -16.61 -35.41 -23.32
CA ARG A 185 -17.96 -35.07 -22.94
C ARG A 185 -18.71 -34.71 -24.22
N PRO A 186 -19.34 -35.70 -24.90
CA PRO A 186 -20.11 -35.39 -26.11
C PRO A 186 -21.22 -34.37 -25.88
N ILE A 187 -21.40 -33.46 -26.85
CA ILE A 187 -22.45 -32.47 -26.85
C ILE A 187 -23.31 -32.72 -28.07
N SER A 188 -24.64 -32.66 -27.91
CA SER A 188 -25.53 -32.88 -29.03
C SER A 188 -26.91 -32.40 -28.64
N PRO A 189 -27.94 -32.52 -29.50
CA PRO A 189 -29.31 -32.23 -29.10
C PRO A 189 -29.73 -33.03 -27.88
N GLU A 190 -29.06 -34.15 -27.63
CA GLU A 190 -29.48 -35.08 -26.60
C GLU A 190 -28.74 -34.76 -25.33
N GLN A 191 -27.66 -33.99 -25.49
CA GLN A 191 -26.74 -33.70 -24.41
C GLN A 191 -26.30 -32.26 -24.59
N PRO A 192 -27.23 -31.30 -24.43
CA PRO A 192 -26.86 -29.91 -24.48
C PRO A 192 -25.92 -29.55 -23.33
N ALA A 193 -25.30 -28.37 -23.43
CA ALA A 193 -24.37 -27.91 -22.43
C ALA A 193 -24.64 -26.45 -22.08
N TRP A 194 -24.55 -26.16 -20.78
CA TRP A 194 -24.59 -24.80 -20.26
C TRP A 194 -23.21 -24.48 -19.70
N PHE A 195 -22.56 -23.45 -20.26
CA PHE A 195 -21.31 -22.95 -19.73
C PHE A 195 -21.61 -21.91 -18.68
N VAL A 196 -21.42 -22.34 -17.42
CA VAL A 196 -21.69 -21.52 -16.25
C VAL A 196 -20.35 -21.02 -15.72
N HIS A 197 -20.25 -19.70 -15.52
CA HIS A 197 -18.96 -19.11 -15.24
C HIS A 197 -18.64 -19.19 -13.76
N ILE A 198 -17.45 -19.70 -13.45
CA ILE A 198 -16.73 -19.41 -12.23
C ILE A 198 -15.83 -18.22 -12.59
N ASP A 199 -16.21 -17.02 -12.14
CA ASP A 199 -15.71 -15.78 -12.69
C ASP A 199 -14.80 -15.05 -11.68
N SER A 200 -13.63 -14.66 -12.18
CA SER A 200 -12.68 -13.81 -11.48
C SER A 200 -13.35 -12.57 -10.90
N TRP A 201 -14.30 -12.00 -11.64
CA TRP A 201 -15.01 -10.82 -11.14
C TRP A 201 -15.94 -11.10 -9.96
N ASN A 202 -16.34 -12.36 -9.70
CA ASN A 202 -17.08 -12.72 -8.50
C ASN A 202 -16.10 -13.07 -7.36
N TYR A 203 -14.77 -12.96 -7.59
CA TYR A 203 -13.76 -13.37 -6.61
C TYR A 203 -14.14 -14.73 -6.01
N ALA A 204 -14.43 -15.69 -6.85
CA ALA A 204 -15.21 -16.86 -6.48
C ALA A 204 -14.47 -17.76 -5.51
N ASP A 205 -15.24 -18.41 -4.64
CA ASP A 205 -14.89 -19.74 -4.15
C ASP A 205 -15.50 -20.73 -5.13
N PRO A 206 -14.72 -21.46 -5.96
CA PRO A 206 -15.28 -22.33 -7.00
C PRO A 206 -16.29 -23.32 -6.45
N GLN A 207 -16.08 -23.80 -5.21
CA GLN A 207 -16.93 -24.78 -4.58
C GLN A 207 -18.33 -24.20 -4.41
N LYS A 208 -18.43 -22.88 -4.19
CA LYS A 208 -19.68 -22.26 -3.80
C LYS A 208 -20.47 -21.88 -5.04
N ILE A 209 -19.81 -21.59 -6.16
CA ILE A 209 -20.50 -21.40 -7.43
C ILE A 209 -21.01 -22.75 -7.92
N ILE A 210 -20.16 -23.78 -7.90
CA ILE A 210 -20.59 -25.13 -8.24
C ILE A 210 -21.87 -25.49 -7.48
N ASP A 211 -21.90 -25.28 -6.16
CA ASP A 211 -22.99 -25.75 -5.33
C ASP A 211 -24.27 -24.92 -5.49
N LEU A 212 -24.18 -23.80 -6.24
CA LEU A 212 -25.35 -23.01 -6.58
C LEU A 212 -26.07 -23.62 -7.80
N ILE A 213 -25.45 -24.57 -8.52
CA ILE A 213 -26.12 -25.20 -9.63
C ILE A 213 -26.86 -26.43 -9.14
N PRO A 214 -28.20 -26.47 -9.26
CA PRO A 214 -28.95 -27.61 -8.75
C PRO A 214 -28.52 -28.93 -9.40
N ALA A 215 -28.80 -30.03 -8.68
CA ALA A 215 -28.32 -31.37 -8.96
C ALA A 215 -28.74 -31.82 -10.36
N ASP A 216 -29.94 -31.43 -10.80
CA ASP A 216 -30.47 -31.87 -12.09
C ASP A 216 -29.78 -31.14 -13.22
N ILE A 217 -29.20 -29.96 -12.95
CA ILE A 217 -28.55 -29.15 -13.98
C ILE A 217 -27.06 -29.48 -14.05
N ARG A 218 -26.45 -29.81 -12.90
CA ARG A 218 -24.99 -29.96 -12.80
C ARG A 218 -24.44 -30.87 -13.90
N PRO A 219 -25.00 -32.07 -14.15
CA PRO A 219 -24.42 -32.97 -15.16
C PRO A 219 -24.39 -32.39 -16.57
N PHE A 220 -25.26 -31.42 -16.87
CA PHE A 220 -25.28 -30.77 -18.17
C PHE A 220 -24.41 -29.50 -18.18
N THR A 221 -23.88 -29.13 -17.03
CA THR A 221 -23.08 -27.92 -16.89
C THR A 221 -21.62 -28.20 -17.23
N ILE A 222 -21.01 -27.23 -17.91
CA ILE A 222 -19.57 -27.16 -18.03
C ILE A 222 -19.14 -25.85 -17.39
N PHE A 223 -18.38 -25.93 -16.29
CA PHE A 223 -17.94 -24.74 -15.57
C PHE A 223 -16.81 -24.04 -16.33
N ASN A 224 -17.07 -22.78 -16.69
CA ASN A 224 -16.15 -21.92 -17.44
C ASN A 224 -15.36 -21.05 -16.47
N ILE A 225 -14.11 -21.47 -16.25
CA ILE A 225 -13.19 -20.82 -15.36
C ILE A 225 -12.66 -19.58 -16.09
N SER A 226 -13.19 -18.42 -15.70
CA SER A 226 -13.05 -17.19 -16.46
C SER A 226 -11.95 -16.32 -15.85
N LEU A 227 -10.89 -16.08 -16.63
CA LEU A 227 -9.81 -15.19 -16.22
C LEU A 227 -10.00 -13.82 -16.87
N SER A 228 -10.05 -12.76 -16.04
CA SER A 228 -10.25 -11.43 -16.60
C SER A 228 -8.94 -10.99 -17.25
N VAL A 229 -9.08 -10.22 -18.35
CA VAL A 229 -7.94 -9.65 -19.04
C VAL A 229 -7.70 -8.22 -18.58
N SER A 230 -8.32 -7.79 -17.46
CA SER A 230 -8.06 -6.47 -16.91
C SER A 230 -6.58 -6.34 -16.57
N HIS A 231 -5.98 -5.24 -17.02
CA HIS A 231 -4.55 -5.08 -16.88
C HIS A 231 -4.19 -3.59 -16.83
N ASP A 232 -3.00 -3.36 -16.31
CA ASP A 232 -2.37 -2.06 -16.38
C ASP A 232 -1.90 -1.81 -17.81
N GLU A 233 -2.29 -0.64 -18.34
CA GLU A 233 -2.12 -0.32 -19.75
C GLU A 233 -0.64 -0.28 -20.12
N ALA A 234 0.20 0.21 -19.20
CA ALA A 234 1.58 0.57 -19.50
C ALA A 234 2.53 -0.64 -19.41
N THR A 235 2.32 -1.54 -18.44
CA THR A 235 3.23 -2.65 -18.15
C THR A 235 2.67 -3.97 -18.68
N GLY A 236 1.34 -4.04 -18.86
CA GLY A 236 0.67 -5.24 -19.34
C GLY A 236 0.14 -6.13 -18.20
N ILE A 237 0.48 -5.79 -16.95
CA ILE A 237 0.33 -6.73 -15.86
C ILE A 237 -1.16 -6.83 -15.51
N TYR A 238 -1.64 -8.09 -15.39
CA TYR A 238 -3.01 -8.41 -15.08
C TYR A 238 -3.23 -8.03 -13.62
N ASN A 239 -4.43 -7.53 -13.31
CA ASN A 239 -4.77 -7.11 -11.96
C ASN A 239 -5.84 -8.04 -11.39
N VAL A 240 -7.07 -8.01 -11.93
CA VAL A 240 -8.18 -8.74 -11.36
C VAL A 240 -7.87 -10.24 -11.21
N SER A 241 -7.32 -10.79 -12.29
CA SER A 241 -6.75 -12.12 -12.32
C SER A 241 -5.23 -12.01 -12.41
N GLU A 242 -4.60 -11.55 -11.33
CA GLU A 242 -3.15 -11.35 -11.35
C GLU A 242 -2.46 -12.64 -11.83
N TYR A 243 -2.88 -13.79 -11.30
CA TYR A 243 -2.18 -15.04 -11.54
C TYR A 243 -3.14 -16.03 -12.20
N GLY A 244 -3.25 -15.92 -13.52
CA GLY A 244 -4.21 -16.68 -14.29
C GLY A 244 -4.01 -18.17 -14.16
N TYR A 245 -2.76 -18.58 -14.41
CA TYR A 245 -2.41 -19.96 -14.29
C TYR A 245 -2.88 -20.46 -12.92
N GLU A 246 -2.48 -19.75 -11.87
CA GLU A 246 -2.77 -20.19 -10.52
C GLU A 246 -4.28 -20.24 -10.26
N ILE A 247 -5.05 -19.26 -10.79
CA ILE A 247 -6.50 -19.26 -10.61
C ILE A 247 -7.07 -20.51 -11.30
N ALA A 248 -6.76 -20.65 -12.58
CA ALA A 248 -7.28 -21.76 -13.37
C ALA A 248 -6.92 -23.11 -12.74
N LYS A 249 -5.67 -23.29 -12.30
CA LYS A 249 -5.24 -24.52 -11.68
C LYS A 249 -6.06 -24.82 -10.43
N SER A 250 -6.20 -23.83 -9.53
CA SER A 250 -6.90 -24.04 -8.28
C SER A 250 -8.39 -24.36 -8.53
N TRP A 251 -9.05 -23.58 -9.39
CA TRP A 251 -10.47 -23.80 -9.62
C TRP A 251 -10.72 -25.08 -10.40
N LEU A 252 -9.77 -25.48 -11.26
CA LEU A 252 -9.93 -26.71 -12.03
C LEU A 252 -9.78 -27.94 -11.12
N ARG A 253 -8.91 -27.81 -10.09
CA ARG A 253 -8.76 -28.89 -9.14
C ARG A 253 -10.06 -29.03 -8.35
N THR A 254 -10.67 -27.89 -7.98
CA THR A 254 -11.92 -27.94 -7.23
C THR A 254 -12.99 -28.56 -8.13
N CYS A 255 -13.02 -28.17 -9.40
CA CYS A 255 -13.95 -28.80 -10.34
C CYS A 255 -13.72 -30.31 -10.41
N ALA A 256 -12.45 -30.68 -10.46
CA ALA A 256 -12.09 -32.07 -10.66
C ALA A 256 -12.50 -32.88 -9.45
N GLU A 257 -12.20 -32.34 -8.27
CA GLU A 257 -12.60 -32.91 -7.00
C GLU A 257 -14.13 -33.09 -6.95
N ASN A 258 -14.88 -32.13 -7.47
CA ASN A 258 -16.34 -32.21 -7.50
C ASN A 258 -16.89 -33.11 -8.64
N ASN A 259 -16.03 -33.67 -9.51
CA ASN A 259 -16.49 -34.53 -10.60
C ASN A 259 -17.43 -33.75 -11.54
N VAL A 260 -17.08 -32.49 -11.86
CA VAL A 260 -17.83 -31.67 -12.80
C VAL A 260 -16.91 -31.23 -13.95
N TRP A 261 -17.48 -31.14 -15.16
CA TRP A 261 -16.75 -30.74 -16.34
C TRP A 261 -16.37 -29.26 -16.28
N ALA A 262 -15.23 -28.91 -16.87
CA ALA A 262 -14.74 -27.54 -16.80
C ALA A 262 -13.95 -27.15 -18.04
N MET A 263 -13.95 -25.85 -18.28
CA MET A 263 -13.11 -25.24 -19.31
C MET A 263 -12.40 -24.05 -18.66
N VAL A 264 -11.33 -23.57 -19.30
CA VAL A 264 -10.67 -22.34 -18.88
C VAL A 264 -10.82 -21.33 -20.00
N GLN A 265 -11.11 -20.08 -19.59
N GLN A 265 -11.11 -20.08 -19.59
CA GLN A 265 -11.27 -18.95 -20.49
CA GLN A 265 -11.27 -18.95 -20.49
C GLN A 265 -10.13 -17.97 -20.20
C GLN A 265 -10.13 -17.97 -20.20
N PRO A 266 -9.03 -18.02 -20.97
CA PRO A 266 -7.88 -17.19 -20.67
C PRO A 266 -7.83 -15.90 -21.48
N SER A 267 -8.85 -15.64 -22.28
CA SER A 267 -8.75 -14.63 -23.31
C SER A 267 -10.10 -14.00 -23.57
N SER A 268 -10.10 -12.66 -23.57
CA SER A 268 -11.21 -11.93 -24.12
C SER A 268 -10.80 -11.25 -25.41
N GLY A 269 -9.82 -10.39 -25.43
CA GLY A 269 -9.68 -9.97 -26.83
C GLY A 269 -8.60 -10.78 -27.55
N GLY A 270 -7.69 -9.99 -28.10
CA GLY A 270 -6.33 -10.43 -28.30
C GLY A 270 -5.68 -10.87 -26.99
N PHE A 271 -6.11 -10.23 -25.90
CA PHE A 271 -5.44 -10.42 -24.62
C PHE A 271 -5.65 -11.86 -24.12
N SER A 272 -4.59 -12.41 -23.55
CA SER A 272 -4.57 -13.76 -23.03
C SER A 272 -3.52 -13.89 -21.93
N HIS A 273 -3.88 -14.64 -20.89
CA HIS A 273 -2.97 -14.97 -19.81
C HIS A 273 -1.84 -15.87 -20.30
N PHE A 274 -2.08 -16.65 -21.36
CA PHE A 274 -1.15 -17.69 -21.77
C PHE A 274 -0.70 -17.38 -23.18
N LYS A 275 0.58 -17.66 -23.45
CA LYS A 275 1.21 -17.29 -24.69
C LYS A 275 0.66 -18.13 -25.84
N ASP A 276 0.51 -17.44 -26.97
CA ASP A 276 0.09 -18.04 -28.21
C ASP A 276 1.26 -18.79 -28.84
N VAL A 277 0.95 -19.92 -29.51
CA VAL A 277 1.94 -20.76 -30.17
C VAL A 277 1.80 -20.60 -31.68
N SER A 278 2.88 -20.98 -32.38
CA SER A 278 2.83 -21.09 -33.82
C SER A 278 3.09 -22.53 -34.29
N LEU A 279 3.75 -23.36 -33.47
CA LEU A 279 4.01 -24.73 -33.91
C LEU A 279 3.50 -25.74 -32.87
N TYR A 280 2.94 -26.83 -33.40
CA TYR A 280 2.37 -27.89 -32.57
C TYR A 280 3.43 -28.39 -31.60
N SER A 281 4.67 -28.49 -32.07
CA SER A 281 5.74 -29.04 -31.25
C SER A 281 5.81 -28.32 -29.92
N GLN A 282 5.37 -27.05 -29.87
CA GLN A 282 5.64 -26.23 -28.70
C GLN A 282 4.90 -26.75 -27.46
N PHE A 283 3.83 -27.53 -27.69
CA PHE A 283 2.99 -27.99 -26.59
C PHE A 283 3.84 -28.87 -25.67
N GLU A 284 4.84 -29.55 -26.23
CA GLU A 284 5.64 -30.47 -25.43
C GLU A 284 7.04 -29.94 -25.18
N SER A 285 7.63 -29.18 -26.11
CA SER A 285 9.03 -28.84 -25.93
C SER A 285 9.27 -27.37 -25.53
N ASP A 286 8.24 -26.53 -25.36
CA ASP A 286 8.48 -25.12 -25.07
C ASP A 286 8.05 -24.83 -23.63
N ASP A 287 8.99 -24.47 -22.75
CA ASP A 287 8.64 -24.24 -21.36
C ASP A 287 7.85 -22.94 -21.15
N LYS A 288 7.63 -22.13 -22.21
CA LYS A 288 6.80 -20.94 -22.08
C LYS A 288 5.30 -21.22 -22.15
N VAL A 289 4.88 -22.42 -22.58
CA VAL A 289 3.48 -22.68 -22.88
C VAL A 289 3.05 -24.04 -22.34
N ARG A 290 3.59 -24.43 -21.18
CA ARG A 290 3.26 -25.72 -20.58
C ARG A 290 1.76 -25.83 -20.29
N VAL A 291 1.06 -24.71 -20.06
CA VAL A 291 -0.29 -24.74 -19.51
C VAL A 291 -1.22 -25.58 -20.39
N TYR A 292 -1.05 -25.52 -21.71
CA TYR A 292 -2.01 -26.15 -22.59
C TYR A 292 -1.99 -27.65 -22.40
N ASP A 293 -0.82 -28.28 -22.45
CA ASP A 293 -0.77 -29.73 -22.29
C ASP A 293 -1.13 -30.13 -20.87
N GLU A 294 -0.69 -29.35 -19.89
CA GLU A 294 -0.88 -29.63 -18.48
C GLU A 294 -2.37 -29.82 -18.14
N PHE A 295 -3.21 -28.86 -18.49
CA PHE A 295 -4.60 -28.94 -18.08
C PHE A 295 -5.24 -30.20 -18.67
N PHE A 296 -4.92 -30.55 -19.94
CA PHE A 296 -5.54 -31.70 -20.57
C PHE A 296 -5.03 -32.96 -19.88
N ARG A 297 -3.72 -33.01 -19.65
CA ARG A 297 -3.06 -34.22 -19.18
C ARG A 297 -3.47 -34.58 -17.76
N GLU A 298 -3.68 -33.58 -16.89
CA GLU A 298 -3.76 -33.78 -15.45
C GLU A 298 -5.19 -33.85 -14.93
N TYR A 299 -6.13 -33.24 -15.67
CA TYR A 299 -7.53 -33.12 -15.27
C TYR A 299 -8.40 -33.81 -16.32
N PRO A 300 -8.91 -35.03 -16.04
CA PRO A 300 -9.79 -35.69 -17.00
C PRO A 300 -11.10 -34.96 -17.21
N ASN A 301 -11.42 -33.99 -16.35
CA ASN A 301 -12.68 -33.29 -16.45
C ASN A 301 -12.49 -32.02 -17.25
N PHE A 302 -11.23 -31.71 -17.60
CA PHE A 302 -10.96 -30.50 -18.34
C PHE A 302 -11.30 -30.73 -19.82
N LEU A 303 -12.01 -29.78 -20.43
CA LEU A 303 -12.46 -29.94 -21.80
C LEU A 303 -11.71 -29.01 -22.75
N GLY A 304 -11.06 -27.96 -22.23
CA GLY A 304 -10.35 -27.06 -23.12
C GLY A 304 -10.53 -25.58 -22.83
N PHE A 305 -10.13 -24.78 -23.84
CA PHE A 305 -9.96 -23.36 -23.74
C PHE A 305 -11.08 -22.62 -24.49
N ASN A 306 -11.52 -21.53 -23.88
CA ASN A 306 -12.57 -20.68 -24.41
C ASN A 306 -11.99 -19.30 -24.69
N TYR A 307 -11.89 -18.94 -25.98
CA TYR A 307 -11.41 -17.65 -26.40
C TYR A 307 -12.62 -16.79 -26.75
N CYS A 308 -12.97 -15.84 -25.86
CA CYS A 308 -14.22 -15.12 -26.03
C CYS A 308 -14.02 -13.78 -26.71
N GLU A 309 -15.16 -13.24 -27.19
CA GLU A 309 -15.27 -11.96 -27.89
C GLU A 309 -14.01 -11.62 -28.66
N GLN A 310 -13.71 -12.47 -29.62
CA GLN A 310 -12.50 -12.35 -30.42
C GLN A 310 -12.75 -11.32 -31.53
N PHE A 311 -12.85 -10.04 -31.15
CA PHE A 311 -13.17 -8.99 -32.13
C PHE A 311 -12.41 -7.70 -31.82
N TRP A 312 -11.66 -7.67 -30.71
CA TRP A 312 -11.05 -6.43 -30.24
C TRP A 312 -9.69 -6.75 -29.61
N GLY A 313 -8.86 -5.71 -29.40
CA GLY A 313 -7.71 -5.77 -28.54
C GLY A 313 -6.52 -6.57 -29.13
N TYR A 314 -6.43 -6.59 -30.47
CA TYR A 314 -5.33 -7.22 -31.20
C TYR A 314 -4.27 -6.16 -31.46
N ASP A 315 -3.01 -6.61 -31.62
CA ASP A 315 -1.95 -5.72 -32.08
C ASP A 315 -1.65 -4.68 -31.02
N ASP A 316 -1.96 -4.98 -29.76
CA ASP A 316 -1.50 -4.19 -28.64
C ASP A 316 -0.05 -4.57 -28.33
N GLN A 317 0.65 -3.71 -27.63
CA GLN A 317 1.97 -4.03 -27.16
C GLN A 317 1.94 -5.35 -26.37
N PHE A 318 0.84 -5.60 -25.64
CA PHE A 318 0.75 -6.75 -24.74
C PHE A 318 -0.27 -7.77 -25.25
N SER A 319 -0.51 -7.82 -26.57
CA SER A 319 -1.32 -8.88 -27.19
C SER A 319 -0.79 -9.23 -28.58
N VAL A 320 -1.44 -10.20 -29.24
CA VAL A 320 -1.03 -10.69 -30.54
C VAL A 320 -1.91 -10.08 -31.63
N SER A 321 -1.50 -10.22 -32.90
CA SER A 321 -2.36 -9.98 -34.06
C SER A 321 -3.39 -11.10 -34.10
N TRP A 322 -4.51 -10.79 -34.75
CA TRP A 322 -5.54 -11.80 -34.99
C TRP A 322 -5.00 -12.95 -35.82
N LEU A 323 -4.16 -12.68 -36.84
CA LEU A 323 -3.58 -13.74 -37.64
C LEU A 323 -2.80 -14.69 -36.73
N GLN A 324 -2.10 -14.13 -35.73
CA GLN A 324 -1.30 -14.98 -34.86
C GLN A 324 -2.24 -15.84 -34.03
N ARG A 325 -3.39 -15.26 -33.66
CA ARG A 325 -4.33 -15.96 -32.80
C ARG A 325 -4.92 -17.15 -33.55
N VAL A 326 -5.13 -16.98 -34.86
CA VAL A 326 -5.68 -18.06 -35.68
C VAL A 326 -4.66 -19.17 -35.82
N ALA A 327 -3.39 -18.81 -36.04
CA ALA A 327 -2.33 -19.78 -36.11
C ALA A 327 -2.20 -20.50 -34.77
N HIS A 328 -2.39 -19.80 -33.64
CA HIS A 328 -2.49 -20.47 -32.34
C HIS A 328 -3.62 -21.49 -32.32
N TRP A 329 -4.81 -21.11 -32.82
CA TRP A 329 -5.97 -21.98 -32.78
C TRP A 329 -5.73 -23.21 -33.65
N ASN A 330 -5.04 -23.01 -34.78
CA ASN A 330 -4.66 -24.10 -35.67
C ASN A 330 -3.90 -25.19 -34.90
N GLN A 331 -2.95 -24.83 -34.05
CA GLN A 331 -2.22 -25.86 -33.32
C GLN A 331 -3.07 -26.37 -32.16
N LEU A 332 -3.78 -25.44 -31.49
CA LEU A 332 -4.48 -25.81 -30.27
C LEU A 332 -5.60 -26.78 -30.59
N LEU A 333 -6.13 -26.71 -31.80
CA LEU A 333 -7.23 -27.57 -32.18
C LEU A 333 -6.71 -28.98 -32.34
N LYS A 334 -5.49 -29.10 -32.81
CA LYS A 334 -4.83 -30.39 -32.88
C LYS A 334 -4.64 -30.94 -31.47
N LEU A 335 -4.13 -30.11 -30.56
CA LEU A 335 -3.91 -30.59 -29.20
C LEU A 335 -5.25 -31.04 -28.61
N THR A 336 -6.27 -30.18 -28.79
CA THR A 336 -7.62 -30.42 -28.32
C THR A 336 -8.16 -31.74 -28.88
N HIS A 337 -7.93 -32.02 -30.15
CA HIS A 337 -8.46 -33.21 -30.79
C HIS A 337 -7.84 -34.45 -30.18
N LYS A 338 -6.50 -34.45 -30.00
CA LYS A 338 -5.83 -35.56 -29.34
C LYS A 338 -6.53 -35.94 -28.03
N TYR A 339 -6.82 -34.94 -27.18
CA TYR A 339 -7.34 -35.16 -25.84
C TYR A 339 -8.87 -35.23 -25.84
N GLY A 340 -9.54 -35.07 -27.00
CA GLY A 340 -10.99 -35.18 -27.04
C GLY A 340 -11.73 -34.01 -26.40
N GLY A 341 -11.14 -32.80 -26.50
CA GLY A 341 -11.69 -31.59 -25.90
C GLY A 341 -12.47 -30.75 -26.92
N TYR A 342 -12.75 -29.52 -26.51
CA TYR A 342 -13.35 -28.50 -27.35
C TYR A 342 -12.49 -27.25 -27.28
N LEU A 343 -12.30 -26.60 -28.42
CA LEU A 343 -11.92 -25.19 -28.49
C LEU A 343 -13.16 -24.36 -28.83
N VAL A 344 -13.48 -23.42 -27.95
CA VAL A 344 -14.65 -22.57 -28.09
C VAL A 344 -14.19 -21.19 -28.52
N VAL A 345 -14.82 -20.65 -29.57
CA VAL A 345 -14.65 -19.24 -29.88
C VAL A 345 -16.02 -18.57 -29.88
N SER A 346 -16.09 -17.32 -29.40
CA SER A 346 -17.32 -16.54 -29.55
C SER A 346 -17.02 -15.25 -30.30
N PHE A 347 -18.03 -14.77 -31.07
CA PHE A 347 -17.82 -13.59 -31.86
C PHE A 347 -19.03 -12.67 -31.76
N CYS A 348 -18.73 -11.38 -31.57
CA CYS A 348 -19.67 -10.30 -31.74
C CYS A 348 -18.96 -9.28 -32.63
N GLY A 349 -19.72 -8.47 -33.37
CA GLY A 349 -19.14 -7.76 -34.49
C GLY A 349 -19.37 -6.26 -34.40
N ASN A 350 -18.52 -5.56 -35.18
CA ASN A 350 -18.71 -4.17 -35.59
C ASN A 350 -18.17 -4.03 -37.01
N THR A 351 -18.23 -2.82 -37.56
CA THR A 351 -17.86 -2.62 -38.96
C THR A 351 -16.33 -2.85 -39.14
N TRP A 352 -15.54 -2.61 -38.11
CA TRP A 352 -14.09 -2.64 -38.23
C TRP A 352 -13.52 -4.08 -38.15
N SER A 353 -14.33 -5.00 -37.64
CA SER A 353 -13.93 -6.38 -37.34
C SER A 353 -14.54 -7.37 -38.35
N ALA A 354 -14.98 -6.88 -39.52
CA ALA A 354 -15.44 -7.78 -40.57
C ALA A 354 -14.33 -8.76 -40.97
N ASN A 355 -13.10 -8.28 -41.10
CA ASN A 355 -11.96 -9.06 -41.60
C ASN A 355 -11.41 -10.07 -40.58
N ILE A 356 -12.06 -10.21 -39.42
CA ILE A 356 -11.69 -11.19 -38.42
C ILE A 356 -12.91 -11.97 -37.92
N ASN A 357 -14.04 -11.89 -38.64
CA ASN A 357 -15.26 -12.60 -38.28
C ASN A 357 -15.15 -14.06 -38.70
N PRO A 358 -16.11 -14.93 -38.33
CA PRO A 358 -16.02 -16.35 -38.66
C PRO A 358 -15.94 -16.71 -40.15
N ILE A 359 -16.30 -15.80 -41.06
CA ILE A 359 -16.08 -16.03 -42.47
C ILE A 359 -14.58 -15.90 -42.75
N ALA A 360 -14.01 -14.77 -42.29
CA ALA A 360 -12.62 -14.44 -42.55
C ALA A 360 -11.75 -15.52 -41.92
N LEU A 361 -12.19 -15.98 -40.76
CA LEU A 361 -11.52 -17.01 -40.00
C LEU A 361 -10.99 -18.12 -40.92
N VAL A 362 -11.86 -18.66 -41.79
CA VAL A 362 -11.51 -19.76 -42.66
C VAL A 362 -11.14 -19.27 -44.07
N LYS A 363 -11.68 -18.11 -44.49
CA LYS A 363 -11.50 -17.65 -45.86
C LYS A 363 -10.12 -17.00 -46.05
N ARG A 364 -9.55 -16.47 -44.97
CA ARG A 364 -8.23 -15.86 -45.01
C ARG A 364 -7.15 -16.82 -44.48
N ASN A 365 -7.54 -17.92 -43.83
CA ASN A 365 -6.58 -18.81 -43.19
C ASN A 365 -6.84 -20.24 -43.68
N SER A 366 -6.37 -20.57 -44.89
CA SER A 366 -6.53 -21.91 -45.48
C SER A 366 -5.96 -23.02 -44.60
N ASP A 367 -4.88 -22.78 -43.87
CA ASP A 367 -4.30 -23.84 -43.07
C ASP A 367 -5.26 -24.14 -41.91
N PHE A 368 -5.71 -23.09 -41.23
CA PHE A 368 -6.70 -23.26 -40.18
C PHE A 368 -7.97 -23.92 -40.72
N ALA A 369 -8.48 -23.43 -41.87
CA ALA A 369 -9.66 -24.02 -42.48
C ALA A 369 -9.52 -25.55 -42.59
N GLN A 370 -8.34 -26.03 -43.01
CA GLN A 370 -8.14 -27.46 -43.20
C GLN A 370 -8.29 -28.19 -41.88
N THR A 371 -7.57 -27.68 -40.87
CA THR A 371 -7.59 -28.26 -39.54
C THR A 371 -9.01 -28.23 -38.99
N ALA A 372 -9.71 -27.11 -39.12
CA ALA A 372 -11.06 -26.96 -38.59
C ALA A 372 -11.99 -28.05 -39.16
N LYS A 373 -11.93 -28.21 -40.48
CA LYS A 373 -12.73 -29.18 -41.22
C LYS A 373 -12.46 -30.61 -40.73
N LEU A 374 -11.17 -30.96 -40.58
CA LEU A 374 -10.74 -32.26 -40.13
C LEU A 374 -11.24 -32.48 -38.71
N TYR A 375 -11.08 -31.50 -37.81
CA TYR A 375 -11.36 -31.70 -36.41
C TYR A 375 -12.55 -30.89 -35.91
N SER A 376 -13.62 -30.81 -36.74
CA SER A 376 -14.76 -29.95 -36.48
C SER A 376 -15.46 -30.32 -35.17
N GLU A 377 -15.45 -31.61 -34.83
CA GLU A 377 -16.07 -32.12 -33.61
C GLU A 377 -15.49 -31.44 -32.37
N ASN A 378 -14.28 -30.88 -32.50
CA ASN A 378 -13.57 -30.31 -31.36
C ASN A 378 -13.63 -28.79 -31.33
N PHE A 379 -14.46 -28.20 -32.22
CA PHE A 379 -14.46 -26.76 -32.43
C PHE A 379 -15.88 -26.25 -32.34
N ILE A 380 -16.10 -25.22 -31.52
CA ILE A 380 -17.42 -24.72 -31.18
C ILE A 380 -17.40 -23.22 -31.44
N MET A 381 -18.38 -22.73 -32.21
CA MET A 381 -18.48 -21.32 -32.58
C MET A 381 -19.77 -20.77 -31.99
N CYS A 382 -19.64 -19.62 -31.33
CA CYS A 382 -20.73 -19.04 -30.58
C CYS A 382 -20.93 -17.58 -30.98
N GLU A 383 -22.20 -17.21 -31.21
CA GLU A 383 -22.56 -15.82 -31.40
C GLU A 383 -22.58 -15.19 -30.02
N LYS A 384 -22.08 -13.95 -29.92
CA LYS A 384 -22.03 -13.24 -28.66
C LYS A 384 -22.77 -11.92 -28.85
N TYR A 385 -23.52 -11.51 -27.80
CA TYR A 385 -24.44 -10.39 -27.87
C TYR A 385 -23.87 -9.17 -27.13
N THR A 386 -22.56 -8.97 -27.23
CA THR A 386 -21.90 -7.94 -26.43
C THR A 386 -21.94 -6.59 -27.13
N THR A 387 -21.77 -6.55 -28.47
CA THR A 387 -21.71 -5.32 -29.23
C THR A 387 -23.11 -4.70 -29.38
N GLN A 388 -23.15 -3.50 -29.97
CA GLN A 388 -24.37 -2.71 -30.14
C GLN A 388 -25.13 -2.99 -31.44
N SER A 389 -24.53 -3.66 -32.43
CA SER A 389 -25.22 -3.85 -33.70
C SER A 389 -24.74 -5.09 -34.48
N GLY A 390 -25.51 -5.44 -35.53
CA GLY A 390 -25.14 -6.50 -36.45
C GLY A 390 -25.55 -7.90 -35.99
N PHE A 391 -26.58 -7.97 -35.16
CA PHE A 391 -26.93 -9.20 -34.49
C PHE A 391 -27.32 -10.25 -35.52
N PHE A 392 -28.11 -9.87 -36.51
CA PHE A 392 -28.59 -10.86 -37.47
C PHE A 392 -27.44 -11.27 -38.40
N ASN A 393 -26.53 -10.34 -38.72
CA ASN A 393 -25.39 -10.60 -39.60
C ASN A 393 -24.52 -11.66 -38.92
N VAL A 394 -24.30 -11.50 -37.62
CA VAL A 394 -23.35 -12.31 -36.88
C VAL A 394 -23.99 -13.67 -36.52
N GLU A 395 -25.28 -13.68 -36.17
CA GLU A 395 -26.06 -14.92 -36.01
C GLU A 395 -25.92 -15.78 -37.27
N GLY A 396 -26.27 -15.22 -38.43
CA GLY A 396 -26.25 -15.96 -39.69
C GLY A 396 -24.87 -16.58 -39.95
N ILE A 397 -23.80 -15.84 -39.65
CA ILE A 397 -22.46 -16.30 -39.95
C ILE A 397 -22.07 -17.38 -38.94
N CYS A 398 -22.38 -17.22 -37.65
CA CYS A 398 -21.97 -18.21 -36.66
C CYS A 398 -22.70 -19.53 -36.93
N LEU A 399 -23.99 -19.42 -37.27
CA LEU A 399 -24.77 -20.57 -37.70
C LEU A 399 -24.13 -21.22 -38.92
N GLY A 400 -23.74 -20.37 -39.88
CA GLY A 400 -23.16 -20.85 -41.13
C GLY A 400 -21.88 -21.65 -40.89
N THR A 401 -21.10 -21.23 -39.91
CA THR A 401 -19.86 -21.91 -39.56
C THR A 401 -20.17 -23.37 -39.22
N TRP A 402 -21.25 -23.57 -38.47
CA TRP A 402 -21.62 -24.90 -38.01
C TRP A 402 -22.23 -25.70 -39.16
N LEU A 403 -23.31 -25.19 -39.77
CA LEU A 403 -23.99 -25.89 -40.84
C LEU A 403 -23.04 -26.23 -41.99
N SER A 404 -22.04 -25.40 -42.25
CA SER A 404 -21.12 -25.64 -43.37
C SER A 404 -20.05 -26.69 -43.06
N GLY A 405 -19.88 -27.06 -41.78
CA GLY A 405 -18.95 -28.13 -41.41
C GLY A 405 -17.61 -27.65 -40.85
N PHE A 406 -17.44 -26.34 -40.61
CA PHE A 406 -16.19 -25.83 -40.03
C PHE A 406 -16.22 -25.92 -38.50
N ALA A 407 -17.41 -25.91 -37.92
CA ALA A 407 -17.56 -26.08 -36.48
C ALA A 407 -18.53 -27.22 -36.21
N GLY A 408 -18.28 -27.96 -35.13
CA GLY A 408 -19.08 -29.15 -34.83
C GLY A 408 -20.28 -28.87 -33.93
N GLN A 409 -20.27 -27.73 -33.22
CA GLN A 409 -21.40 -27.31 -32.42
C GLN A 409 -21.56 -25.79 -32.55
N TYR A 410 -22.80 -25.34 -32.33
CA TYR A 410 -23.17 -23.93 -32.41
C TYR A 410 -23.83 -23.54 -31.09
N GLY A 411 -23.47 -22.36 -30.59
CA GLY A 411 -23.97 -21.91 -29.30
C GLY A 411 -24.29 -20.41 -29.27
N ILE A 412 -24.88 -20.00 -28.13
CA ILE A 412 -25.14 -18.60 -27.83
C ILE A 412 -24.53 -18.19 -26.49
N ARG A 413 -23.85 -17.03 -26.52
CA ARG A 413 -23.33 -16.34 -25.34
C ARG A 413 -24.06 -15.01 -25.30
N PHE A 414 -25.22 -15.00 -24.62
CA PHE A 414 -26.03 -13.81 -24.50
C PHE A 414 -25.38 -12.88 -23.47
N ASP A 415 -25.63 -11.59 -23.63
CA ASP A 415 -25.02 -10.56 -22.82
C ASP A 415 -26.00 -9.39 -22.73
N GLN A 416 -26.28 -8.91 -21.52
CA GLN A 416 -27.04 -7.67 -21.31
C GLN A 416 -26.50 -6.51 -22.15
N CYS A 417 -25.18 -6.49 -22.38
CA CYS A 417 -24.51 -5.31 -22.91
C CYS A 417 -25.00 -4.92 -24.31
N GLY A 418 -25.63 -5.87 -25.02
CA GLY A 418 -26.08 -5.66 -26.38
C GLY A 418 -27.35 -4.81 -26.47
N TRP A 419 -27.92 -4.45 -25.29
CA TRP A 419 -29.02 -3.50 -25.22
C TRP A 419 -28.53 -2.13 -25.68
N THR A 420 -29.27 -1.51 -26.61
CA THR A 420 -28.82 -0.29 -27.25
C THR A 420 -28.62 0.83 -26.22
N GLU A 421 -27.47 1.50 -26.29
CA GLU A 421 -27.07 2.54 -25.35
C GLU A 421 -27.99 3.77 -25.48
N GLU A 422 -28.18 4.46 -24.36
CA GLU A 422 -29.02 5.66 -24.28
C GLU A 422 -30.49 5.26 -24.22
N LYS A 423 -31.02 4.81 -25.37
CA LYS A 423 -32.44 4.77 -25.71
C LYS A 423 -33.04 3.38 -25.53
N GLY A 424 -32.23 2.33 -25.56
CA GLY A 424 -32.74 0.98 -25.47
C GLY A 424 -33.58 0.60 -26.69
N GLN A 425 -34.58 -0.26 -26.45
CA GLN A 425 -35.58 -0.63 -27.45
C GLN A 425 -36.96 -0.53 -26.81
N ASN A 426 -37.95 -0.26 -27.64
CA ASN A 426 -39.34 -0.18 -27.21
C ASN A 426 -39.58 0.90 -26.14
N GLY A 427 -38.67 1.90 -26.03
CA GLY A 427 -38.79 2.93 -25.00
C GLY A 427 -38.20 2.48 -23.65
N ASP A 428 -37.65 1.25 -23.56
CA ASP A 428 -37.04 0.78 -22.32
C ASP A 428 -35.55 1.03 -22.36
N LYS A 429 -35.08 2.04 -21.58
CA LYS A 429 -33.69 2.43 -21.58
C LYS A 429 -32.83 1.34 -20.95
N ASP A 430 -33.28 0.82 -19.82
CA ASP A 430 -32.55 -0.16 -19.06
C ASP A 430 -32.87 -1.53 -19.66
N PHE A 431 -31.85 -2.40 -19.69
CA PHE A 431 -31.98 -3.77 -20.16
C PHE A 431 -32.94 -4.53 -19.24
N PRO A 432 -34.09 -5.05 -19.71
CA PRO A 432 -34.95 -5.90 -18.90
C PRO A 432 -34.60 -7.38 -19.10
N PRO A 433 -34.20 -8.09 -18.02
CA PRO A 433 -33.76 -9.49 -18.12
C PRO A 433 -34.67 -10.38 -18.97
N ALA A 434 -35.98 -10.12 -18.94
CA ALA A 434 -36.94 -10.88 -19.72
C ALA A 434 -36.61 -10.84 -21.22
N ALA A 435 -36.05 -9.71 -21.70
CA ALA A 435 -35.65 -9.58 -23.09
C ALA A 435 -34.69 -10.70 -23.49
N GLY A 436 -33.89 -11.16 -22.53
CA GLY A 436 -32.79 -12.06 -22.86
C GLY A 436 -33.27 -13.48 -23.20
N ALA A 437 -34.48 -13.84 -22.76
CA ALA A 437 -34.95 -15.21 -22.93
C ALA A 437 -35.29 -15.44 -24.41
N LEU A 438 -35.59 -14.36 -25.14
CA LEU A 438 -36.14 -14.49 -26.47
C LEU A 438 -35.12 -15.02 -27.49
N PRO A 439 -33.95 -14.39 -27.71
CA PRO A 439 -32.98 -14.96 -28.64
C PRO A 439 -32.50 -16.35 -28.24
N ILE A 440 -32.39 -16.60 -26.93
CA ILE A 440 -31.88 -17.90 -26.50
C ILE A 440 -32.85 -18.98 -26.90
N ILE A 441 -34.12 -18.85 -26.50
CA ILE A 441 -35.09 -19.90 -26.81
C ILE A 441 -35.20 -20.02 -28.33
N GLU A 442 -35.25 -18.90 -29.02
CA GLU A 442 -35.48 -18.90 -30.46
C GLU A 442 -34.33 -19.62 -31.17
N HIS A 443 -33.10 -19.27 -30.82
CA HIS A 443 -31.97 -19.77 -31.59
C HIS A 443 -31.69 -21.22 -31.20
N VAL A 444 -31.96 -21.58 -29.94
CA VAL A 444 -31.79 -22.97 -29.53
C VAL A 444 -32.79 -23.82 -30.31
N MET A 445 -34.06 -23.40 -30.30
CA MET A 445 -35.12 -24.29 -30.71
C MET A 445 -35.16 -24.35 -32.23
N LEU A 446 -34.84 -23.24 -32.87
CA LEU A 446 -35.11 -23.13 -34.29
C LEU A 446 -33.81 -23.21 -35.08
N THR A 447 -32.63 -23.05 -34.44
CA THR A 447 -31.37 -23.09 -35.17
C THR A 447 -30.39 -24.08 -34.56
N GLY A 448 -30.82 -24.86 -33.58
CA GLY A 448 -30.07 -26.06 -33.25
C GLY A 448 -28.85 -25.80 -32.37
N GLN A 449 -28.87 -24.70 -31.61
CA GLN A 449 -27.81 -24.44 -30.65
C GLN A 449 -27.82 -25.50 -29.55
N THR A 450 -26.65 -26.10 -29.29
CA THR A 450 -26.50 -27.06 -28.20
C THR A 450 -25.71 -26.49 -27.03
N VAL A 451 -25.24 -25.25 -27.16
CA VAL A 451 -24.43 -24.61 -26.13
C VAL A 451 -25.03 -23.26 -25.77
N ILE A 452 -25.26 -23.08 -24.48
CA ILE A 452 -25.67 -21.79 -23.92
C ILE A 452 -24.58 -21.36 -22.96
N ASP A 453 -24.07 -20.13 -23.14
CA ASP A 453 -22.92 -19.66 -22.39
C ASP A 453 -23.29 -18.38 -21.62
N GLY A 454 -23.15 -18.42 -20.29
CA GLY A 454 -23.42 -17.26 -19.44
C GLY A 454 -24.75 -17.36 -18.70
N PRO A 455 -25.70 -16.39 -18.84
CA PRO A 455 -25.56 -15.19 -19.67
C PRO A 455 -24.75 -14.08 -18.99
N GLU A 456 -24.22 -13.13 -19.76
CA GLU A 456 -23.39 -12.07 -19.20
C GLU A 456 -24.25 -10.83 -18.90
N LEU A 457 -23.77 -9.89 -18.07
CA LEU A 457 -22.57 -10.02 -17.25
C LEU A 457 -22.80 -11.02 -16.13
N ILE A 458 -21.80 -11.86 -15.89
CA ILE A 458 -21.93 -12.93 -14.93
C ILE A 458 -22.28 -12.35 -13.56
N TRP A 459 -21.64 -11.22 -13.23
CA TRP A 459 -21.73 -10.64 -11.89
C TRP A 459 -22.92 -9.71 -11.74
N GLN A 460 -23.76 -9.61 -12.77
CA GLN A 460 -25.02 -8.88 -12.65
C GLN A 460 -26.23 -9.76 -12.96
N GLN A 461 -26.07 -10.79 -13.80
CA GLN A 461 -27.19 -11.60 -14.23
C GLN A 461 -27.19 -13.01 -13.64
N CYS A 462 -26.04 -13.47 -13.10
CA CYS A 462 -25.88 -14.84 -12.63
C CYS A 462 -25.61 -14.89 -11.12
N PHE A 463 -24.46 -14.38 -10.67
CA PHE A 463 -24.08 -14.57 -9.27
C PHE A 463 -23.50 -13.29 -8.67
N LYS A 464 -23.64 -13.18 -7.34
CA LYS A 464 -23.06 -12.10 -6.56
C LYS A 464 -22.60 -12.61 -5.20
N GLU A 465 -21.48 -12.09 -4.73
CA GLU A 465 -21.01 -12.28 -3.37
C GLU A 465 -21.80 -11.35 -2.45
N THR A 466 -22.32 -11.86 -1.33
CA THR A 466 -22.92 -11.03 -0.29
C THR A 466 -21.89 -10.76 0.80
N ASN A 467 -22.31 -10.14 1.91
CA ASN A 467 -21.44 -10.13 3.09
C ASN A 467 -21.36 -11.57 3.60
N ALA A 468 -20.37 -11.82 4.47
CA ALA A 468 -20.19 -13.09 5.14
C ALA A 468 -21.41 -13.44 5.99
N VAL A 469 -21.61 -14.75 6.21
CA VAL A 469 -22.70 -15.28 7.02
C VAL A 469 -22.11 -16.22 8.07
N SER A 470 -22.85 -16.42 9.16
CA SER A 470 -22.44 -17.35 10.21
C SER A 470 -22.62 -18.78 9.71
N VAL A 471 -21.71 -19.68 10.11
CA VAL A 471 -21.75 -21.04 9.63
C VAL A 471 -21.55 -21.99 10.80
N GLY A 472 -21.79 -21.51 12.03
CA GLY A 472 -21.72 -22.36 13.20
C GLY A 472 -20.34 -22.30 13.85
N ASP A 473 -20.35 -22.54 15.17
CA ASP A 473 -19.19 -22.74 16.02
C ASP A 473 -18.33 -21.48 16.01
N GLY A 474 -18.98 -20.31 15.82
CA GLY A 474 -18.33 -19.00 15.91
C GLY A 474 -17.62 -18.57 14.63
N TYR A 475 -17.75 -19.38 13.57
CA TYR A 475 -17.04 -19.09 12.33
C TYR A 475 -17.98 -18.33 11.41
N GLN A 476 -17.39 -17.48 10.56
CA GLN A 476 -18.14 -16.93 9.44
C GLN A 476 -17.55 -17.45 8.12
N SER A 477 -18.23 -17.17 7.01
CA SER A 477 -17.72 -17.58 5.72
C SER A 477 -18.29 -16.69 4.63
N ARG A 478 -17.51 -16.56 3.55
CA ARG A 478 -17.91 -15.84 2.36
C ARG A 478 -19.14 -16.55 1.78
N ASN A 479 -20.01 -15.75 1.16
CA ASN A 479 -21.26 -16.27 0.68
C ASN A 479 -21.54 -15.74 -0.73
N TRP A 480 -22.04 -16.61 -1.63
CA TRP A 480 -22.53 -16.18 -2.93
C TRP A 480 -23.98 -16.62 -3.10
N GLU A 481 -24.74 -15.83 -3.85
CA GLU A 481 -26.13 -16.14 -4.16
C GLU A 481 -26.35 -16.00 -5.65
N CYS A 482 -27.42 -16.62 -6.16
CA CYS A 482 -27.88 -16.42 -7.53
C CYS A 482 -28.72 -15.14 -7.56
N PHE A 483 -28.57 -14.35 -8.63
CA PHE A 483 -29.54 -13.31 -8.97
C PHE A 483 -30.88 -13.96 -9.26
N PRO A 484 -32.02 -13.34 -8.88
CA PRO A 484 -33.31 -13.98 -9.11
C PRO A 484 -33.59 -14.28 -10.59
N GLN A 485 -33.05 -13.45 -11.50
CA GLN A 485 -33.28 -13.67 -12.92
C GLN A 485 -32.61 -14.98 -13.38
N PHE A 486 -31.45 -15.35 -12.79
CA PHE A 486 -30.76 -16.59 -13.14
C PHE A 486 -31.66 -17.80 -12.92
N VAL A 487 -32.33 -17.83 -11.76
CA VAL A 487 -33.23 -18.91 -11.38
C VAL A 487 -34.48 -18.92 -12.27
N ASN A 488 -35.05 -17.72 -12.46
CA ASN A 488 -36.39 -17.60 -13.01
C ASN A 488 -36.37 -17.57 -14.53
N ILE A 489 -35.18 -17.33 -15.13
CA ILE A 489 -35.07 -17.34 -16.57
C ILE A 489 -34.18 -18.50 -17.01
N ASN A 490 -32.90 -18.48 -16.60
CA ASN A 490 -31.87 -19.33 -17.18
C ASN A 490 -31.98 -20.77 -16.67
N ILE A 491 -32.02 -20.96 -15.35
CA ILE A 491 -32.12 -22.32 -14.84
C ILE A 491 -33.42 -22.94 -15.33
N ASP A 492 -34.51 -22.16 -15.30
CA ASP A 492 -35.80 -22.74 -15.68
C ASP A 492 -35.83 -23.07 -17.17
N MET A 493 -35.24 -22.22 -17.99
N MET A 493 -35.24 -22.22 -17.99
CA MET A 493 -35.18 -22.47 -19.42
CA MET A 493 -35.18 -22.47 -19.42
C MET A 493 -34.46 -23.79 -19.67
C MET A 493 -34.47 -23.79 -19.66
N PHE A 494 -33.34 -24.02 -18.98
CA PHE A 494 -32.57 -25.23 -19.24
C PHE A 494 -33.38 -26.45 -18.85
N ARG A 495 -34.19 -26.34 -17.77
CA ARG A 495 -35.03 -27.46 -17.35
C ARG A 495 -36.04 -27.79 -18.43
N LYS A 496 -36.44 -26.79 -19.23
CA LYS A 496 -37.39 -26.98 -20.32
C LYS A 496 -36.71 -27.64 -21.54
N ILE A 497 -35.38 -27.62 -21.58
CA ILE A 497 -34.65 -28.40 -22.56
C ILE A 497 -34.64 -29.86 -22.10
N ILE A 498 -34.28 -30.05 -20.82
CA ILE A 498 -34.10 -31.35 -20.22
C ILE A 498 -35.42 -32.14 -20.22
N ASP A 499 -36.56 -31.45 -20.00
CA ASP A 499 -37.86 -32.10 -19.85
C ASP A 499 -38.49 -32.32 -21.21
N LYS A 500 -37.80 -31.92 -22.27
CA LYS A 500 -38.13 -32.27 -23.65
C LYS A 500 -39.20 -31.35 -24.23
N THR A 501 -39.55 -30.26 -23.55
CA THR A 501 -40.43 -29.27 -24.14
C THR A 501 -39.71 -28.62 -25.32
N ILE A 502 -38.47 -28.16 -25.07
CA ILE A 502 -37.67 -27.51 -26.09
C ILE A 502 -36.72 -28.52 -26.71
N ARG A 503 -37.17 -29.10 -27.83
CA ARG A 503 -36.38 -30.01 -28.63
C ARG A 503 -35.39 -29.21 -29.48
N ILE A 504 -34.12 -29.57 -29.37
CA ILE A 504 -33.09 -28.95 -30.18
C ILE A 504 -33.00 -29.74 -31.50
N PRO A 505 -33.10 -29.11 -32.68
CA PRO A 505 -32.83 -29.80 -33.93
C PRO A 505 -31.34 -30.10 -34.17
N SER A 506 -31.09 -31.19 -34.86
CA SER A 506 -29.77 -31.57 -35.30
C SER A 506 -29.36 -30.67 -36.45
N ARG A 507 -28.06 -30.65 -36.71
CA ARG A 507 -27.53 -29.97 -37.89
C ARG A 507 -28.37 -30.29 -39.13
N LYS A 508 -28.58 -31.60 -39.38
CA LYS A 508 -29.27 -32.02 -40.60
C LYS A 508 -30.73 -31.53 -40.61
N GLU A 509 -31.39 -31.55 -39.44
CA GLU A 509 -32.76 -31.06 -39.35
C GLU A 509 -32.79 -29.55 -39.58
N VAL A 510 -31.80 -28.81 -39.05
CA VAL A 510 -31.71 -27.37 -39.31
C VAL A 510 -31.51 -27.13 -40.82
N ILE A 511 -30.59 -27.86 -41.47
CA ILE A 511 -30.33 -27.64 -42.88
C ILE A 511 -31.61 -27.82 -43.70
N ASP A 512 -32.40 -28.84 -43.37
CA ASP A 512 -33.61 -29.17 -44.11
C ASP A 512 -34.72 -28.10 -43.90
N ARG A 513 -34.79 -27.53 -42.69
CA ARG A 513 -35.72 -26.46 -42.43
C ARG A 513 -35.28 -25.15 -43.11
N THR A 514 -33.98 -24.88 -43.02
CA THR A 514 -33.40 -23.62 -43.46
C THR A 514 -33.48 -23.45 -44.98
N LYS A 515 -33.21 -24.52 -45.74
CA LYS A 515 -33.28 -24.57 -47.20
C LYS A 515 -32.20 -23.77 -47.94
N VAL A 516 -31.86 -22.56 -47.48
CA VAL A 516 -31.07 -21.59 -48.21
C VAL A 516 -29.83 -21.22 -47.41
N VAL A 517 -28.72 -20.99 -48.13
CA VAL A 517 -27.44 -20.59 -47.54
C VAL A 517 -26.79 -19.62 -48.52
N ILE A 518 -26.18 -18.54 -48.01
CA ILE A 518 -25.35 -17.64 -48.79
C ILE A 518 -23.91 -18.10 -48.67
N LEU A 519 -23.20 -18.24 -49.80
CA LEU A 519 -21.78 -18.54 -49.79
C LEU A 519 -20.98 -17.28 -50.08
N GLN A 520 -20.03 -16.97 -49.21
CA GLN A 520 -19.37 -15.69 -49.27
C GLN A 520 -18.17 -15.84 -50.21
N ASP A 521 -18.42 -15.62 -51.50
CA ASP A 521 -17.43 -15.87 -52.54
C ASP A 521 -16.86 -14.54 -53.08
N VAL A 522 -16.91 -13.45 -52.29
CA VAL A 522 -16.53 -12.15 -52.82
C VAL A 522 -15.09 -11.84 -52.43
N TYR A 523 -14.25 -11.51 -53.42
CA TYR A 523 -12.84 -11.18 -53.17
C TYR A 523 -12.50 -9.73 -53.59
N SER A 524 -13.50 -8.95 -54.02
CA SER A 524 -13.29 -7.55 -54.34
C SER A 524 -13.97 -6.64 -53.33
N GLY A 525 -13.43 -5.45 -53.15
CA GLY A 525 -14.11 -4.41 -52.39
C GLY A 525 -13.54 -4.30 -50.98
N ASP A 526 -14.33 -3.73 -50.08
CA ASP A 526 -13.89 -3.52 -48.70
C ASP A 526 -14.12 -4.80 -47.91
N ASP A 527 -13.73 -4.74 -46.63
CA ASP A 527 -13.81 -5.89 -45.73
C ASP A 527 -15.24 -6.39 -45.51
N ASN A 528 -16.23 -5.49 -45.51
CA ASN A 528 -17.62 -5.90 -45.33
C ASN A 528 -18.08 -6.64 -46.59
N ALA A 529 -17.63 -6.15 -47.73
CA ALA A 529 -18.00 -6.73 -49.01
C ALA A 529 -17.53 -8.18 -49.07
N LYS A 530 -16.36 -8.41 -48.46
CA LYS A 530 -15.67 -9.68 -48.60
C LYS A 530 -15.98 -10.61 -47.45
N TYR A 531 -16.41 -10.13 -46.28
CA TYR A 531 -16.56 -11.02 -45.14
C TYR A 531 -17.93 -10.90 -44.45
N SER A 532 -18.67 -9.81 -44.64
CA SER A 532 -19.95 -9.65 -43.95
C SER A 532 -21.06 -10.13 -44.87
N SER A 533 -22.27 -10.32 -44.29
CA SER A 533 -23.42 -10.70 -45.09
C SER A 533 -23.82 -9.53 -45.99
N PRO A 534 -24.67 -9.78 -47.00
CA PRO A 534 -25.16 -8.65 -47.80
C PRO A 534 -25.91 -7.65 -46.92
N LYS A 535 -25.57 -6.36 -47.05
CA LYS A 535 -26.15 -5.26 -46.30
C LYS A 535 -27.64 -5.47 -45.98
N ASN A 536 -28.43 -5.69 -47.04
CA ASN A 536 -29.88 -5.60 -46.93
C ASN A 536 -30.49 -7.01 -46.83
N LEU A 537 -29.64 -8.00 -46.51
CA LEU A 537 -30.09 -9.37 -46.48
C LEU A 537 -31.36 -9.54 -45.64
N HIS A 538 -31.43 -8.91 -44.46
CA HIS A 538 -32.57 -9.12 -43.59
C HIS A 538 -33.76 -8.17 -43.89
N GLU A 539 -33.58 -7.18 -44.74
CA GLU A 539 -34.63 -6.19 -44.96
C GLU A 539 -35.85 -6.86 -45.60
N GLY A 540 -37.01 -6.70 -44.96
CA GLY A 540 -38.28 -7.09 -45.55
C GLY A 540 -38.55 -8.56 -45.23
N LEU A 541 -37.59 -9.20 -44.53
CA LEU A 541 -37.78 -10.55 -43.99
C LEU A 541 -38.00 -10.46 -42.48
N TYR A 542 -36.96 -10.54 -41.65
CA TYR A 542 -37.24 -10.51 -40.21
C TYR A 542 -36.65 -9.29 -39.52
N LEU A 543 -36.16 -8.33 -40.29
CA LEU A 543 -35.77 -7.05 -39.75
C LEU A 543 -37.01 -6.22 -39.45
N ARG A 544 -37.07 -5.68 -38.23
CA ARG A 544 -38.10 -4.79 -37.74
C ARG A 544 -38.13 -3.50 -38.54
N ASP A 545 -39.32 -2.89 -38.64
CA ASP A 545 -39.53 -1.66 -39.39
C ASP A 545 -38.75 -0.51 -38.77
N ASP A 546 -38.55 -0.50 -37.44
CA ASP A 546 -37.91 0.60 -36.72
C ASP A 546 -36.38 0.44 -36.66
N ASP A 547 -35.83 -0.60 -37.31
CA ASP A 547 -34.42 -0.95 -37.17
C ASP A 547 -33.77 -0.91 -38.57
N GLY A 548 -32.43 -0.86 -38.64
CA GLY A 548 -31.73 -0.73 -39.92
C GLY A 548 -30.85 -1.93 -40.26
N ASN A 549 -30.20 -1.84 -41.41
CA ASN A 549 -29.45 -2.93 -42.00
C ASN A 549 -28.06 -3.07 -41.40
N LEU A 550 -27.61 -4.34 -41.26
CA LEU A 550 -26.22 -4.67 -40.95
C LEU A 550 -25.75 -3.93 -39.68
N TRP A 551 -24.90 -2.91 -39.78
CA TRP A 551 -24.34 -2.26 -38.59
C TRP A 551 -25.28 -1.18 -38.04
N ASP A 552 -26.41 -0.97 -38.74
CA ASP A 552 -27.53 -0.20 -38.19
C ASP A 552 -28.63 -1.10 -37.65
N ASN A 553 -28.38 -2.41 -37.56
CA ASN A 553 -29.30 -3.35 -36.96
C ASN A 553 -29.03 -3.40 -35.47
N HIS A 554 -29.88 -2.73 -34.66
CA HIS A 554 -29.61 -2.55 -33.23
C HIS A 554 -30.52 -3.41 -32.34
N CYS A 555 -31.36 -4.24 -32.97
CA CYS A 555 -32.32 -5.01 -32.19
C CYS A 555 -32.35 -6.45 -32.68
N TYR A 556 -32.31 -7.37 -31.70
CA TYR A 556 -32.11 -8.78 -31.96
C TYR A 556 -33.45 -9.51 -31.91
N PHE A 557 -34.57 -8.76 -31.85
CA PHE A 557 -35.90 -9.35 -31.94
C PHE A 557 -36.33 -9.42 -33.40
N LYS A 558 -36.77 -10.59 -33.87
CA LYS A 558 -37.19 -10.75 -35.25
C LYS A 558 -38.65 -10.32 -35.41
N LYS A 559 -38.94 -9.69 -36.55
CA LYS A 559 -40.27 -9.22 -36.88
C LYS A 559 -41.24 -10.37 -37.13
N THR A 560 -40.78 -11.40 -37.84
CA THR A 560 -41.61 -12.59 -38.08
C THR A 560 -40.70 -13.81 -37.95
N GLY A 561 -41.32 -14.98 -37.76
CA GLY A 561 -40.60 -16.25 -37.84
C GLY A 561 -40.94 -17.05 -39.13
N ARG A 562 -41.66 -16.46 -40.07
CA ARG A 562 -41.94 -17.14 -41.35
C ARG A 562 -40.66 -17.70 -41.99
N TYR A 563 -39.57 -16.94 -41.89
CA TYR A 563 -38.32 -17.23 -42.56
C TYR A 563 -37.31 -17.73 -41.51
N PRO A 564 -36.56 -18.80 -41.82
CA PRO A 564 -35.52 -19.23 -40.90
C PRO A 564 -34.39 -18.22 -40.82
N THR A 565 -33.63 -18.24 -39.71
CA THR A 565 -32.35 -17.55 -39.68
C THR A 565 -31.57 -17.94 -40.93
N ILE A 566 -31.06 -16.94 -41.67
CA ILE A 566 -30.42 -17.19 -42.94
C ILE A 566 -28.94 -17.40 -42.71
N PRO A 567 -28.40 -18.61 -42.97
CA PRO A 567 -26.98 -18.90 -42.73
C PRO A 567 -26.12 -18.34 -43.85
N VAL A 568 -24.93 -17.85 -43.46
CA VAL A 568 -23.94 -17.36 -44.40
C VAL A 568 -22.65 -18.12 -44.09
N ALA A 569 -22.06 -18.75 -45.12
CA ALA A 569 -20.88 -19.57 -44.97
C ALA A 569 -19.83 -19.16 -46.00
N PHE A 570 -18.60 -19.63 -45.81
CA PHE A 570 -17.56 -19.46 -46.80
C PHE A 570 -17.73 -20.55 -47.86
N GLU A 571 -17.75 -21.80 -47.40
CA GLU A 571 -17.72 -22.98 -48.25
C GLU A 571 -18.50 -24.09 -47.54
N LEU A 572 -18.98 -25.06 -48.32
CA LEU A 572 -19.71 -26.22 -47.82
C LEU A 572 -18.81 -27.46 -47.92
N CYS A 573 -18.37 -27.97 -46.75
CA CYS A 573 -17.21 -28.84 -46.60
C CYS A 573 -17.49 -30.33 -46.78
N ASP A 574 -18.73 -30.77 -46.53
CA ASP A 574 -19.04 -32.19 -46.53
C ASP A 574 -20.36 -32.37 -47.26
N ASP A 575 -20.80 -33.62 -47.44
CA ASP A 575 -22.04 -33.92 -48.16
C ASP A 575 -23.25 -33.37 -47.43
N VAL A 576 -23.23 -33.35 -46.09
CA VAL A 576 -24.36 -32.80 -45.34
C VAL A 576 -24.54 -31.31 -45.67
N ALA A 577 -23.44 -30.55 -45.66
CA ALA A 577 -23.44 -29.13 -46.02
C ALA A 577 -23.97 -28.96 -47.44
N ASN A 578 -23.56 -29.85 -48.34
CA ASN A 578 -23.89 -29.73 -49.76
C ASN A 578 -25.32 -30.20 -50.06
N SER A 579 -26.10 -30.53 -49.02
CA SER A 579 -27.48 -30.96 -49.23
C SER A 579 -28.44 -29.77 -49.15
N PHE A 580 -27.92 -28.57 -48.86
CA PHE A 580 -28.71 -27.34 -48.91
C PHE A 580 -29.45 -27.26 -50.24
N GLN A 581 -30.76 -26.99 -50.17
CA GLN A 581 -31.61 -26.93 -51.35
C GLN A 581 -31.22 -25.78 -52.26
N TYR A 582 -30.97 -24.62 -51.65
CA TYR A 582 -30.69 -23.40 -52.39
C TYR A 582 -29.35 -22.82 -51.93
N LYS A 583 -28.44 -22.66 -52.89
CA LYS A 583 -27.14 -22.05 -52.65
C LYS A 583 -27.07 -20.74 -53.41
N ILE A 584 -26.91 -19.63 -52.69
CA ILE A 584 -26.76 -18.32 -53.31
C ILE A 584 -25.33 -17.82 -53.12
N ASN A 585 -24.61 -17.61 -54.23
CA ASN A 585 -23.30 -16.99 -54.12
C ASN A 585 -23.53 -15.50 -53.88
N GLN A 586 -22.81 -14.95 -52.89
CA GLN A 586 -22.97 -13.55 -52.51
C GLN A 586 -22.61 -12.61 -53.67
N SER A 587 -21.70 -13.06 -54.55
CA SER A 587 -21.30 -12.31 -55.72
C SER A 587 -22.46 -12.06 -56.67
N THR A 588 -23.52 -12.89 -56.62
CA THR A 588 -24.69 -12.68 -57.48
C THR A 588 -25.76 -11.87 -56.73
N PHE A 589 -25.49 -11.46 -55.48
CA PHE A 589 -26.56 -10.97 -54.61
C PHE A 589 -27.01 -9.58 -55.07
N GLU A 590 -26.05 -8.71 -55.42
CA GLU A 590 -26.30 -7.37 -55.90
C GLU A 590 -27.09 -7.38 -57.20
N GLY A 591 -26.79 -8.35 -58.09
CA GLY A 591 -27.61 -8.60 -59.26
C GLY A 591 -29.09 -8.79 -58.95
N SER A 592 -29.43 -9.88 -58.25
CA SER A 592 -30.81 -10.34 -58.14
C SER A 592 -31.43 -9.88 -56.81
N TRP A 593 -30.85 -10.36 -55.72
CA TRP A 593 -31.51 -10.45 -54.43
C TRP A 593 -31.49 -9.12 -53.66
N SER A 594 -30.77 -8.12 -54.17
CA SER A 594 -30.63 -6.87 -53.43
C SER A 594 -31.90 -6.05 -53.55
N ASP A 595 -32.74 -6.37 -54.53
CA ASP A 595 -34.04 -5.74 -54.63
C ASP A 595 -34.98 -6.47 -53.68
N VAL A 596 -35.34 -5.80 -52.57
CA VAL A 596 -36.06 -6.41 -51.47
C VAL A 596 -37.33 -7.14 -51.93
N ASN A 597 -38.13 -6.51 -52.80
CA ASN A 597 -39.42 -7.06 -53.22
C ASN A 597 -39.22 -8.38 -53.96
N THR A 598 -38.16 -8.46 -54.78
CA THR A 598 -37.81 -9.66 -55.54
C THR A 598 -37.49 -10.79 -54.57
N LYS A 599 -36.68 -10.47 -53.54
CA LYS A 599 -36.26 -11.46 -52.57
C LYS A 599 -37.48 -11.97 -51.79
N VAL A 600 -38.32 -11.07 -51.28
CA VAL A 600 -39.45 -11.50 -50.47
C VAL A 600 -40.34 -12.42 -51.29
N GLY A 601 -40.49 -12.13 -52.57
CA GLY A 601 -41.26 -12.96 -53.47
C GLY A 601 -40.75 -14.41 -53.50
N LYS A 602 -39.43 -14.57 -53.70
CA LYS A 602 -38.84 -15.90 -53.83
C LYS A 602 -38.86 -16.60 -52.49
N PHE A 603 -38.49 -15.88 -51.42
CA PHE A 603 -38.58 -16.45 -50.08
C PHE A 603 -40.02 -16.84 -49.76
N ASN A 604 -41.00 -16.03 -50.17
CA ASN A 604 -42.38 -16.34 -49.85
C ASN A 604 -42.86 -17.61 -50.56
N ARG A 605 -42.26 -17.99 -51.70
CA ARG A 605 -42.54 -19.27 -52.34
C ARG A 605 -41.86 -20.45 -51.61
N TRP A 606 -40.62 -20.25 -51.14
CA TRP A 606 -39.91 -21.27 -50.39
C TRP A 606 -40.51 -21.51 -49.00
N PHE A 607 -41.00 -20.45 -48.35
CA PHE A 607 -41.44 -20.54 -46.96
C PHE A 607 -42.89 -20.10 -46.85
N PRO A 608 -43.84 -21.03 -46.75
CA PRO A 608 -45.24 -20.66 -46.75
C PRO A 608 -45.60 -19.92 -45.46
N GLN A 609 -46.68 -19.14 -45.54
CA GLN A 609 -47.20 -18.42 -44.42
C GLN A 609 -47.91 -19.41 -43.56
N GLU A 610 -47.61 -19.41 -42.26
CA GLU A 610 -48.27 -20.31 -41.33
C GLU A 610 -48.86 -19.56 -40.14
N TYR A 611 -48.76 -18.22 -40.11
CA TYR A 611 -49.60 -17.43 -39.23
C TYR A 611 -49.74 -16.02 -39.77
N THR A 612 -50.55 -15.19 -39.11
CA THR A 612 -50.52 -13.74 -39.31
C THR A 612 -50.47 -13.03 -37.96
N GLY A 613 -50.03 -11.76 -37.98
CA GLY A 613 -49.96 -10.95 -36.78
C GLY A 613 -48.56 -10.38 -36.51
N GLU A 614 -48.45 -9.63 -35.40
CA GLU A 614 -47.29 -8.81 -35.12
C GLU A 614 -46.34 -9.49 -34.14
N LEU A 615 -46.75 -10.61 -33.53
CA LEU A 615 -45.86 -11.44 -32.74
C LEU A 615 -44.89 -12.18 -33.64
N TYR A 616 -43.70 -12.47 -33.10
CA TYR A 616 -42.82 -13.51 -33.64
C TYR A 616 -43.43 -14.87 -33.39
N ALA A 617 -43.64 -15.65 -34.46
CA ALA A 617 -44.00 -17.07 -34.36
C ALA A 617 -43.22 -17.84 -35.40
N GLY A 618 -42.39 -18.80 -34.91
CA GLY A 618 -41.69 -19.74 -35.76
C GLY A 618 -41.94 -21.18 -35.31
N ARG A 619 -42.07 -22.08 -36.28
CA ARG A 619 -42.52 -23.45 -36.07
C ARG A 619 -41.44 -24.42 -36.54
N ILE A 620 -41.15 -25.42 -35.70
CA ILE A 620 -40.38 -26.59 -36.10
C ILE A 620 -41.08 -27.86 -35.62
N GLU A 621 -41.48 -28.74 -36.56
CA GLU A 621 -42.32 -29.88 -36.25
C GLU A 621 -43.54 -29.34 -35.49
N ASN A 622 -43.88 -29.94 -34.34
CA ASN A 622 -45.08 -29.61 -33.61
C ASN A 622 -44.78 -28.55 -32.55
N GLY A 623 -43.70 -27.78 -32.71
CA GLY A 623 -43.31 -26.82 -31.69
C GLY A 623 -43.20 -25.42 -32.27
N TRP A 624 -43.77 -24.44 -31.54
CA TRP A 624 -43.72 -23.04 -31.90
C TRP A 624 -42.93 -22.27 -30.85
N VAL A 625 -42.06 -21.37 -31.30
CA VAL A 625 -41.57 -20.29 -30.45
C VAL A 625 -42.40 -19.07 -30.82
N VAL A 626 -43.05 -18.48 -29.82
CA VAL A 626 -43.86 -17.28 -30.04
C VAL A 626 -43.47 -16.28 -28.98
N TYR A 627 -43.16 -15.05 -29.39
CA TYR A 627 -42.76 -14.04 -28.44
C TYR A 627 -43.20 -12.67 -28.92
N ASN A 628 -43.21 -11.73 -27.96
CA ASN A 628 -43.51 -10.35 -28.22
C ASN A 628 -42.28 -9.49 -27.98
N GLY A 629 -41.70 -9.02 -29.08
CA GLY A 629 -40.54 -8.17 -29.03
C GLY A 629 -40.90 -6.69 -29.15
N LEU A 630 -42.19 -6.34 -29.25
CA LEU A 630 -42.64 -4.96 -29.39
C LEU A 630 -43.32 -4.48 -28.12
N ALA A 631 -43.49 -3.16 -28.07
CA ALA A 631 -44.23 -2.48 -27.04
C ALA A 631 -45.72 -2.70 -27.25
N GLY A 632 -46.44 -2.92 -26.15
CA GLY A 632 -47.89 -3.07 -26.17
C GLY A 632 -48.29 -4.54 -26.33
N ILE A 633 -49.59 -4.79 -26.23
CA ILE A 633 -50.11 -6.12 -26.46
C ILE A 633 -50.02 -6.43 -27.96
N ARG A 634 -49.39 -7.56 -28.32
CA ARG A 634 -49.31 -7.94 -29.73
C ARG A 634 -49.93 -9.31 -29.95
N ASN A 635 -50.29 -9.61 -31.19
CA ASN A 635 -51.25 -10.66 -31.47
C ASN A 635 -50.73 -11.57 -32.57
N ALA A 636 -51.23 -12.81 -32.58
CA ALA A 636 -50.98 -13.72 -33.68
C ALA A 636 -52.24 -14.55 -33.87
N ALA A 637 -52.49 -14.90 -35.15
CA ALA A 637 -53.48 -15.91 -35.51
C ALA A 637 -52.74 -17.09 -36.17
N ILE A 638 -52.80 -18.26 -35.53
CA ILE A 638 -51.99 -19.41 -35.92
C ILE A 638 -52.88 -20.63 -36.15
N PRO A 639 -53.15 -21.00 -37.42
CA PRO A 639 -53.80 -22.28 -37.71
C PRO A 639 -52.99 -23.46 -37.21
N PHE A 640 -53.66 -24.45 -36.60
CA PHE A 640 -52.99 -25.60 -36.01
C PHE A 640 -52.53 -26.55 -37.11
N LYS A 641 -51.38 -27.18 -36.87
CA LYS A 641 -50.78 -28.08 -37.84
C LYS A 641 -50.88 -29.53 -37.35
N TYR A 642 -51.06 -29.73 -36.04
CA TYR A 642 -51.15 -31.04 -35.43
C TYR A 642 -52.42 -31.15 -34.58
N ASN A 643 -52.76 -30.12 -33.80
CA ASN A 643 -53.98 -30.15 -33.00
C ASN A 643 -55.19 -30.22 -33.92
N THR A 644 -56.23 -30.93 -33.44
CA THR A 644 -57.42 -31.25 -34.24
C THR A 644 -58.44 -30.10 -34.22
N CYS A 645 -58.22 -29.07 -33.37
CA CYS A 645 -59.00 -27.84 -33.38
C CYS A 645 -58.59 -27.03 -34.62
N ASP A 646 -59.02 -25.77 -34.74
CA ASP A 646 -58.85 -25.00 -35.98
C ASP A 646 -57.65 -24.06 -35.87
N LYS A 647 -57.59 -23.27 -34.79
CA LYS A 647 -56.59 -22.21 -34.68
C LYS A 647 -56.53 -21.66 -33.27
N MET A 648 -55.42 -20.99 -32.96
CA MET A 648 -55.26 -20.29 -31.71
C MET A 648 -55.00 -18.81 -32.00
N GLU A 649 -55.55 -17.93 -31.20
CA GLU A 649 -55.25 -16.51 -31.31
C GLU A 649 -54.58 -16.12 -30.02
N LEU A 650 -53.47 -15.38 -30.16
CA LEU A 650 -52.64 -15.08 -29.00
C LEU A 650 -52.50 -13.58 -28.86
N ALA A 651 -52.60 -13.12 -27.62
CA ALA A 651 -52.32 -11.73 -27.26
C ALA A 651 -51.34 -11.72 -26.11
N TYR A 652 -50.13 -11.23 -26.37
CA TYR A 652 -49.01 -11.34 -25.45
C TYR A 652 -48.50 -9.94 -25.07
N SER A 653 -48.11 -9.79 -23.78
CA SER A 653 -47.39 -8.63 -23.28
C SER A 653 -45.97 -8.57 -23.84
N LYS A 654 -45.36 -7.39 -23.73
CA LYS A 654 -44.01 -7.13 -24.23
C LYS A 654 -43.02 -8.02 -23.48
N TYR A 655 -42.19 -8.75 -24.22
CA TYR A 655 -41.15 -9.61 -23.68
C TYR A 655 -41.71 -10.93 -23.16
N THR A 656 -42.97 -11.25 -23.47
CA THR A 656 -43.46 -12.58 -23.16
C THR A 656 -42.97 -13.54 -24.24
N VAL A 657 -42.33 -14.62 -23.80
CA VAL A 657 -41.85 -15.64 -24.72
C VAL A 657 -42.62 -16.91 -24.40
N SER A 658 -42.85 -17.76 -25.41
CA SER A 658 -43.59 -18.98 -25.20
C SER A 658 -43.11 -20.07 -26.15
N VAL A 659 -43.08 -21.30 -25.62
CA VAL A 659 -42.85 -22.48 -26.43
C VAL A 659 -44.13 -23.30 -26.36
N ILE A 660 -44.71 -23.59 -27.52
CA ILE A 660 -46.04 -24.17 -27.61
C ILE A 660 -45.88 -25.49 -28.31
N LYS A 661 -46.28 -26.58 -27.65
CA LYS A 661 -46.24 -27.89 -28.26
C LYS A 661 -47.67 -28.26 -28.63
N GLU A 662 -47.87 -28.57 -29.92
CA GLU A 662 -49.13 -29.10 -30.41
C GLU A 662 -49.17 -30.62 -30.30
N TYR A 663 -50.29 -31.13 -29.79
CA TYR A 663 -50.65 -32.54 -29.86
C TYR A 663 -52.05 -32.62 -30.46
N ALA A 664 -52.51 -33.86 -30.71
CA ALA A 664 -53.79 -34.08 -31.37
C ALA A 664 -54.94 -33.48 -30.56
N ASN A 665 -54.88 -33.61 -29.23
CA ASN A 665 -55.98 -33.30 -28.34
C ASN A 665 -55.48 -32.54 -27.12
N LYS A 666 -54.37 -31.82 -27.31
CA LYS A 666 -53.67 -31.19 -26.21
C LYS A 666 -52.73 -30.12 -26.77
N LEU A 667 -52.51 -29.07 -25.96
CA LEU A 667 -51.52 -28.04 -26.23
C LEU A 667 -50.77 -27.81 -24.92
N THR A 668 -49.45 -27.63 -24.98
CA THR A 668 -48.75 -27.10 -23.82
C THR A 668 -48.16 -25.77 -24.24
N PHE A 669 -48.09 -24.88 -23.24
CA PHE A 669 -47.46 -23.58 -23.34
C PHE A 669 -46.49 -23.47 -22.16
N TYR A 670 -45.20 -23.39 -22.48
CA TYR A 670 -44.24 -22.83 -21.55
C TYR A 670 -44.21 -21.33 -21.81
N MET A 671 -44.50 -20.53 -20.79
CA MET A 671 -44.56 -19.08 -20.96
C MET A 671 -43.67 -18.47 -19.90
N ASN A 672 -42.95 -17.40 -20.24
CA ASN A 672 -42.18 -16.67 -19.25
C ASN A 672 -42.20 -15.19 -19.61
N ASN A 673 -42.18 -14.36 -18.55
CA ASN A 673 -41.89 -12.93 -18.62
C ASN A 673 -41.52 -12.54 -17.19
N TYR A 674 -40.24 -12.68 -16.87
CA TYR A 674 -39.80 -12.52 -15.48
C TYR A 674 -39.32 -11.09 -15.29
N ASP A 675 -39.89 -10.41 -14.29
CA ASP A 675 -39.42 -9.10 -13.82
C ASP A 675 -38.97 -9.24 -12.37
N PRO A 676 -37.66 -9.04 -12.04
CA PRO A 676 -37.21 -9.08 -10.65
C PRO A 676 -38.02 -8.20 -9.68
N SER A 677 -38.67 -7.13 -10.19
CA SER A 677 -39.35 -6.15 -9.36
C SER A 677 -40.81 -6.52 -9.11
N GLY A 678 -41.29 -7.58 -9.76
CA GLY A 678 -42.54 -8.25 -9.40
C GLY A 678 -43.76 -7.77 -10.18
N SER A 679 -43.55 -7.02 -11.28
CA SER A 679 -44.66 -6.59 -12.12
C SER A 679 -45.40 -7.81 -12.67
N SER A 680 -46.71 -7.63 -12.92
CA SER A 680 -47.55 -8.69 -13.44
C SER A 680 -47.82 -8.41 -14.91
N LYS A 681 -47.86 -9.46 -15.74
CA LYS A 681 -48.19 -9.34 -17.16
C LYS A 681 -49.49 -10.11 -17.44
N THR A 682 -50.25 -9.64 -18.44
CA THR A 682 -51.47 -10.30 -18.87
C THR A 682 -51.28 -10.84 -20.29
N GLU A 683 -51.59 -12.13 -20.50
CA GLU A 683 -51.62 -12.74 -21.82
C GLU A 683 -53.01 -13.28 -22.07
N VAL A 684 -53.41 -13.43 -23.35
CA VAL A 684 -54.69 -14.06 -23.67
C VAL A 684 -54.47 -15.13 -24.74
N ILE A 685 -55.17 -16.26 -24.58
CA ILE A 685 -55.09 -17.39 -25.50
C ILE A 685 -56.52 -17.75 -25.88
N LYS A 686 -56.79 -17.82 -27.19
CA LYS A 686 -58.08 -18.29 -27.67
C LYS A 686 -57.90 -19.47 -28.63
N ILE A 687 -58.61 -20.55 -28.34
CA ILE A 687 -58.65 -21.74 -29.18
C ILE A 687 -60.02 -21.78 -29.85
N TYR A 688 -60.02 -21.81 -31.19
CA TYR A 688 -61.23 -21.95 -31.97
C TYR A 688 -61.38 -23.38 -32.48
N GLY A 689 -62.65 -23.80 -32.59
CA GLY A 689 -63.03 -24.97 -33.34
C GLY A 689 -63.02 -26.23 -32.47
N CYS A 690 -63.08 -26.05 -31.14
CA CYS A 690 -63.30 -27.17 -30.23
C CYS A 690 -64.69 -27.77 -30.39
N THR A 691 -64.80 -29.11 -30.33
CA THR A 691 -66.09 -29.80 -30.48
C THR A 691 -66.57 -30.34 -29.14
N SER A 692 -65.97 -29.84 -28.05
CA SER A 692 -66.42 -30.11 -26.69
C SER A 692 -65.66 -29.21 -25.74
N LYS A 693 -66.18 -29.08 -24.52
CA LYS A 693 -65.65 -28.16 -23.51
C LYS A 693 -64.19 -28.53 -23.21
N PRO A 694 -63.20 -27.66 -23.50
CA PRO A 694 -61.84 -27.89 -23.07
C PRO A 694 -61.66 -27.74 -21.57
N THR A 695 -60.54 -28.28 -21.07
CA THR A 695 -60.07 -28.00 -19.72
C THR A 695 -58.64 -27.51 -19.83
N HIS A 696 -58.16 -26.95 -18.72
CA HIS A 696 -56.81 -26.45 -18.67
C HIS A 696 -56.23 -26.79 -17.30
N SER A 697 -54.91 -26.78 -17.21
CA SER A 697 -54.26 -26.75 -15.91
C SER A 697 -52.95 -26.00 -16.03
N VAL A 698 -52.52 -25.42 -14.91
CA VAL A 698 -51.38 -24.53 -14.91
C VAL A 698 -50.55 -24.81 -13.66
N SER A 699 -49.24 -24.77 -13.85
CA SER A 699 -48.36 -24.69 -12.70
C SER A 699 -47.30 -23.61 -12.92
N SER A 700 -47.16 -22.76 -11.89
CA SER A 700 -46.08 -21.80 -11.81
C SER A 700 -44.80 -22.60 -11.63
N ARG A 701 -43.68 -22.02 -12.10
CA ARG A 701 -42.37 -22.63 -12.01
C ARG A 701 -41.45 -21.65 -11.29
N ALA A 702 -40.34 -22.15 -10.71
CA ALA A 702 -39.36 -21.32 -10.03
C ALA A 702 -40.08 -20.42 -9.01
N ASN A 703 -39.86 -19.10 -9.03
CA ASN A 703 -40.49 -18.17 -8.10
C ASN A 703 -41.67 -17.46 -8.76
N GLY A 704 -42.21 -18.02 -9.85
CA GLY A 704 -43.23 -17.35 -10.63
C GLY A 704 -44.60 -17.43 -9.95
N THR A 705 -45.50 -16.48 -10.31
CA THR A 705 -46.88 -16.46 -9.86
C THR A 705 -47.76 -16.53 -11.10
N ALA A 706 -48.92 -17.18 -11.01
CA ALA A 706 -49.82 -17.25 -12.13
C ALA A 706 -51.25 -17.32 -11.62
N GLN A 707 -52.20 -16.87 -12.44
CA GLN A 707 -53.62 -17.04 -12.21
C GLN A 707 -54.27 -17.10 -13.60
N VAL A 708 -55.14 -18.09 -13.85
CA VAL A 708 -55.67 -18.31 -15.18
C VAL A 708 -57.17 -18.43 -15.04
N SER A 709 -57.87 -17.59 -15.82
CA SER A 709 -59.32 -17.59 -15.94
C SER A 709 -59.69 -18.21 -17.27
N GLU A 710 -60.83 -18.91 -17.28
CA GLU A 710 -61.23 -19.61 -18.48
C GLU A 710 -62.64 -19.17 -18.82
N ASN A 711 -62.96 -19.34 -20.10
CA ASN A 711 -64.23 -18.90 -20.61
C ASN A 711 -64.58 -19.73 -21.84
N TRP A 712 -65.76 -20.34 -21.78
CA TRP A 712 -66.31 -21.12 -22.88
C TRP A 712 -67.65 -20.53 -23.30
N LYS A 713 -67.67 -19.95 -24.51
CA LYS A 713 -68.80 -19.20 -25.05
C LYS A 713 -68.72 -19.27 -26.57
N GLU A 714 -69.90 -19.50 -27.17
CA GLU A 714 -69.96 -19.96 -28.54
C GLU A 714 -69.06 -21.20 -28.57
N ASP A 715 -68.24 -21.37 -29.60
CA ASP A 715 -67.37 -22.53 -29.66
C ASP A 715 -65.91 -22.10 -29.55
N VAL A 716 -65.69 -21.15 -28.61
CA VAL A 716 -64.45 -20.43 -28.45
C VAL A 716 -64.01 -20.48 -26.99
N TYR A 717 -62.81 -21.02 -26.76
CA TYR A 717 -62.26 -21.21 -25.43
C TYR A 717 -61.18 -20.17 -25.23
N THR A 718 -61.34 -19.33 -24.19
CA THR A 718 -60.43 -18.22 -23.93
C THR A 718 -59.76 -18.41 -22.59
N LEU A 719 -58.43 -18.37 -22.58
CA LEU A 719 -57.67 -18.40 -21.34
C LEU A 719 -56.98 -17.06 -21.13
N THR A 720 -57.16 -16.49 -19.96
CA THR A 720 -56.55 -15.22 -19.59
C THR A 720 -55.53 -15.50 -18.49
N VAL A 721 -54.24 -15.20 -18.75
CA VAL A 721 -53.15 -15.62 -17.91
C VAL A 721 -52.45 -14.43 -17.28
N THR A 722 -52.68 -14.17 -15.98
CA THR A 722 -51.91 -13.20 -15.22
C THR A 722 -50.68 -13.90 -14.66
N HIS A 723 -49.48 -13.32 -14.80
CA HIS A 723 -48.31 -13.97 -14.24
C HIS A 723 -47.10 -13.04 -14.16
N ASN A 724 -46.20 -13.35 -13.22
CA ASN A 724 -44.82 -12.91 -13.28
C ASN A 724 -43.94 -14.16 -13.26
N GLY A 725 -43.05 -14.23 -14.27
CA GLY A 725 -42.14 -15.35 -14.37
C GLY A 725 -42.80 -16.54 -15.05
N PRO A 726 -42.14 -17.71 -14.93
CA PRO A 726 -42.46 -18.86 -15.77
C PRO A 726 -43.64 -19.68 -15.26
N LEU A 727 -44.31 -20.33 -16.21
CA LEU A 727 -45.37 -21.27 -15.92
C LEU A 727 -45.45 -22.29 -17.06
N ASP A 728 -46.02 -23.47 -16.74
CA ASP A 728 -46.45 -24.44 -17.74
C ASP A 728 -47.96 -24.52 -17.71
N LEU A 729 -48.54 -24.34 -18.89
CA LEU A 729 -49.97 -24.33 -19.02
C LEU A 729 -50.36 -25.45 -19.97
N THR A 730 -51.29 -26.28 -19.54
CA THR A 730 -51.75 -27.36 -20.40
C THR A 730 -53.19 -27.06 -20.81
N VAL A 731 -53.47 -27.26 -22.10
CA VAL A 731 -54.81 -27.12 -22.63
C VAL A 731 -55.26 -28.43 -23.27
N ASN A 732 -56.37 -28.99 -22.77
CA ASN A 732 -56.96 -30.19 -23.34
C ASN A 732 -58.08 -29.78 -24.28
N CYS A 733 -57.83 -29.90 -25.60
CA CYS A 733 -58.70 -29.35 -26.62
C CYS A 733 -58.65 -30.19 -27.87
N SER A 734 -59.83 -30.63 -28.35
CA SER A 734 -59.96 -31.44 -29.54
C SER A 734 -61.11 -30.95 -30.43
N GLY A 735 -60.91 -31.12 -31.75
CA GLY A 735 -61.91 -30.81 -32.76
C GLY A 735 -61.95 -31.89 -33.84
N LYS A 736 -62.40 -31.54 -35.03
CA LYS A 736 -62.82 -32.51 -36.03
C LYS A 736 -61.74 -32.74 -37.10
N ALA A 737 -60.73 -31.88 -37.18
CA ALA A 737 -59.83 -31.91 -38.31
C ALA A 737 -59.28 -33.32 -38.52
N THR A 738 -59.19 -33.77 -39.78
CA THR A 738 -58.53 -35.03 -40.12
C THR A 738 -57.23 -34.74 -40.89
N ASP A 739 -57.06 -33.49 -41.34
CA ASP A 739 -55.94 -33.12 -42.20
C ASP A 739 -54.81 -32.54 -41.32
N ARG A 740 -54.34 -33.38 -40.38
CA ARG A 740 -53.32 -32.95 -39.41
C ARG A 740 -52.07 -33.83 -39.53
N LEU A 741 -50.94 -33.31 -39.07
CA LEU A 741 -49.70 -34.07 -39.04
C LEU A 741 -49.59 -34.84 -37.72
N THR A 742 -48.69 -35.81 -37.72
CA THR A 742 -48.62 -36.75 -36.62
C THR A 742 -47.40 -36.38 -35.78
N VAL A 743 -47.63 -36.27 -34.47
CA VAL A 743 -46.57 -35.98 -33.52
C VAL A 743 -45.57 -37.14 -33.48
N SER A 744 -44.31 -36.76 -33.49
CA SER A 744 -43.20 -37.67 -33.32
C SER A 744 -43.23 -38.31 -31.93
N THR A 745 -42.53 -39.44 -31.86
CA THR A 745 -42.21 -40.13 -30.62
C THR A 745 -41.38 -39.18 -29.76
N ALA A 746 -41.43 -39.38 -28.44
CA ALA A 746 -40.69 -38.54 -27.51
C ALA A 746 -39.19 -38.47 -27.85
N ALA A 747 -38.67 -37.24 -27.90
CA ALA A 747 -37.27 -37.03 -28.17
C ALA A 747 -36.42 -37.59 -27.03
N SER A 748 -35.13 -37.78 -27.35
CA SER A 748 -34.13 -38.32 -26.44
C SER A 748 -33.36 -37.20 -25.74
N ILE A 749 -33.32 -37.27 -24.41
CA ILE A 749 -32.36 -36.52 -23.63
C ILE A 749 -31.56 -37.57 -22.85
N GLN A 750 -30.23 -37.47 -22.93
CA GLN A 750 -29.38 -38.40 -22.22
C GLN A 750 -28.50 -37.62 -21.25
N VAL A 751 -28.68 -37.88 -19.96
CA VAL A 751 -27.93 -37.20 -18.93
C VAL A 751 -26.45 -37.49 -19.20
N PRO A 752 -25.63 -36.45 -19.52
CA PRO A 752 -24.23 -36.69 -19.84
C PRO A 752 -23.49 -37.39 -18.70
N ALA A 753 -22.69 -38.41 -19.07
CA ALA A 753 -21.84 -39.08 -18.11
C ALA A 753 -20.90 -38.10 -17.42
N SER A 754 -20.60 -38.45 -16.17
CA SER A 754 -19.63 -37.74 -15.36
C SER A 754 -18.21 -37.94 -15.91
N PRO A 755 -17.26 -37.05 -15.58
CA PRO A 755 -15.87 -37.28 -15.92
C PRO A 755 -15.28 -38.46 -15.17
N GLN A 756 -14.16 -38.94 -15.70
CA GLN A 756 -13.32 -39.91 -15.01
C GLN A 756 -12.92 -39.31 -13.67
N ILE A 757 -12.76 -40.17 -12.65
CA ILE A 757 -12.44 -39.72 -11.31
C ILE A 757 -11.02 -39.13 -11.32
N TYR A 758 -10.85 -37.94 -10.75
CA TYR A 758 -9.56 -37.28 -10.69
C TYR A 758 -8.76 -37.87 -9.54
N GLN A 759 -7.50 -38.26 -9.81
CA GLN A 759 -6.66 -38.99 -8.87
C GLN A 759 -5.61 -38.06 -8.26
N GLY A 760 -5.64 -36.77 -8.59
CA GLY A 760 -4.59 -35.85 -8.22
C GLY A 760 -4.84 -35.11 -6.90
N ALA A 761 -3.93 -34.19 -6.63
CA ALA A 761 -4.00 -33.32 -5.47
C ALA A 761 -5.24 -32.42 -5.54
N TYR A 762 -5.79 -32.16 -4.35
CA TYR A 762 -6.85 -31.22 -4.14
C TYR A 762 -6.24 -29.97 -3.52
N GLN A 763 -6.88 -28.82 -3.84
CA GLN A 763 -6.44 -27.50 -3.42
C GLN A 763 -7.62 -26.73 -2.85
N TYR A 764 -7.31 -25.98 -1.77
CA TYR A 764 -8.28 -25.19 -1.01
C TYR A 764 -7.64 -23.86 -0.65
N GLU A 765 -8.22 -22.76 -1.13
CA GLU A 765 -7.67 -21.43 -0.91
C GLU A 765 -8.05 -20.92 0.49
N ALA A 766 -7.07 -20.35 1.21
CA ALA A 766 -7.32 -19.83 2.53
C ALA A 766 -8.36 -18.72 2.50
N GLU A 767 -8.30 -17.87 1.48
CA GLU A 767 -9.25 -16.77 1.34
C GLU A 767 -10.68 -17.28 1.17
N CYS A 768 -10.86 -18.62 1.06
CA CYS A 768 -12.18 -19.21 1.03
C CYS A 768 -12.49 -19.97 2.31
N PHE A 769 -11.52 -20.08 3.23
CA PHE A 769 -11.76 -20.76 4.49
C PHE A 769 -12.79 -19.98 5.29
N ASP A 770 -13.60 -20.75 6.04
CA ASP A 770 -14.36 -20.21 7.17
C ASP A 770 -13.36 -19.63 8.17
N PHE A 771 -13.78 -18.60 8.92
CA PHE A 771 -12.83 -17.88 9.74
C PHE A 771 -13.44 -17.29 11.01
N LYS A 772 -12.54 -16.97 11.94
CA LYS A 772 -12.83 -16.21 13.14
C LYS A 772 -11.53 -15.59 13.66
N ASN A 773 -11.62 -14.30 14.00
CA ASN A 773 -10.58 -13.62 14.76
C ASN A 773 -9.28 -13.63 13.95
N VAL A 774 -9.36 -13.27 12.65
CA VAL A 774 -8.16 -13.13 11.84
C VAL A 774 -7.88 -11.64 11.58
N THR A 775 -6.63 -11.34 11.22
CA THR A 775 -6.22 -9.95 11.03
C THR A 775 -6.75 -9.41 9.70
N LYS A 776 -6.73 -10.21 8.63
CA LYS A 776 -7.11 -9.67 7.33
C LYS A 776 -7.39 -10.79 6.34
N ARG A 777 -8.42 -10.60 5.52
CA ARG A 777 -8.73 -11.54 4.46
C ARG A 777 -8.61 -10.79 3.15
N VAL A 778 -7.65 -11.20 2.34
CA VAL A 778 -7.37 -10.54 1.07
C VAL A 778 -8.01 -11.37 -0.04
N THR A 779 -9.19 -10.90 -0.48
CA THR A 779 -9.99 -11.57 -1.49
C THR A 779 -9.59 -11.05 -2.88
N LYS A 780 -8.92 -9.89 -2.92
CA LYS A 780 -8.45 -9.32 -4.18
C LYS A 780 -6.99 -8.89 -4.02
N GLY A 781 -6.06 -9.79 -4.37
CA GLY A 781 -4.68 -9.65 -3.95
C GLY A 781 -3.89 -8.59 -4.70
N ASP A 782 -4.38 -8.16 -5.87
CA ASP A 782 -3.58 -7.42 -6.84
C ASP A 782 -3.17 -6.05 -6.31
N SER A 783 -4.05 -5.46 -5.47
CA SER A 783 -3.88 -4.14 -4.89
C SER A 783 -3.06 -4.21 -3.59
N GLU A 784 -2.96 -5.39 -2.99
CA GLU A 784 -2.19 -5.54 -1.75
C GLU A 784 -0.71 -5.84 -2.06
N PRO A 785 0.20 -5.75 -1.06
CA PRO A 785 1.63 -5.84 -1.29
C PRO A 785 2.25 -7.22 -1.41
N ILE A 786 1.49 -8.30 -1.14
CA ILE A 786 2.04 -9.65 -1.16
C ILE A 786 1.86 -10.25 -2.55
N ARG A 787 2.95 -10.82 -3.09
CA ARG A 787 2.93 -11.38 -4.43
C ARG A 787 2.94 -12.90 -4.35
N ASN A 788 2.86 -13.53 -5.52
CA ASN A 788 3.19 -14.94 -5.65
C ASN A 788 2.25 -15.81 -4.81
N TYR A 789 0.96 -15.44 -4.74
CA TYR A 789 -0.06 -16.22 -4.06
C TYR A 789 -0.81 -17.03 -5.11
N THR A 790 -1.68 -17.94 -4.68
CA THR A 790 -2.47 -18.78 -5.59
C THR A 790 -3.93 -18.31 -5.56
N ALA A 791 -4.60 -18.47 -6.69
CA ALA A 791 -5.90 -17.91 -6.92
C ALA A 791 -5.79 -16.42 -6.69
N GLN A 792 -6.85 -15.76 -6.23
CA GLN A 792 -6.88 -14.29 -6.31
C GLN A 792 -6.50 -13.65 -4.97
N GLY A 793 -6.17 -14.45 -3.95
CA GLY A 793 -5.76 -13.83 -2.70
C GLY A 793 -5.19 -14.81 -1.69
N TYR A 794 -5.30 -14.42 -0.42
CA TYR A 794 -4.77 -15.13 0.74
C TYR A 794 -5.38 -14.51 1.98
N ILE A 795 -4.99 -15.00 3.17
CA ILE A 795 -5.35 -14.31 4.40
C ILE A 795 -4.11 -14.04 5.26
N ASN A 796 -4.27 -13.03 6.12
CA ASN A 796 -3.41 -12.84 7.28
C ASN A 796 -4.12 -13.43 8.49
N PHE A 797 -3.78 -14.69 8.81
CA PHE A 797 -4.37 -15.36 9.95
C PHE A 797 -4.13 -14.53 11.22
N GLY A 798 -2.95 -13.89 11.30
CA GLY A 798 -2.63 -13.00 12.40
C GLY A 798 -2.19 -13.73 13.66
N ALA A 799 -2.19 -13.01 14.79
CA ALA A 799 -1.55 -13.47 16.01
C ALA A 799 -2.54 -13.63 17.18
N SER A 800 -3.84 -13.44 16.94
CA SER A 800 -4.80 -13.57 18.03
C SER A 800 -4.83 -15.01 18.56
N SER A 801 -4.93 -15.10 19.88
CA SER A 801 -5.06 -16.37 20.60
C SER A 801 -6.36 -17.07 20.24
N ALA A 802 -7.31 -16.33 19.62
CA ALA A 802 -8.63 -16.85 19.33
C ALA A 802 -8.77 -17.13 17.84
N ALA A 803 -7.68 -16.97 17.08
CA ALA A 803 -7.73 -17.09 15.63
C ALA A 803 -7.94 -18.55 15.24
N ALA A 804 -8.76 -18.74 14.20
CA ALA A 804 -9.04 -20.07 13.69
C ALA A 804 -9.58 -19.99 12.27
N VAL A 805 -9.36 -21.07 11.52
CA VAL A 805 -9.89 -21.23 10.18
C VAL A 805 -10.35 -22.67 10.04
N ARG A 806 -11.36 -22.87 9.17
CA ARG A 806 -11.95 -24.16 8.96
C ARG A 806 -12.27 -24.33 7.48
N ALA A 808 -14.18 -27.57 4.67
CA ALA A 808 -14.64 -28.90 4.33
C ALA A 808 -13.81 -29.40 3.16
N VAL A 809 -13.05 -30.45 3.44
CA VAL A 809 -12.22 -31.10 2.44
C VAL A 809 -12.75 -32.52 2.22
N THR A 810 -12.38 -33.14 1.09
CA THR A 810 -12.78 -34.50 0.78
C THR A 810 -11.56 -35.41 0.55
N ALA A 811 -11.81 -36.73 0.66
CA ALA A 811 -10.87 -37.77 0.28
C ALA A 811 -11.58 -38.85 -0.53
N LEU A 812 -10.94 -39.35 -1.59
CA LEU A 812 -11.46 -40.48 -2.33
C LEU A 812 -11.55 -41.73 -1.46
N GLU A 813 -10.54 -41.98 -0.62
CA GLU A 813 -10.47 -43.20 0.19
C GLU A 813 -9.92 -42.88 1.57
N ASP A 814 -10.15 -43.79 2.53
CA ASP A 814 -9.47 -43.77 3.81
C ASP A 814 -7.98 -44.01 3.59
N GLY A 815 -7.16 -43.27 4.35
CA GLY A 815 -5.74 -43.50 4.36
C GLY A 815 -5.02 -42.22 4.75
N VAL A 816 -3.71 -42.24 4.56
CA VAL A 816 -2.82 -41.19 5.03
C VAL A 816 -2.63 -40.20 3.89
N TYR A 817 -2.67 -38.91 4.24
CA TYR A 817 -2.54 -37.84 3.27
C TYR A 817 -1.52 -36.84 3.78
N THR A 818 -0.83 -36.21 2.84
CA THR A 818 -0.07 -35.02 3.13
C THR A 818 -0.97 -33.80 2.93
N ILE A 819 -0.96 -32.93 3.95
CA ILE A 819 -1.46 -31.58 3.85
C ILE A 819 -0.27 -30.62 3.80
N ARG A 820 -0.12 -29.93 2.66
CA ARG A 820 0.86 -28.86 2.52
C ARG A 820 0.19 -27.52 2.77
N ILE A 821 0.64 -26.81 3.82
CA ILE A 821 0.12 -25.50 4.17
C ILE A 821 1.10 -24.45 3.63
N ARG A 822 0.60 -23.64 2.70
CA ARG A 822 1.42 -22.64 2.07
C ARG A 822 1.25 -21.36 2.88
N TYR A 823 2.32 -20.90 3.52
CA TYR A 823 2.19 -19.91 4.57
C TYR A 823 3.30 -18.88 4.45
N ARG A 824 3.20 -17.82 5.26
CA ARG A 824 4.30 -16.88 5.51
C ARG A 824 4.30 -16.60 7.01
N ALA A 825 5.48 -16.54 7.59
CA ALA A 825 5.69 -16.07 8.97
C ALA A 825 6.92 -15.17 8.98
N PRO A 826 6.76 -13.90 8.57
CA PRO A 826 7.90 -13.07 8.17
C PRO A 826 8.69 -12.38 9.29
N SER A 827 8.20 -12.41 10.55
CA SER A 827 8.91 -11.72 11.62
C SER A 827 9.37 -12.66 12.74
N ALA A 828 8.81 -13.88 12.79
CA ALA A 828 9.21 -14.91 13.74
C ALA A 828 8.48 -16.21 13.47
N THR A 829 9.06 -17.32 13.94
CA THR A 829 8.47 -18.65 13.85
C THR A 829 7.17 -18.68 14.64
N VAL A 830 6.18 -19.41 14.11
CA VAL A 830 4.89 -19.59 14.79
C VAL A 830 4.70 -21.07 15.13
N ASN A 831 4.46 -21.35 16.41
CA ASN A 831 4.33 -22.72 16.91
C ASN A 831 3.12 -22.83 17.83
N THR A 832 2.19 -21.88 17.70
CA THR A 832 1.04 -21.73 18.59
C THR A 832 -0.27 -21.94 17.81
N VAL A 833 -0.19 -22.54 16.62
CA VAL A 833 -1.36 -22.90 15.85
C VAL A 833 -1.36 -24.42 15.63
N ASP A 834 -2.44 -25.05 16.12
CA ASP A 834 -2.66 -26.47 16.07
C ASP A 834 -3.62 -26.82 14.94
N MET A 835 -3.45 -28.01 14.35
CA MET A 835 -4.31 -28.50 13.28
C MET A 835 -5.25 -29.56 13.85
N TYR A 836 -6.53 -29.46 13.48
CA TYR A 836 -7.54 -30.44 13.84
C TYR A 836 -8.07 -31.06 12.55
N ILE A 837 -8.30 -32.38 12.58
CA ILE A 837 -8.99 -33.11 11.52
C ILE A 837 -10.17 -33.80 12.20
N ASN A 838 -11.40 -33.49 11.74
CA ASN A 838 -12.65 -34.06 12.24
C ASN A 838 -12.76 -33.84 13.74
N ASN A 839 -12.47 -32.60 14.19
CA ASN A 839 -12.64 -32.16 15.57
C ASN A 839 -11.70 -32.92 16.51
N THR A 840 -10.54 -33.37 16.02
CA THR A 840 -9.51 -33.99 16.84
C THR A 840 -8.15 -33.39 16.49
N LYS A 841 -7.38 -33.02 17.52
CA LYS A 841 -6.09 -32.36 17.33
C LYS A 841 -5.12 -33.38 16.76
N VAL A 842 -4.40 -33.01 15.69
CA VAL A 842 -3.52 -33.96 15.03
C VAL A 842 -2.06 -33.50 15.10
N GLY A 843 -1.83 -32.23 15.41
CA GLY A 843 -0.48 -31.77 15.66
C GLY A 843 -0.38 -30.26 15.60
N THR A 844 0.87 -29.78 15.63
CA THR A 844 1.21 -28.37 15.56
C THR A 844 2.19 -28.17 14.41
N PRO A 845 1.75 -27.70 13.22
CA PRO A 845 2.64 -27.38 12.12
C PRO A 845 3.75 -26.43 12.52
N GLU A 846 4.90 -26.60 11.83
CA GLU A 846 6.12 -25.87 12.13
C GLU A 846 6.16 -24.73 11.13
N PHE A 847 5.55 -23.60 11.50
CA PHE A 847 5.52 -22.42 10.65
C PHE A 847 6.82 -21.66 10.83
N ALA A 848 7.90 -22.21 10.26
CA ALA A 848 9.24 -21.69 10.45
C ALA A 848 9.31 -20.30 9.84
N GLN A 849 9.93 -19.35 10.57
CA GLN A 849 10.09 -17.99 10.08
C GLN A 849 10.56 -18.03 8.63
N THR A 850 9.89 -17.23 7.79
CA THR A 850 10.19 -17.05 6.38
C THR A 850 10.80 -15.66 6.11
N ASP A 851 11.46 -15.57 4.96
CA ASP A 851 12.14 -14.39 4.49
C ASP A 851 11.13 -13.25 4.38
N ASN A 852 11.59 -12.02 4.64
CA ASN A 852 10.73 -10.84 4.71
C ASN A 852 10.09 -10.49 3.37
N ASP A 853 10.72 -10.93 2.28
CA ASP A 853 10.38 -10.48 0.94
C ASP A 853 8.88 -10.64 0.68
N ASN A 854 8.34 -9.73 -0.11
CA ASN A 854 6.93 -9.75 -0.50
C ASN A 854 6.60 -10.96 -1.39
N THR A 855 7.61 -11.65 -1.94
CA THR A 855 7.31 -12.71 -2.89
C THR A 855 7.44 -14.09 -2.24
N VAL A 856 7.91 -14.17 -0.99
CA VAL A 856 8.32 -15.45 -0.44
C VAL A 856 7.17 -16.11 0.32
N TRP A 857 6.83 -17.36 -0.09
CA TRP A 857 6.01 -18.27 0.70
C TRP A 857 6.82 -19.53 1.01
N ASN A 858 6.37 -20.29 2.00
CA ASN A 858 6.93 -21.60 2.27
C ASN A 858 5.76 -22.54 2.55
N THR A 859 6.07 -23.82 2.74
CA THR A 859 5.04 -24.81 2.97
C THR A 859 5.43 -25.65 4.17
N ALA A 860 4.46 -25.85 5.06
CA ALA A 860 4.58 -26.74 6.19
C ALA A 860 3.80 -28.01 5.87
N LEU A 861 4.39 -29.18 6.19
CA LEU A 861 3.79 -30.47 5.91
C LEU A 861 3.23 -31.11 7.17
N MET A 862 2.15 -31.88 6.99
CA MET A 862 1.54 -32.70 8.00
C MET A 862 0.99 -33.95 7.33
N SER A 863 1.18 -35.10 7.95
CA SER A 863 0.49 -36.32 7.55
C SER A 863 -0.72 -36.53 8.45
N VAL A 864 -1.87 -36.83 7.85
CA VAL A 864 -3.00 -37.23 8.66
C VAL A 864 -3.78 -38.38 8.02
N SER A 865 -4.59 -39.06 8.82
CA SER A 865 -5.64 -39.95 8.32
C SER A 865 -6.85 -39.12 7.97
N LEU A 866 -7.34 -39.29 6.75
CA LEU A 866 -8.65 -38.79 6.35
C LEU A 866 -9.54 -39.99 6.17
N ARG A 867 -10.85 -39.78 6.24
CA ARG A 867 -11.75 -40.88 5.95
C ARG A 867 -12.35 -40.59 4.59
N LYS A 868 -12.87 -41.65 3.96
CA LYS A 868 -13.55 -41.52 2.69
C LYS A 868 -14.67 -40.48 2.80
N GLY A 869 -14.68 -39.51 1.89
CA GLY A 869 -15.74 -38.52 1.83
C GLY A 869 -15.35 -37.23 2.58
N ALA A 870 -16.33 -36.60 3.23
CA ALA A 870 -16.14 -35.26 3.76
C ALA A 870 -15.30 -35.35 5.04
N ASN A 871 -14.31 -34.45 5.16
CA ASN A 871 -13.56 -34.22 6.39
C ASN A 871 -13.57 -32.73 6.73
N THR A 872 -13.33 -32.41 8.00
CA THR A 872 -13.19 -31.04 8.52
C THR A 872 -11.72 -30.73 8.81
N PHE A 873 -11.18 -29.71 8.14
CA PHE A 873 -9.86 -29.17 8.42
C PHE A 873 -9.99 -27.90 9.23
N GLU A 874 -9.19 -27.80 10.30
CA GLU A 874 -9.15 -26.60 11.13
C GLU A 874 -7.71 -26.29 11.52
N LEU A 875 -7.41 -24.99 11.55
CA LEU A 875 -6.23 -24.51 12.22
C LEU A 875 -6.69 -23.55 13.30
N LYS A 876 -6.21 -23.75 14.53
CA LYS A 876 -6.66 -22.97 15.67
C LYS A 876 -5.47 -22.54 16.54
N ALA A 877 -5.36 -21.23 16.77
CA ALA A 877 -4.44 -20.68 17.75
C ALA A 877 -4.76 -21.21 19.15
N ASN A 878 -3.72 -21.52 19.94
CA ASN A 878 -3.92 -21.91 21.34
C ASN A 878 -3.42 -20.80 22.29
N SER A 879 -2.77 -19.77 21.72
CA SER A 879 -2.18 -18.67 22.47
C SER A 879 -1.67 -17.64 21.47
N SER A 880 -1.14 -16.51 21.97
CA SER A 880 -0.73 -15.39 21.12
C SER A 880 0.47 -15.78 20.26
N GLY A 881 0.42 -15.42 18.97
CA GLY A 881 1.48 -15.75 18.05
C GLY A 881 2.70 -14.85 18.24
N ALA A 882 3.89 -15.43 18.09
CA ALA A 882 5.13 -14.70 18.20
C ALA A 882 5.24 -13.72 17.04
N GLY A 883 4.45 -13.96 15.98
CA GLY A 883 4.36 -13.03 14.87
C GLY A 883 3.21 -13.39 13.93
N ASP A 884 2.97 -12.55 12.93
CA ASP A 884 1.86 -12.78 12.02
C ASP A 884 2.06 -14.05 11.17
N LEU A 885 0.95 -14.76 10.91
CA LEU A 885 0.95 -15.95 10.06
C LEU A 885 0.03 -15.71 8.89
N TYR A 886 0.58 -15.75 7.65
CA TYR A 886 -0.23 -15.66 6.45
C TYR A 886 -0.48 -17.08 5.93
N LEU A 887 -1.66 -17.29 5.33
CA LEU A 887 -2.07 -18.56 4.75
C LEU A 887 -2.58 -18.32 3.33
N ASP A 888 -2.13 -19.16 2.40
CA ASP A 888 -2.44 -18.98 0.99
C ASP A 888 -3.44 -20.03 0.53
N ASN A 889 -3.16 -21.29 0.94
CA ASN A 889 -3.94 -22.45 0.53
C ASN A 889 -3.45 -23.67 1.32
N ILE A 890 -4.20 -24.76 1.22
CA ILE A 890 -3.66 -26.07 1.52
C ILE A 890 -3.80 -26.93 0.28
N VAL A 891 -2.87 -27.86 0.13
CA VAL A 891 -2.91 -28.86 -0.91
C VAL A 891 -2.91 -30.22 -0.23
N ILE A 892 -3.87 -31.08 -0.59
CA ILE A 892 -4.02 -32.38 0.04
C ILE A 892 -3.73 -33.44 -1.01
N GLU A 893 -2.91 -34.43 -0.61
CA GLU A 893 -2.38 -35.41 -1.54
C GLU A 893 -2.21 -36.74 -0.82
N ARG A 894 -2.76 -37.80 -1.40
CA ARG A 894 -2.43 -39.19 -1.10
C ARG A 894 -0.96 -39.36 -0.78
N LYS A 895 -0.65 -39.99 0.37
CA LYS A 895 0.73 -40.34 0.69
C LYS A 895 1.08 -41.74 0.13
N PRO B 1 19.54 28.05 -1.62
CA PRO B 1 20.93 28.52 -1.97
C PRO B 1 20.90 29.63 -3.03
N GLY B 2 20.29 29.34 -4.20
CA GLY B 2 19.89 30.34 -5.19
C GLY B 2 21.08 30.91 -5.96
N THR B 3 20.84 31.32 -7.21
CA THR B 3 21.86 32.02 -7.97
C THR B 3 21.57 33.51 -7.88
N ALA B 4 22.55 34.30 -8.31
CA ALA B 4 22.41 35.75 -8.23
C ALA B 4 21.20 36.18 -9.06
N VAL B 5 21.17 35.71 -10.32
CA VAL B 5 20.14 36.10 -11.27
C VAL B 5 18.74 35.71 -10.76
N GLU B 6 18.62 34.55 -10.09
CA GLU B 6 17.32 34.08 -9.64
C GLU B 6 16.86 35.00 -8.50
N ASN B 7 17.74 35.24 -7.53
CA ASN B 7 17.49 36.19 -6.44
C ASN B 7 17.04 37.54 -7.02
N ILE B 8 17.74 38.04 -8.05
CA ILE B 8 17.50 39.39 -8.53
C ILE B 8 16.07 39.48 -9.06
N ASN B 9 15.68 38.48 -9.86
CA ASN B 9 14.41 38.49 -10.57
C ASN B 9 13.28 38.23 -9.57
N THR B 10 13.57 37.41 -8.56
CA THR B 10 12.58 37.19 -7.52
C THR B 10 12.17 38.55 -6.92
N ASN B 11 13.16 39.41 -6.68
CA ASN B 11 12.88 40.71 -6.09
C ASN B 11 12.12 41.61 -7.07
N VAL B 12 12.45 41.53 -8.36
CA VAL B 12 11.70 42.27 -9.37
C VAL B 12 10.23 41.88 -9.30
N LYS B 13 9.94 40.56 -9.28
CA LYS B 13 8.56 40.06 -9.30
C LYS B 13 7.84 40.49 -8.01
N ALA B 14 8.56 40.47 -6.89
CA ALA B 14 8.04 40.93 -5.62
C ALA B 14 7.65 42.42 -5.69
N LEU B 15 8.50 43.24 -6.33
CA LEU B 15 8.22 44.64 -6.44
C LEU B 15 6.88 44.83 -7.16
N ARG B 16 6.72 44.15 -8.30
CA ARG B 16 5.48 44.24 -9.07
C ARG B 16 4.27 43.87 -8.20
N LYS B 17 4.41 42.77 -7.47
CA LYS B 17 3.30 42.22 -6.71
C LYS B 17 2.92 43.17 -5.58
N LEU B 18 3.92 43.81 -4.96
CA LEU B 18 3.68 44.72 -3.86
C LEU B 18 2.87 45.90 -4.38
N ILE B 19 3.23 46.38 -5.58
CA ILE B 19 2.58 47.55 -6.16
C ILE B 19 1.16 47.19 -6.59
N GLU B 20 0.95 45.96 -7.06
CA GLU B 20 -0.39 45.49 -7.37
C GLU B 20 -1.23 45.40 -6.08
N ALA B 21 -0.66 44.79 -5.04
CA ALA B 21 -1.34 44.69 -3.76
C ALA B 21 -1.72 46.06 -3.21
N LYS B 22 -0.85 47.07 -3.40
CA LYS B 22 -1.15 48.42 -2.97
C LYS B 22 -2.43 48.92 -3.63
N GLN B 23 -2.46 48.86 -4.97
CA GLN B 23 -3.55 49.37 -5.78
C GLN B 23 -4.85 48.61 -5.51
N GLN B 24 -4.78 47.31 -5.25
CA GLN B 24 -5.98 46.52 -4.99
C GLN B 24 -6.28 46.46 -3.51
N ASP B 25 -5.46 47.15 -2.71
CA ASP B 25 -5.69 47.29 -1.27
C ASP B 25 -5.67 45.90 -0.61
N LEU B 26 -4.79 45.01 -1.08
CA LEU B 26 -4.61 43.74 -0.40
C LEU B 26 -3.86 44.04 0.89
N ALA B 27 -4.06 43.19 1.89
CA ALA B 27 -3.33 43.29 3.14
C ALA B 27 -2.18 42.29 3.15
N VAL B 28 -1.18 42.54 4.00
CA VAL B 28 -0.22 41.50 4.32
C VAL B 28 -0.86 40.67 5.42
N LYS B 29 -1.04 39.36 5.17
CA LYS B 29 -1.56 38.46 6.19
C LYS B 29 -0.42 38.05 7.12
N THR B 30 0.73 37.69 6.55
CA THR B 30 1.84 37.27 7.38
C THR B 30 3.15 37.48 6.63
N TYR B 31 4.23 37.69 7.37
CA TYR B 31 5.55 37.74 6.78
C TYR B 31 6.49 37.16 7.82
N ASN B 32 7.65 36.68 7.35
CA ASN B 32 8.52 35.93 8.24
C ASN B 32 9.95 35.92 7.68
N PRO B 33 10.93 36.41 8.47
CA PRO B 33 12.32 36.40 8.06
C PRO B 33 12.90 35.00 8.15
N VAL B 34 13.79 34.66 7.22
CA VAL B 34 14.53 33.42 7.28
C VAL B 34 16.01 33.74 7.17
N ASN B 35 16.84 32.89 7.76
CA ASN B 35 18.30 33.02 7.67
C ASN B 35 18.73 34.41 8.13
N ASN B 36 18.12 34.86 9.23
CA ASN B 36 18.51 36.08 9.88
C ASN B 36 18.12 37.30 9.06
N GLY B 37 16.97 37.24 8.36
CA GLY B 37 16.57 38.35 7.51
C GLY B 37 17.30 38.38 6.17
N ALA B 38 18.12 37.38 5.84
CA ALA B 38 18.69 37.26 4.52
C ALA B 38 17.57 37.13 3.48
N SER B 39 16.48 36.44 3.83
CA SER B 39 15.27 36.47 3.01
C SER B 39 14.01 36.54 3.88
N TYR B 40 12.84 36.73 3.23
CA TYR B 40 11.54 36.73 3.88
C TYR B 40 10.55 35.97 3.00
N THR B 41 9.59 35.26 3.61
CA THR B 41 8.35 34.87 2.93
C THR B 41 7.24 35.87 3.29
N ILE B 42 6.42 36.20 2.29
CA ILE B 42 5.31 37.13 2.45
C ILE B 42 4.04 36.40 2.06
N GLU B 43 3.01 36.44 2.91
CA GLU B 43 1.69 36.01 2.50
C GLU B 43 0.73 37.19 2.51
N LEU B 44 0.05 37.40 1.39
CA LEU B 44 -0.96 38.43 1.26
C LEU B 44 -2.36 37.85 1.47
N SER B 45 -3.36 38.75 1.50
CA SER B 45 -4.71 38.41 1.93
C SER B 45 -5.43 37.57 0.88
N ASP B 46 -5.04 37.70 -0.40
CA ASP B 46 -5.64 36.91 -1.48
C ASP B 46 -5.05 35.50 -1.57
N GLY B 47 -4.09 35.16 -0.69
CA GLY B 47 -3.48 33.83 -0.69
C GLY B 47 -2.14 33.77 -1.41
N THR B 48 -1.74 34.87 -2.08
CA THR B 48 -0.47 34.94 -2.78
C THR B 48 0.64 34.94 -1.74
N SER B 49 1.65 34.09 -1.99
CA SER B 49 2.84 34.03 -1.16
C SER B 49 4.06 34.11 -2.07
N PHE B 50 5.09 34.84 -1.61
CA PHE B 50 6.32 34.95 -2.37
C PHE B 50 7.48 35.28 -1.44
N SER B 51 8.70 35.24 -2.00
CA SER B 51 9.93 35.49 -1.27
C SER B 51 10.47 36.85 -1.69
N MET B 52 11.27 37.49 -0.80
CA MET B 52 12.11 38.63 -1.15
C MET B 52 13.48 38.42 -0.54
N TYR B 53 14.53 38.96 -1.16
CA TYR B 53 15.90 38.71 -0.72
C TYR B 53 16.55 40.01 -0.31
N ALA B 54 16.95 40.09 0.97
CA ALA B 54 17.78 41.18 1.44
C ALA B 54 19.24 40.89 1.10
N GLN B 55 19.61 39.61 0.98
CA GLN B 55 20.94 39.22 0.54
C GLN B 55 20.86 38.48 -0.81
N ILE B 56 21.79 38.82 -1.72
CA ILE B 56 21.90 38.22 -3.04
C ILE B 56 23.10 37.29 -3.06
N ALA B 57 22.94 36.08 -3.61
CA ALA B 57 24.07 35.22 -3.89
C ALA B 57 25.13 35.94 -4.75
N ALA B 58 26.39 35.65 -4.43
CA ALA B 58 27.51 36.21 -5.17
C ALA B 58 27.47 35.77 -6.63
N LEU B 59 27.95 36.65 -7.49
CA LEU B 59 28.13 36.28 -8.87
C LEU B 59 29.36 35.36 -8.98
N GLU B 60 29.20 34.27 -9.73
CA GLU B 60 30.21 33.26 -9.98
C GLU B 60 31.60 33.84 -10.23
N GLY B 61 32.65 33.17 -9.77
CA GLY B 61 34.01 33.48 -10.20
C GLY B 61 34.96 33.90 -9.07
N GLY B 62 34.40 34.13 -7.88
CA GLY B 62 35.16 34.23 -6.65
C GLY B 62 35.72 35.63 -6.37
N GLY B 63 35.22 36.65 -7.06
CA GLY B 63 35.56 38.03 -6.73
C GLY B 63 35.12 38.35 -5.29
N GLU B 64 35.88 39.25 -4.65
CA GLU B 64 35.71 39.54 -3.22
C GLU B 64 35.06 40.91 -3.02
N ASP B 65 35.17 41.81 -4.02
CA ASP B 65 34.69 43.18 -3.90
C ASP B 65 33.22 43.27 -4.25
N VAL B 66 32.59 44.39 -3.87
CA VAL B 66 31.19 44.67 -4.18
C VAL B 66 31.15 45.23 -5.59
N VAL B 67 30.45 44.55 -6.52
CA VAL B 67 30.41 44.98 -7.91
C VAL B 67 29.01 45.45 -8.30
N TYR B 68 28.89 45.94 -9.54
CA TYR B 68 27.64 46.38 -10.13
C TYR B 68 26.72 45.21 -10.42
N SER B 69 25.43 45.42 -10.11
CA SER B 69 24.36 44.63 -10.71
C SER B 69 23.15 45.55 -10.95
N PRO B 70 22.34 45.30 -12.00
CA PRO B 70 21.19 46.14 -12.29
C PRO B 70 20.22 46.28 -11.13
N LYS B 71 19.85 47.53 -10.81
CA LYS B 71 18.84 47.78 -9.79
C LYS B 71 17.54 48.16 -10.50
N VAL B 72 16.63 47.19 -10.60
CA VAL B 72 15.34 47.46 -11.16
C VAL B 72 14.43 47.81 -9.98
N GLY B 73 14.05 49.09 -9.93
CA GLY B 73 13.13 49.61 -8.96
C GLY B 73 11.88 50.16 -9.64
N ALA B 74 11.12 50.97 -8.90
CA ALA B 74 9.96 51.68 -9.42
C ALA B 74 9.85 53.06 -8.77
N LYS B 75 9.37 54.03 -9.56
CA LYS B 75 9.13 55.38 -9.10
C LYS B 75 7.77 55.83 -9.61
N VAL B 76 7.18 56.79 -8.89
CA VAL B 76 5.87 57.34 -9.19
C VAL B 76 6.03 58.53 -10.13
N GLU B 77 5.12 58.63 -11.11
CA GLU B 77 4.92 59.87 -11.85
C GLU B 77 3.43 59.99 -12.18
N HIS B 78 2.86 61.15 -11.86
CA HIS B 78 1.45 61.47 -12.11
C HIS B 78 0.57 60.26 -11.77
N ASP B 79 0.78 59.72 -10.56
CA ASP B 79 -0.10 58.76 -9.90
C ASP B 79 0.20 57.31 -10.28
N GLU B 80 1.12 57.09 -11.23
CA GLU B 80 1.31 55.79 -11.86
C GLU B 80 2.75 55.31 -11.60
N TYR B 81 2.91 54.00 -11.34
CA TYR B 81 4.22 53.41 -11.09
C TYR B 81 4.86 52.99 -12.42
N TYR B 82 6.13 53.39 -12.60
CA TYR B 82 6.92 53.01 -13.76
C TYR B 82 8.23 52.36 -13.29
N TRP B 83 8.84 51.53 -14.13
CA TRP B 83 10.03 50.80 -13.73
C TRP B 83 11.27 51.70 -13.81
N THR B 84 12.22 51.54 -12.88
CA THR B 84 13.49 52.26 -12.92
C THR B 84 14.61 51.27 -13.16
N LEU B 85 15.72 51.75 -13.76
CA LEU B 85 16.96 51.02 -13.93
C LEU B 85 18.10 51.87 -13.38
N ASP B 86 18.60 51.51 -12.18
CA ASP B 86 19.68 52.23 -11.53
C ASP B 86 19.26 53.68 -11.27
N ASP B 87 18.01 53.88 -10.86
CA ASP B 87 17.46 55.18 -10.48
C ASP B 87 17.31 56.16 -11.66
N VAL B 88 17.32 55.67 -12.90
CA VAL B 88 16.71 56.41 -13.98
C VAL B 88 15.51 55.57 -14.48
N TRP B 89 14.62 56.19 -15.25
CA TRP B 89 13.51 55.47 -15.86
C TRP B 89 14.05 54.32 -16.70
N LEU B 90 13.47 53.12 -16.58
CA LEU B 90 13.81 51.99 -17.44
C LEU B 90 13.22 52.23 -18.83
N THR B 91 14.10 52.34 -19.83
CA THR B 91 13.72 52.50 -21.24
C THR B 91 14.39 51.42 -22.07
N PHE B 92 13.82 51.13 -23.25
CA PHE B 92 14.39 50.18 -24.16
C PHE B 92 14.91 50.88 -25.41
N GLU B 93 14.02 51.14 -26.37
CA GLU B 93 14.40 51.71 -27.65
C GLU B 93 13.98 53.18 -27.64
N ASN B 94 12.72 53.42 -27.28
CA ASN B 94 12.00 54.65 -27.65
C ASN B 94 12.45 55.83 -26.79
N ASP B 95 13.04 55.54 -25.62
CA ASP B 95 13.09 56.48 -24.51
C ASP B 95 11.73 56.48 -23.81
N GLU B 96 10.93 55.44 -24.11
CA GLU B 96 9.60 55.25 -23.57
C GLU B 96 9.69 54.58 -22.19
N LYS B 97 8.96 55.12 -21.22
CA LYS B 97 8.86 54.53 -19.89
C LYS B 97 7.96 53.30 -19.95
N VAL B 98 8.14 52.42 -18.96
CA VAL B 98 7.45 51.14 -18.94
C VAL B 98 6.71 51.04 -17.61
N LYS B 99 5.38 50.85 -17.69
CA LYS B 99 4.52 50.91 -16.53
C LYS B 99 4.56 49.57 -15.82
N VAL B 100 4.59 49.61 -14.48
CA VAL B 100 4.67 48.42 -13.65
C VAL B 100 3.41 47.58 -13.84
N LEU B 101 2.27 48.25 -13.94
CA LEU B 101 0.99 47.61 -14.15
C LEU B 101 0.50 47.88 -15.57
N ASP B 102 0.43 46.83 -16.38
CA ASP B 102 -0.69 46.63 -17.27
C ASP B 102 -1.26 45.27 -16.88
N GLU B 103 -2.48 45.28 -16.31
CA GLU B 103 -3.15 44.10 -15.81
C GLU B 103 -3.42 43.09 -16.93
N ASN B 104 -3.15 43.51 -18.18
CA ASN B 104 -3.05 42.64 -19.33
C ASN B 104 -2.16 41.45 -19.02
N ASN B 105 -0.84 41.70 -18.84
CA ASN B 105 0.17 40.66 -18.73
C ASN B 105 0.58 40.45 -17.27
N THR B 106 1.40 39.42 -17.04
CA THR B 106 2.06 39.18 -15.77
C THR B 106 3.59 39.31 -15.92
N VAL B 107 4.05 39.44 -17.18
CA VAL B 107 5.45 39.61 -17.53
C VAL B 107 6.00 40.81 -16.73
N ALA B 108 7.19 40.61 -16.13
CA ALA B 108 7.92 41.68 -15.49
C ALA B 108 9.33 41.77 -16.08
N PRO B 109 10.04 42.92 -16.00
CA PRO B 109 11.40 42.96 -16.49
C PRO B 109 12.24 41.84 -15.89
N ILE B 110 13.00 41.17 -16.76
CA ILE B 110 13.82 40.03 -16.41
C ILE B 110 15.27 40.45 -16.57
N VAL B 111 16.04 40.24 -15.52
CA VAL B 111 17.47 40.45 -15.60
C VAL B 111 18.18 39.14 -15.93
N ASP B 112 19.24 39.20 -16.73
CA ASP B 112 20.01 38.01 -17.08
C ASP B 112 21.47 38.41 -17.33
N ILE B 113 22.32 37.40 -17.55
CA ILE B 113 23.65 37.58 -18.11
C ILE B 113 23.72 36.81 -19.42
N ASN B 114 24.13 37.46 -20.52
CA ASN B 114 24.14 36.83 -21.82
C ASN B 114 25.41 35.97 -21.97
N THR B 115 25.57 35.37 -23.15
CA THR B 115 26.66 34.44 -23.44
C THR B 115 27.99 35.19 -23.57
N ASP B 116 27.95 36.51 -23.81
CA ASP B 116 29.13 37.36 -23.87
C ASP B 116 29.52 37.92 -22.49
N GLY B 117 28.72 37.63 -21.46
CA GLY B 117 29.07 38.03 -20.11
C GLY B 117 28.60 39.44 -19.75
N TYR B 118 27.64 39.99 -20.51
CA TYR B 118 27.02 41.27 -20.21
C TYR B 118 25.67 41.05 -19.52
N TRP B 119 25.37 41.88 -18.49
CA TRP B 119 24.03 42.01 -17.94
C TRP B 119 23.04 42.38 -19.04
N THR B 120 21.81 41.86 -18.92
CA THR B 120 20.73 42.20 -19.83
C THR B 120 19.45 42.38 -19.04
N VAL B 121 18.55 43.17 -19.63
CA VAL B 121 17.22 43.36 -19.09
C VAL B 121 16.25 43.24 -20.25
N LYS B 122 15.24 42.39 -20.09
CA LYS B 122 14.28 42.05 -21.13
C LYS B 122 12.89 42.33 -20.60
N TYR B 123 12.02 42.87 -21.45
CA TYR B 123 10.60 43.04 -21.16
C TYR B 123 9.82 42.76 -22.45
N GLY B 124 8.96 41.74 -22.42
CA GLY B 124 8.35 41.23 -23.65
C GLY B 124 9.43 40.70 -24.59
N THR B 125 9.30 41.02 -25.87
CA THR B 125 10.25 40.61 -26.89
C THR B 125 11.42 41.59 -26.96
N LYS B 126 11.41 42.62 -26.09
CA LYS B 126 12.37 43.71 -26.13
C LYS B 126 13.53 43.42 -25.17
N SER B 127 14.73 43.89 -25.55
CA SER B 127 15.97 43.51 -24.90
C SER B 127 16.94 44.69 -24.90
N ARG B 128 17.69 44.85 -23.80
CA ARG B 128 18.75 45.85 -23.73
C ARG B 128 19.96 45.23 -23.03
N THR B 129 21.15 45.47 -23.59
CA THR B 129 22.40 44.99 -23.03
C THR B 129 22.98 46.10 -22.16
N LEU B 130 23.38 45.77 -20.94
CA LEU B 130 23.92 46.75 -20.02
C LEU B 130 25.42 46.48 -19.86
N ASP B 131 25.93 46.78 -18.67
CA ASP B 131 27.35 46.70 -18.38
C ASP B 131 27.81 45.24 -18.35
N LYS B 132 29.10 45.05 -18.64
CA LYS B 132 29.79 43.80 -18.44
C LYS B 132 29.57 43.33 -17.01
N ALA B 133 29.28 42.04 -16.81
CA ALA B 133 29.16 41.53 -15.46
C ALA B 133 30.58 41.15 -15.03
N VAL B 134 30.94 41.52 -13.80
CA VAL B 134 32.22 41.19 -13.21
C VAL B 134 31.88 40.35 -11.99
N SER B 135 32.69 39.33 -11.71
CA SER B 135 32.60 38.54 -10.50
C SER B 135 32.65 39.42 -9.25
N GLY B 136 31.83 39.11 -8.23
CA GLY B 136 31.92 39.79 -6.95
C GLY B 136 30.61 39.71 -6.16
N LYS B 137 30.62 40.38 -4.99
CA LYS B 137 29.45 40.48 -4.13
C LYS B 137 28.50 41.50 -4.74
N LEU B 138 27.19 41.24 -4.61
CA LEU B 138 26.16 42.14 -5.13
C LEU B 138 25.32 42.63 -3.96
N THR B 139 24.67 43.79 -4.12
CA THR B 139 23.72 44.26 -3.14
C THR B 139 22.31 44.08 -3.71
N SER B 140 21.37 43.82 -2.80
CA SER B 140 19.96 43.69 -3.14
C SER B 140 19.38 45.05 -3.47
N GLN B 141 18.29 45.04 -4.23
CA GLN B 141 17.45 46.21 -4.41
C GLN B 141 16.47 46.38 -3.24
N PHE B 142 16.31 45.30 -2.45
CA PHE B 142 15.38 45.26 -1.34
C PHE B 142 16.15 45.25 -0.03
N LYS B 143 15.67 46.02 0.95
CA LYS B 143 16.36 46.23 2.21
C LYS B 143 15.73 45.34 3.27
N GLN B 144 14.46 45.60 3.58
CA GLN B 144 13.82 44.98 4.74
C GLN B 144 12.31 45.18 4.65
N VAL B 145 11.59 44.29 5.33
CA VAL B 145 10.21 44.55 5.69
C VAL B 145 10.19 44.78 7.20
N SER B 146 9.21 45.55 7.67
CA SER B 146 9.02 45.76 9.09
C SER B 146 7.59 46.23 9.34
N THR B 147 7.20 46.22 10.63
CA THR B 147 5.86 46.59 11.05
C THR B 147 5.90 48.00 11.66
N ILE B 148 4.94 48.86 11.22
CA ILE B 148 4.79 50.22 11.73
C ILE B 148 3.49 50.30 12.52
N GLY B 149 3.55 50.91 13.71
CA GLY B 149 2.47 50.79 14.69
C GLY B 149 2.13 49.32 14.89
N ASP B 150 0.83 48.99 14.84
CA ASP B 150 0.36 47.63 14.61
C ASP B 150 -0.79 47.66 13.61
N GLU B 151 -0.74 48.66 12.71
CA GLU B 151 -1.74 48.76 11.67
C GLU B 151 -1.20 48.22 10.36
N SER B 152 0.13 48.24 10.18
CA SER B 152 0.73 48.43 8.87
C SER B 152 2.04 47.65 8.73
N VAL B 153 2.44 47.38 7.47
CA VAL B 153 3.67 46.67 7.12
C VAL B 153 4.38 47.45 6.02
N SER B 154 5.66 47.73 6.23
CA SER B 154 6.45 48.58 5.35
C SER B 154 7.55 47.78 4.65
N PHE B 155 7.61 47.88 3.31
CA PHE B 155 8.69 47.33 2.51
C PHE B 155 9.63 48.45 2.09
N THR B 156 10.91 48.32 2.51
CA THR B 156 11.94 49.30 2.25
C THR B 156 12.96 48.73 1.26
N PHE B 157 13.49 49.63 0.41
CA PHE B 157 14.36 49.31 -0.72
C PHE B 157 15.67 50.10 -0.60
N THR B 158 16.65 49.77 -1.46
CA THR B 158 17.98 50.33 -1.33
C THR B 158 18.24 51.39 -2.40
N ASP B 159 17.24 51.81 -3.18
CA ASP B 159 17.49 52.61 -4.38
C ASP B 159 16.49 53.75 -4.62
N ARG B 160 15.82 54.30 -3.61
CA ARG B 160 14.92 55.43 -3.89
C ARG B 160 13.58 55.00 -4.49
N THR B 161 13.40 53.72 -4.81
CA THR B 161 12.05 53.22 -4.85
C THR B 161 11.42 53.58 -3.51
N PRO B 162 10.26 54.25 -3.47
CA PRO B 162 9.67 54.67 -2.20
C PRO B 162 9.21 53.50 -1.34
N VAL B 163 9.17 53.75 -0.03
CA VAL B 163 8.56 52.83 0.93
C VAL B 163 7.16 52.45 0.43
N ILE B 164 6.87 51.15 0.50
CA ILE B 164 5.55 50.64 0.17
C ILE B 164 4.92 50.12 1.47
N GLU B 165 3.78 50.70 1.83
CA GLU B 165 3.07 50.37 3.05
C GLU B 165 1.78 49.67 2.67
N LEU B 166 1.56 48.53 3.29
CA LEU B 166 0.36 47.74 3.11
C LEU B 166 -0.27 47.58 4.49
N ASN B 167 -1.58 47.42 4.53
CA ASN B 167 -2.25 47.10 5.79
C ASN B 167 -1.85 45.69 6.23
N LEU B 168 -1.88 45.49 7.55
CA LEU B 168 -1.70 44.21 8.20
C LEU B 168 -3.06 43.60 8.53
N PHE B 169 -3.26 42.33 8.17
CA PHE B 169 -4.58 41.73 8.08
C PHE B 169 -5.21 41.59 9.46
N LYS B 170 -6.28 42.35 9.68
CA LYS B 170 -7.10 42.26 10.88
C LYS B 170 -8.06 41.08 10.75
N GLY B 171 -7.80 40.02 11.51
CA GLY B 171 -8.78 38.95 11.70
C GLY B 171 -9.93 39.40 12.60
N ASP B 172 -11.12 38.82 12.41
CA ASP B 172 -12.26 39.01 13.29
C ASP B 172 -12.61 37.68 13.99
N ASN B 173 -11.58 36.88 14.31
CA ASN B 173 -11.74 35.64 15.06
C ASN B 173 -11.96 35.93 16.55
N PRO B 174 -12.59 35.00 17.31
CA PRO B 174 -12.35 34.92 18.75
C PRO B 174 -10.89 34.52 19.04
N GLU B 175 -10.16 35.42 19.71
CA GLU B 175 -8.79 35.19 20.13
C GLU B 175 -8.78 34.15 21.24
N ILE B 176 -7.88 33.16 21.12
CA ILE B 176 -7.74 32.08 22.10
C ILE B 176 -6.74 32.52 23.17
N PRO B 177 -7.15 32.65 24.46
CA PRO B 177 -6.25 33.15 25.51
C PRO B 177 -5.15 32.14 25.80
N PRO B 178 -3.86 32.55 25.90
CA PRO B 178 -2.78 31.58 26.05
C PRO B 178 -2.75 30.98 27.47
N VAL B 179 -2.11 29.84 27.63
CA VAL B 179 -1.90 29.24 28.93
C VAL B 179 -0.68 29.92 29.55
N THR B 180 -0.86 30.50 30.75
CA THR B 180 0.20 31.25 31.41
C THR B 180 0.16 30.90 32.88
N GLY B 181 1.28 31.17 33.58
CA GLY B 181 1.38 31.02 35.03
C GLY B 181 2.14 29.76 35.41
N ALA B 182 1.42 28.81 35.98
CA ALA B 182 1.92 27.50 36.36
C ALA B 182 2.48 26.72 35.18
N LEU B 183 3.48 25.90 35.49
CA LEU B 183 3.97 24.88 34.57
C LEU B 183 2.84 24.19 33.83
N ARG B 184 2.95 24.15 32.50
CA ARG B 184 1.96 23.53 31.64
C ARG B 184 1.90 22.03 31.92
N ARG B 185 3.09 21.43 32.03
CA ARG B 185 3.29 20.00 32.08
C ARG B 185 4.37 19.73 33.11
N PRO B 186 4.02 19.64 34.42
CA PRO B 186 5.01 19.33 35.45
C PRO B 186 5.77 18.04 35.19
N ILE B 187 7.08 18.10 35.48
CA ILE B 187 7.94 16.94 35.41
C ILE B 187 8.44 16.71 36.82
N SER B 188 8.49 15.43 37.23
CA SER B 188 8.98 15.08 38.55
C SER B 188 9.25 13.58 38.57
N PRO B 189 9.72 13.02 39.69
CA PRO B 189 9.87 11.57 39.80
C PRO B 189 8.56 10.85 39.50
N GLU B 190 7.44 11.53 39.72
CA GLU B 190 6.13 10.93 39.57
C GLU B 190 5.65 11.06 38.13
N GLN B 191 6.24 12.01 37.42
CA GLN B 191 5.84 12.38 36.09
C GLN B 191 7.09 12.57 35.25
N PRO B 192 7.86 11.48 35.02
CA PRO B 192 9.04 11.59 34.20
C PRO B 192 8.64 11.92 32.76
N ALA B 193 9.64 12.31 31.95
CA ALA B 193 9.37 12.69 30.58
C ALA B 193 10.40 12.08 29.65
N TRP B 194 9.92 11.56 28.52
CA TRP B 194 10.75 11.11 27.42
C TRP B 194 10.60 12.08 26.26
N PHE B 195 11.70 12.73 25.87
CA PHE B 195 11.74 13.56 24.68
C PHE B 195 12.01 12.67 23.47
N VAL B 196 10.97 12.46 22.66
CA VAL B 196 11.00 11.65 21.47
C VAL B 196 11.03 12.58 20.25
N HIS B 197 12.02 12.37 19.37
CA HIS B 197 12.29 13.34 18.31
C HIS B 197 11.41 13.05 17.10
N ILE B 198 10.73 14.08 16.63
CA ILE B 198 10.24 14.20 15.27
C ILE B 198 11.36 14.95 14.53
N ASP B 199 12.08 14.24 13.65
CA ASP B 199 13.40 14.67 13.23
C ASP B 199 13.40 15.02 11.76
N SER B 200 13.92 16.22 11.45
CA SER B 200 14.21 16.63 10.09
C SER B 200 15.00 15.57 9.28
N TRP B 201 15.93 14.88 9.93
CA TRP B 201 16.69 13.85 9.26
C TRP B 201 15.87 12.60 8.92
N ASN B 202 14.71 12.39 9.57
CA ASN B 202 13.78 11.33 9.18
C ASN B 202 12.84 11.80 8.07
N TYR B 203 12.96 13.06 7.62
CA TYR B 203 12.00 13.69 6.71
C TYR B 203 10.58 13.37 7.14
N ALA B 204 10.28 13.62 8.41
CA ALA B 204 9.14 12.98 9.07
C ALA B 204 7.80 13.47 8.56
N ASP B 205 6.82 12.57 8.57
CA ASP B 205 5.43 12.94 8.77
C ASP B 205 5.18 12.90 10.28
N PRO B 206 4.95 14.05 10.95
CA PRO B 206 4.85 14.06 12.40
C PRO B 206 3.80 13.09 12.93
N GLN B 207 2.68 12.97 12.19
CA GLN B 207 1.58 12.09 12.58
C GLN B 207 2.08 10.66 12.74
N LYS B 208 3.06 10.24 11.90
CA LYS B 208 3.45 8.85 11.83
C LYS B 208 4.52 8.54 12.88
N ILE B 209 5.34 9.53 13.26
CA ILE B 209 6.22 9.35 14.41
C ILE B 209 5.41 9.32 15.71
N ILE B 210 4.47 10.27 15.87
CA ILE B 210 3.57 10.26 17.01
C ILE B 210 2.95 8.86 17.18
N ASP B 211 2.41 8.30 16.10
CA ASP B 211 1.62 7.08 16.18
C ASP B 211 2.51 5.84 16.39
N LEU B 212 3.84 5.99 16.34
CA LEU B 212 4.77 4.92 16.68
C LEU B 212 4.97 4.82 18.18
N ILE B 213 4.54 5.82 18.95
CA ILE B 213 4.68 5.76 20.41
C ILE B 213 3.43 5.12 21.00
N PRO B 214 3.56 3.98 21.68
CA PRO B 214 2.37 3.30 22.20
C PRO B 214 1.58 4.16 23.19
N ALA B 215 0.28 3.83 23.34
CA ALA B 215 -0.70 4.67 24.02
C ALA B 215 -0.32 4.86 25.49
N ASP B 216 0.34 3.85 26.11
CA ASP B 216 0.70 3.92 27.52
C ASP B 216 1.90 4.85 27.71
N ILE B 217 2.70 5.05 26.65
CA ILE B 217 3.91 5.88 26.74
C ILE B 217 3.58 7.33 26.36
N ARG B 218 2.62 7.52 25.44
CA ARG B 218 2.35 8.83 24.85
C ARG B 218 2.16 9.92 25.91
N PRO B 219 1.35 9.71 26.97
CA PRO B 219 1.16 10.75 27.99
C PRO B 219 2.43 11.22 28.68
N PHE B 220 3.47 10.37 28.70
CA PHE B 220 4.74 10.71 29.33
C PHE B 220 5.70 11.29 28.29
N THR B 221 5.30 11.32 27.02
CA THR B 221 6.16 11.74 25.94
C THR B 221 6.04 13.25 25.73
N ILE B 222 7.18 13.88 25.44
CA ILE B 222 7.20 15.23 24.94
C ILE B 222 7.89 15.16 23.58
N PHE B 223 7.18 15.48 22.50
CA PHE B 223 7.72 15.37 21.15
C PHE B 223 8.64 16.54 20.87
N ASN B 224 9.89 16.20 20.55
CA ASN B 224 10.96 17.16 20.27
C ASN B 224 11.09 17.36 18.76
N ILE B 225 10.53 18.48 18.32
CA ILE B 225 10.54 18.90 16.93
C ILE B 225 11.95 19.41 16.62
N SER B 226 12.73 18.58 15.93
CA SER B 226 14.15 18.78 15.77
C SER B 226 14.46 19.38 14.40
N LEU B 227 15.03 20.60 14.40
CA LEU B 227 15.45 21.28 13.19
C LEU B 227 16.95 21.14 13.02
N SER B 228 17.40 20.56 11.92
CA SER B 228 18.83 20.41 11.68
C SER B 228 19.44 21.77 11.36
N VAL B 229 20.67 21.97 11.80
CA VAL B 229 21.38 23.20 11.54
C VAL B 229 22.33 23.01 10.36
N SER B 230 22.12 21.95 9.56
CA SER B 230 22.90 21.75 8.33
C SER B 230 22.76 22.94 7.40
N HIS B 231 23.89 23.46 6.92
CA HIS B 231 23.85 24.70 6.16
C HIS B 231 24.98 24.77 5.15
N ASP B 232 24.80 25.67 4.18
CA ASP B 232 25.80 26.02 3.20
C ASP B 232 26.87 26.86 3.90
N GLU B 233 28.12 26.47 3.70
CA GLU B 233 29.26 27.03 4.42
C GLU B 233 29.39 28.54 4.18
N ALA B 234 29.18 28.96 2.93
CA ALA B 234 29.55 30.29 2.47
C ALA B 234 28.48 31.34 2.81
N THR B 235 27.20 30.97 2.70
CA THR B 235 26.08 31.90 2.82
C THR B 235 25.37 31.74 4.17
N GLY B 236 25.50 30.57 4.80
CA GLY B 236 24.86 30.27 6.08
C GLY B 236 23.47 29.61 5.92
N ILE B 237 23.01 29.42 4.69
CA ILE B 237 21.62 29.07 4.44
C ILE B 237 21.40 27.61 4.79
N TYR B 238 20.31 27.35 5.55
CA TYR B 238 19.96 26.01 6.03
C TYR B 238 19.49 25.21 4.81
N ASN B 239 19.82 23.91 4.79
CA ASN B 239 19.43 23.05 3.69
C ASN B 239 18.45 21.99 4.20
N VAL B 240 18.90 21.04 5.04
CA VAL B 240 18.07 19.90 5.42
C VAL B 240 16.73 20.37 5.98
N SER B 241 16.83 21.36 6.88
CA SER B 241 15.69 22.08 7.41
C SER B 241 15.65 23.50 6.85
N GLU B 242 15.43 23.64 5.54
CA GLU B 242 15.52 24.93 4.87
C GLU B 242 14.66 25.95 5.62
N TYR B 243 13.43 25.57 5.97
CA TYR B 243 12.48 26.49 6.56
C TYR B 243 12.08 26.01 7.95
N GLY B 244 12.91 26.33 8.93
CA GLY B 244 12.74 25.87 10.30
C GLY B 244 11.43 26.35 10.91
N TYR B 245 11.16 27.65 10.78
CA TYR B 245 9.91 28.19 11.29
C TYR B 245 8.78 27.34 10.74
N GLU B 246 8.78 27.15 9.40
CA GLU B 246 7.70 26.44 8.75
C GLU B 246 7.60 25.00 9.23
N ILE B 247 8.74 24.32 9.42
CA ILE B 247 8.74 22.94 9.89
C ILE B 247 8.10 22.89 11.29
N ALA B 248 8.66 23.71 12.19
CA ALA B 248 8.22 23.74 13.56
C ALA B 248 6.73 24.04 13.64
N LYS B 249 6.26 25.06 12.91
CA LYS B 249 4.85 25.43 12.96
C LYS B 249 3.93 24.28 12.50
N SER B 250 4.28 23.64 11.40
CA SER B 250 3.47 22.57 10.85
C SER B 250 3.44 21.36 11.80
N TRP B 251 4.61 20.90 12.25
CA TRP B 251 4.67 19.72 13.12
C TRP B 251 4.07 20.00 14.50
N LEU B 252 4.14 21.25 14.96
CA LEU B 252 3.55 21.64 16.23
C LEU B 252 2.03 21.62 16.14
N ARG B 253 1.50 22.02 14.97
CA ARG B 253 0.06 21.95 14.78
C ARG B 253 -0.41 20.50 14.80
N THR B 254 0.38 19.60 14.17
CA THR B 254 0.01 18.20 14.14
C THR B 254 0.07 17.66 15.57
N CYS B 255 1.09 18.07 16.33
CA CYS B 255 1.17 17.69 17.73
C CYS B 255 -0.07 18.16 18.47
N ALA B 256 -0.46 19.40 18.19
CA ALA B 256 -1.51 20.05 18.94
C ALA B 256 -2.82 19.34 18.64
N GLU B 257 -3.06 19.06 17.35
CA GLU B 257 -4.21 18.30 16.92
C GLU B 257 -4.26 16.92 17.59
N ASN B 258 -3.11 16.26 17.77
CA ASN B 258 -3.05 14.97 18.44
C ASN B 258 -3.09 15.08 19.97
N ASN B 259 -3.14 16.30 20.57
CA ASN B 259 -3.23 16.47 22.01
C ASN B 259 -2.02 15.85 22.71
N VAL B 260 -0.82 16.07 22.14
CA VAL B 260 0.44 15.60 22.72
C VAL B 260 1.35 16.80 22.97
N TRP B 261 2.13 16.71 24.04
CA TRP B 261 3.06 17.77 24.42
C TRP B 261 4.22 17.82 23.43
N ALA B 262 4.78 19.01 23.21
CA ALA B 262 5.83 19.19 22.23
C ALA B 262 6.81 20.30 22.60
N MET B 263 8.05 20.15 22.15
CA MET B 263 9.04 21.21 22.19
C MET B 263 9.61 21.41 20.80
N VAL B 264 10.30 22.54 20.59
CA VAL B 264 11.03 22.78 19.37
C VAL B 264 12.51 22.86 19.71
N GLN B 265 13.32 22.24 18.84
CA GLN B 265 14.77 22.25 18.97
C GLN B 265 15.33 22.98 17.75
N PRO B 266 15.61 24.30 17.90
CA PRO B 266 16.05 25.11 16.77
C PRO B 266 17.57 25.25 16.69
N SER B 267 18.30 24.57 17.56
CA SER B 267 19.71 24.89 17.74
C SER B 267 20.49 23.66 18.14
N SER B 268 21.61 23.47 17.46
CA SER B 268 22.68 22.61 17.94
C SER B 268 23.95 23.47 17.94
N GLY B 269 24.65 23.54 19.06
CA GLY B 269 25.72 24.50 19.15
C GLY B 269 25.23 25.91 18.85
N GLY B 270 26.13 26.75 18.35
CA GLY B 270 25.83 28.16 18.22
C GLY B 270 24.75 28.43 17.18
N PHE B 271 24.68 27.58 16.16
CA PHE B 271 23.75 27.81 15.07
C PHE B 271 22.32 27.63 15.56
N SER B 272 21.46 28.53 15.06
CA SER B 272 20.05 28.51 15.38
C SER B 272 19.23 29.02 14.21
N HIS B 273 18.07 28.39 14.00
CA HIS B 273 17.11 28.86 13.02
C HIS B 273 16.56 30.24 13.38
N PHE B 274 16.52 30.53 14.68
CA PHE B 274 15.85 31.74 15.16
C PHE B 274 16.92 32.69 15.72
N LYS B 275 16.65 33.99 15.58
CA LYS B 275 17.57 35.02 16.03
C LYS B 275 17.62 35.05 17.56
N ASP B 276 18.84 35.19 18.08
CA ASP B 276 19.03 35.36 19.50
C ASP B 276 18.70 36.80 19.91
N VAL B 277 18.13 36.98 21.13
CA VAL B 277 17.75 38.28 21.66
C VAL B 277 18.72 38.70 22.78
N SER B 278 18.68 39.98 23.15
CA SER B 278 19.43 40.48 24.31
C SER B 278 18.50 41.17 25.28
N LEU B 279 17.32 41.64 24.83
CA LEU B 279 16.41 42.27 25.76
C LEU B 279 15.03 41.61 25.68
N TYR B 280 14.43 41.46 26.86
CA TYR B 280 13.13 40.85 27.04
C TYR B 280 12.10 41.57 26.17
N SER B 281 12.22 42.91 26.07
CA SER B 281 11.27 43.69 25.31
C SER B 281 11.11 43.12 23.89
N GLN B 282 12.14 42.45 23.37
CA GLN B 282 12.14 42.10 21.97
C GLN B 282 11.06 41.07 21.66
N PHE B 283 10.62 40.31 22.66
CA PHE B 283 9.70 39.21 22.42
C PHE B 283 8.34 39.76 21.96
N GLU B 284 8.02 41.02 22.26
CA GLU B 284 6.74 41.57 21.83
C GLU B 284 6.90 42.68 20.81
N SER B 285 8.04 43.38 20.80
CA SER B 285 8.12 44.55 19.93
C SER B 285 9.13 44.37 18.79
N ASP B 286 9.78 43.21 18.63
CA ASP B 286 10.78 43.07 17.57
C ASP B 286 10.28 42.08 16.53
N ASP B 287 10.05 42.56 15.30
CA ASP B 287 9.45 41.68 14.28
C ASP B 287 10.47 40.66 13.75
N LYS B 288 11.73 40.72 14.20
CA LYS B 288 12.71 39.72 13.81
C LYS B 288 12.65 38.44 14.66
N VAL B 289 11.90 38.41 15.77
CA VAL B 289 11.93 37.28 16.68
C VAL B 289 10.52 36.92 17.15
N ARG B 290 9.54 37.02 16.26
CA ARG B 290 8.17 36.70 16.61
C ARG B 290 8.02 35.26 17.12
N VAL B 291 8.88 34.35 16.67
CA VAL B 291 8.67 32.94 16.82
C VAL B 291 8.55 32.55 18.30
N TYR B 292 9.33 33.18 19.17
CA TYR B 292 9.37 32.73 20.55
C TYR B 292 8.03 32.93 21.23
N ASP B 293 7.44 34.13 21.11
CA ASP B 293 6.15 34.36 21.75
C ASP B 293 5.05 33.54 21.08
N GLU B 294 5.13 33.44 19.75
CA GLU B 294 4.11 32.81 18.94
C GLU B 294 3.84 31.37 19.36
N PHE B 295 4.90 30.55 19.48
CA PHE B 295 4.68 29.15 19.78
C PHE B 295 4.01 29.00 21.14
N PHE B 296 4.39 29.82 22.12
CA PHE B 296 3.82 29.69 23.45
C PHE B 296 2.36 30.16 23.40
N ARG B 297 2.10 31.27 22.70
CA ARG B 297 0.79 31.89 22.72
C ARG B 297 -0.27 31.05 22.02
N GLU B 298 0.10 30.35 20.94
CA GLU B 298 -0.86 29.78 20.00
C GLU B 298 -1.14 28.29 20.22
N TYR B 299 -0.17 27.59 20.84
CA TYR B 299 -0.20 26.15 21.03
C TYR B 299 -0.16 25.85 22.52
N PRO B 300 -1.29 25.47 23.15
CA PRO B 300 -1.26 25.18 24.58
C PRO B 300 -0.40 23.96 24.90
N ASN B 301 -0.01 23.20 23.88
CA ASN B 301 0.71 21.95 24.10
C ASN B 301 2.20 22.21 23.97
N PHE B 302 2.55 23.44 23.57
CA PHE B 302 3.94 23.74 23.35
C PHE B 302 4.61 24.03 24.70
N LEU B 303 5.79 23.44 24.92
CA LEU B 303 6.47 23.53 26.20
C LEU B 303 7.71 24.42 26.14
N GLY B 304 8.27 24.65 24.95
CA GLY B 304 9.44 25.49 24.86
C GLY B 304 10.52 24.97 23.90
N PHE B 305 11.70 25.60 24.05
CA PHE B 305 12.81 25.46 23.15
C PHE B 305 13.95 24.66 23.78
N ASN B 306 14.56 23.82 22.95
CA ASN B 306 15.60 22.90 23.35
C ASN B 306 16.86 23.27 22.56
N TYR B 307 17.86 23.78 23.28
CA TYR B 307 19.13 24.14 22.68
C TYR B 307 20.10 23.02 22.99
N CYS B 308 20.42 22.19 21.97
CA CYS B 308 21.19 20.99 22.25
C CYS B 308 22.67 21.17 21.98
N GLU B 309 23.46 20.22 22.50
CA GLU B 309 24.91 20.16 22.40
C GLU B 309 25.53 21.55 22.29
N GLN B 310 25.35 22.34 23.34
CA GLN B 310 25.80 23.72 23.35
C GLN B 310 27.28 23.77 23.69
N PHE B 311 28.14 23.26 22.79
CA PHE B 311 29.57 23.17 23.06
C PHE B 311 30.42 23.52 21.84
N TRP B 312 29.80 23.76 20.67
CA TRP B 312 30.52 23.94 19.42
C TRP B 312 29.79 24.99 18.58
N GLY B 313 30.48 25.50 17.55
CA GLY B 313 29.90 26.27 16.45
C GLY B 313 29.48 27.68 16.83
N TYR B 314 30.17 28.27 17.82
CA TYR B 314 29.99 29.64 18.24
C TYR B 314 30.96 30.51 17.45
N ASP B 315 30.61 31.81 17.31
CA ASP B 315 31.55 32.79 16.79
C ASP B 315 31.84 32.49 15.32
N ASP B 316 30.89 31.80 14.67
CA ASP B 316 30.93 31.64 13.23
C ASP B 316 30.38 32.91 12.61
N GLN B 317 30.72 33.13 11.35
CA GLN B 317 30.13 34.23 10.60
C GLN B 317 28.60 34.17 10.73
N PHE B 318 28.03 32.95 10.75
CA PHE B 318 26.59 32.77 10.73
C PHE B 318 26.02 32.26 12.06
N SER B 319 26.73 32.54 13.17
CA SER B 319 26.22 32.20 14.50
C SER B 319 26.67 33.25 15.52
N VAL B 320 26.21 33.09 16.76
CA VAL B 320 26.49 34.02 17.84
C VAL B 320 27.66 33.48 18.68
N SER B 321 28.22 34.37 19.52
CA SER B 321 29.11 34.00 20.61
C SER B 321 28.31 33.25 21.66
N TRP B 322 29.02 32.41 22.42
CA TRP B 322 28.42 31.70 23.53
C TRP B 322 27.87 32.68 24.56
N LEU B 323 28.62 33.76 24.83
CA LEU B 323 28.15 34.81 25.72
C LEU B 323 26.78 35.35 25.26
N GLN B 324 26.62 35.55 23.95
CA GLN B 324 25.38 36.12 23.44
C GLN B 324 24.26 35.11 23.63
N ARG B 325 24.62 33.81 23.52
CA ARG B 325 23.66 32.74 23.63
C ARG B 325 23.12 32.70 25.06
N VAL B 326 23.99 32.95 26.02
CA VAL B 326 23.57 32.95 27.42
C VAL B 326 22.66 34.14 27.69
N ALA B 327 23.00 35.31 27.14
CA ALA B 327 22.15 36.49 27.26
C ALA B 327 20.78 36.20 26.64
N HIS B 328 20.75 35.48 25.51
CA HIS B 328 19.51 35.00 24.94
C HIS B 328 18.73 34.13 25.94
N TRP B 329 19.41 33.17 26.59
CA TRP B 329 18.77 32.29 27.54
C TRP B 329 18.22 33.03 28.75
N ASN B 330 18.94 34.06 29.20
CA ASN B 330 18.48 34.92 30.26
C ASN B 330 17.09 35.52 29.92
N GLN B 331 16.87 35.99 28.69
CA GLN B 331 15.57 36.55 28.37
C GLN B 331 14.56 35.42 28.13
N LEU B 332 15.01 34.37 27.42
CA LEU B 332 14.09 33.33 27.00
C LEU B 332 13.53 32.60 28.23
N LEU B 333 14.31 32.59 29.31
CA LEU B 333 13.89 31.87 30.51
C LEU B 333 12.74 32.63 31.14
N LYS B 334 12.80 33.96 31.05
CA LYS B 334 11.76 34.81 31.55
C LYS B 334 10.50 34.56 30.72
N LEU B 335 10.65 34.49 29.40
CA LEU B 335 9.48 34.29 28.56
C LEU B 335 8.86 32.94 28.88
N THR B 336 9.73 31.95 29.02
CA THR B 336 9.36 30.58 29.33
C THR B 336 8.62 30.53 30.64
N HIS B 337 9.12 31.27 31.66
CA HIS B 337 8.49 31.24 32.96
C HIS B 337 7.07 31.82 32.87
N LYS B 338 6.91 32.95 32.18
CA LYS B 338 5.59 33.51 31.99
C LYS B 338 4.59 32.45 31.52
N TYR B 339 4.98 31.65 30.51
CA TYR B 339 4.08 30.69 29.89
C TYR B 339 4.10 29.32 30.56
N GLY B 340 4.91 29.15 31.61
CA GLY B 340 4.97 27.86 32.30
C GLY B 340 5.61 26.73 31.50
N GLY B 341 6.64 27.07 30.70
CA GLY B 341 7.35 26.13 29.87
C GLY B 341 8.69 25.70 30.47
N TYR B 342 9.51 25.07 29.61
CA TYR B 342 10.86 24.69 29.96
C TYR B 342 11.80 25.23 28.89
N LEU B 343 12.95 25.68 29.34
CA LEU B 343 14.12 25.86 28.50
C LEU B 343 15.08 24.71 28.77
N VAL B 344 15.37 23.91 27.74
CA VAL B 344 16.23 22.76 27.91
C VAL B 344 17.59 23.08 27.29
N VAL B 345 18.66 22.75 28.01
CA VAL B 345 19.99 22.81 27.46
C VAL B 345 20.65 21.45 27.69
N SER B 346 21.39 20.95 26.68
CA SER B 346 22.20 19.73 26.88
C SER B 346 23.66 20.04 26.61
N PHE B 347 24.54 19.33 27.30
CA PHE B 347 25.97 19.62 27.19
C PHE B 347 26.75 18.31 27.14
N CYS B 348 27.67 18.28 26.17
CA CYS B 348 28.74 17.31 26.05
C CYS B 348 30.01 18.12 25.90
N GLY B 349 31.13 17.60 26.39
CA GLY B 349 32.33 18.41 26.58
C GLY B 349 33.54 17.92 25.79
N ASN B 350 34.50 18.83 25.60
CA ASN B 350 35.89 18.57 25.26
C ASN B 350 36.76 19.58 25.99
N THR B 351 38.09 19.52 25.79
CA THR B 351 39.00 20.34 26.55
C THR B 351 38.80 21.82 26.20
N TRP B 352 38.40 22.12 24.96
CA TRP B 352 38.34 23.51 24.54
C TRP B 352 37.07 24.23 24.98
N SER B 353 36.06 23.47 25.42
CA SER B 353 34.75 23.96 25.81
C SER B 353 34.56 23.98 27.33
N ALA B 354 35.63 23.93 28.11
CA ALA B 354 35.51 24.08 29.56
C ALA B 354 34.88 25.43 29.93
N ASN B 355 35.27 26.51 29.27
CA ASN B 355 34.82 27.87 29.55
C ASN B 355 33.37 28.16 29.14
N ILE B 356 32.66 27.15 28.62
CA ILE B 356 31.26 27.30 28.23
C ILE B 356 30.41 26.14 28.76
N ASN B 357 30.95 25.36 29.72
CA ASN B 357 30.25 24.24 30.32
C ASN B 357 29.27 24.76 31.39
N PRO B 358 28.43 23.89 31.97
CA PRO B 358 27.42 24.34 32.92
C PRO B 358 27.92 25.02 34.20
N ILE B 359 29.22 24.89 34.52
CA ILE B 359 29.75 25.69 35.62
C ILE B 359 29.91 27.13 35.13
N ALA B 360 30.57 27.29 33.97
CA ALA B 360 30.88 28.59 33.42
C ALA B 360 29.56 29.32 33.17
N LEU B 361 28.55 28.56 32.73
CA LEU B 361 27.22 29.05 32.41
C LEU B 361 26.79 30.07 33.45
N VAL B 362 26.85 29.71 34.74
CA VAL B 362 26.40 30.59 35.82
C VAL B 362 27.56 31.37 36.45
N LYS B 363 28.78 30.81 36.41
CA LYS B 363 29.92 31.42 37.08
C LYS B 363 30.42 32.67 36.36
N ARG B 364 30.32 32.64 35.04
CA ARG B 364 30.73 33.77 34.20
C ARG B 364 29.56 34.71 33.87
N ASN B 365 28.30 34.30 34.08
CA ASN B 365 27.15 35.09 33.66
C ASN B 365 26.23 35.37 34.86
N SER B 366 26.55 36.40 35.66
CA SER B 366 25.84 36.66 36.90
C SER B 366 24.36 37.03 36.70
N ASP B 367 24.07 37.73 35.61
CA ASP B 367 22.68 38.08 35.37
C ASP B 367 21.90 36.80 35.07
N PHE B 368 22.46 35.94 34.21
CA PHE B 368 21.83 34.68 33.93
C PHE B 368 21.65 33.86 35.21
N ALA B 369 22.72 33.79 36.03
CA ALA B 369 22.66 33.04 37.27
C ALA B 369 21.45 33.44 38.10
N GLN B 370 21.20 34.75 38.21
CA GLN B 370 20.08 35.29 38.99
C GLN B 370 18.75 34.76 38.45
N THR B 371 18.59 34.88 37.14
CA THR B 371 17.33 34.50 36.50
C THR B 371 17.14 32.99 36.64
N ALA B 372 18.20 32.21 36.44
CA ALA B 372 18.07 30.77 36.56
C ALA B 372 17.62 30.37 37.96
N LYS B 373 18.20 31.00 38.99
CA LYS B 373 17.86 30.79 40.39
C LYS B 373 16.38 31.02 40.65
N LEU B 374 15.90 32.20 40.20
CA LEU B 374 14.51 32.59 40.33
C LEU B 374 13.61 31.60 39.62
N TYR B 375 13.93 31.24 38.36
CA TYR B 375 13.01 30.48 37.53
C TYR B 375 13.52 29.08 37.21
N SER B 376 14.11 28.41 38.22
CA SER B 376 14.77 27.14 38.07
C SER B 376 13.80 26.06 37.58
N GLU B 377 12.54 26.16 38.00
CA GLU B 377 11.49 25.24 37.60
C GLU B 377 11.33 25.17 36.08
N ASN B 378 11.80 26.22 35.39
CA ASN B 378 11.60 26.35 33.96
C ASN B 378 12.85 26.05 33.17
N PHE B 379 13.88 25.51 33.85
CA PHE B 379 15.19 25.32 33.25
C PHE B 379 15.64 23.88 33.50
N ILE B 380 16.02 23.20 32.41
CA ILE B 380 16.37 21.79 32.44
C ILE B 380 17.76 21.64 31.85
N MET B 381 18.64 20.95 32.58
CA MET B 381 20.03 20.73 32.18
C MET B 381 20.22 19.24 31.97
N CYS B 382 20.85 18.88 30.85
CA CYS B 382 20.99 17.51 30.43
C CYS B 382 22.44 17.24 30.05
N GLU B 383 22.95 16.08 30.51
CA GLU B 383 24.23 15.57 30.05
C GLU B 383 23.96 14.93 28.70
N LYS B 384 24.91 15.09 27.78
CA LYS B 384 24.79 14.52 26.45
C LYS B 384 26.03 13.68 26.15
N TYR B 385 25.83 12.57 25.45
CA TYR B 385 26.88 11.53 25.30
C TYR B 385 27.49 11.58 23.88
N THR B 386 27.61 12.78 23.32
CA THR B 386 27.94 12.92 21.91
C THR B 386 29.45 12.94 21.71
N THR B 387 30.23 13.58 22.60
CA THR B 387 31.67 13.66 22.44
C THR B 387 32.34 12.33 22.82
N GLN B 388 33.66 12.28 22.62
CA GLN B 388 34.49 11.11 22.83
C GLN B 388 35.00 10.97 24.27
N SER B 389 34.95 12.02 25.10
CA SER B 389 35.56 11.91 26.44
C SER B 389 34.94 12.87 27.47
N GLY B 390 35.29 12.64 28.74
CA GLY B 390 34.93 13.50 29.85
C GLY B 390 33.55 13.19 30.43
N PHE B 391 33.09 11.96 30.27
CA PHE B 391 31.71 11.63 30.58
C PHE B 391 31.48 11.88 32.07
N PHE B 392 32.42 11.47 32.92
CA PHE B 392 32.18 11.57 34.36
C PHE B 392 32.30 13.03 34.80
N ASN B 393 33.21 13.81 34.17
CA ASN B 393 33.35 15.23 34.44
C ASN B 393 32.01 15.96 34.14
N VAL B 394 31.40 15.60 33.02
CA VAL B 394 30.25 16.31 32.50
C VAL B 394 28.98 15.86 33.23
N GLU B 395 28.87 14.55 33.52
CA GLU B 395 27.83 13.99 34.38
C GLU B 395 27.79 14.74 35.73
N GLY B 396 28.91 14.75 36.44
CA GLY B 396 29.01 15.42 37.73
C GLY B 396 28.52 16.87 37.67
N ILE B 397 28.89 17.59 36.62
CA ILE B 397 28.59 19.01 36.54
C ILE B 397 27.10 19.19 36.21
N CYS B 398 26.55 18.39 35.29
CA CYS B 398 25.16 18.56 34.93
C CYS B 398 24.25 18.23 36.12
N LEU B 399 24.59 17.14 36.83
CA LEU B 399 23.95 16.82 38.08
C LEU B 399 24.03 18.01 39.05
N GLY B 400 25.25 18.56 39.17
CA GLY B 400 25.50 19.65 40.11
C GLY B 400 24.60 20.86 39.83
N THR B 401 24.37 21.13 38.54
CA THR B 401 23.54 22.25 38.13
C THR B 401 22.15 22.11 38.75
N TRP B 402 21.62 20.88 38.75
CA TRP B 402 20.30 20.59 39.29
C TRP B 402 20.30 20.63 40.80
N LEU B 403 21.16 19.83 41.44
CA LEU B 403 21.16 19.72 42.89
C LEU B 403 21.46 21.07 43.53
N SER B 404 22.27 21.91 42.87
CA SER B 404 22.63 23.18 43.43
C SER B 404 21.53 24.25 43.31
N GLY B 405 20.52 24.01 42.47
CA GLY B 405 19.34 24.85 42.41
C GLY B 405 19.29 25.78 41.19
N PHE B 406 20.23 25.64 40.26
CA PHE B 406 20.25 26.47 39.06
C PHE B 406 19.35 25.88 37.97
N ALA B 407 19.16 24.55 38.00
CA ALA B 407 18.21 23.89 37.12
C ALA B 407 17.17 23.13 37.94
N GLY B 408 15.93 23.07 37.45
CA GLY B 408 14.86 22.40 38.17
C GLY B 408 14.71 20.92 37.85
N GLN B 409 15.21 20.47 36.71
CA GLN B 409 15.20 19.06 36.38
C GLN B 409 16.54 18.68 35.74
N TYR B 410 16.93 17.40 35.92
CA TYR B 410 18.13 16.85 35.32
C TYR B 410 17.77 15.67 34.42
N GLY B 411 18.42 15.60 33.25
CA GLY B 411 18.12 14.58 32.27
C GLY B 411 19.34 14.03 31.55
N ILE B 412 19.09 13.00 30.73
CA ILE B 412 20.12 12.38 29.91
C ILE B 412 19.66 12.32 28.45
N ARG B 413 20.57 12.80 27.57
CA ARG B 413 20.48 12.64 26.14
C ARG B 413 21.60 11.71 25.71
N PHE B 414 21.28 10.42 25.61
CA PHE B 414 22.28 9.43 25.24
C PHE B 414 22.48 9.44 23.72
N ASP B 415 23.67 9.05 23.28
CA ASP B 415 24.07 9.10 21.88
C ASP B 415 25.04 7.96 21.61
N GLN B 416 24.79 7.17 20.56
CA GLN B 416 25.76 6.22 20.04
C GLN B 416 27.15 6.80 19.81
N CYS B 417 27.23 8.07 19.45
CA CYS B 417 28.46 8.67 18.97
C CYS B 417 29.54 8.75 20.07
N GLY B 418 29.15 8.55 21.33
CA GLY B 418 30.07 8.63 22.44
C GLY B 418 30.96 7.37 22.55
N TRP B 419 30.63 6.34 21.74
CA TRP B 419 31.45 5.14 21.61
C TRP B 419 32.79 5.54 21.01
N THR B 420 33.88 5.06 21.63
CA THR B 420 35.22 5.52 21.28
C THR B 420 35.53 5.11 19.85
N GLU B 421 36.04 6.07 19.06
CA GLU B 421 36.35 5.86 17.65
C GLU B 421 37.48 4.85 17.51
N GLU B 422 37.45 4.06 16.40
CA GLU B 422 38.49 3.11 16.07
C GLU B 422 38.30 1.81 16.84
N LYS B 423 38.56 1.87 18.17
CA LYS B 423 38.79 0.69 19.00
C LYS B 423 37.54 0.31 19.84
N GLY B 424 36.64 1.29 20.04
CA GLY B 424 35.49 1.07 20.89
C GLY B 424 35.89 0.83 22.34
N GLN B 425 35.10 0.00 23.04
CA GLN B 425 35.41 -0.46 24.38
C GLN B 425 35.25 -1.97 24.41
N ASN B 426 36.05 -2.63 25.26
CA ASN B 426 35.97 -4.08 25.49
C ASN B 426 36.20 -4.89 24.21
N GLY B 427 36.87 -4.34 23.20
CA GLY B 427 37.12 -5.05 21.95
C GLY B 427 35.95 -4.90 20.96
N ASP B 428 34.89 -4.17 21.33
CA ASP B 428 33.77 -3.94 20.42
C ASP B 428 33.93 -2.62 19.69
N LYS B 429 34.29 -2.67 18.41
CA LYS B 429 34.55 -1.48 17.63
C LYS B 429 33.23 -0.75 17.36
N ASP B 430 32.21 -1.52 16.99
CA ASP B 430 30.93 -0.93 16.64
C ASP B 430 30.16 -0.76 17.95
N PHE B 431 29.40 0.34 18.04
CA PHE B 431 28.54 0.63 19.19
C PHE B 431 27.45 -0.44 19.30
N PRO B 432 27.36 -1.22 20.41
CA PRO B 432 26.25 -2.13 20.62
C PRO B 432 25.13 -1.46 21.39
N PRO B 433 23.91 -1.35 20.82
CA PRO B 433 22.77 -0.72 21.48
C PRO B 433 22.62 -1.05 22.96
N ALA B 434 22.89 -2.31 23.34
CA ALA B 434 22.72 -2.73 24.72
C ALA B 434 23.59 -1.90 25.67
N ALA B 435 24.77 -1.45 25.19
CA ALA B 435 25.66 -0.61 25.99
C ALA B 435 24.92 0.65 26.46
N GLY B 436 23.95 1.12 25.68
CA GLY B 436 23.31 2.40 25.96
C GLY B 436 22.36 2.34 27.14
N ALA B 437 21.87 1.14 27.49
CA ALA B 437 20.89 1.01 28.55
C ALA B 437 21.54 1.27 29.91
N LEU B 438 22.85 1.08 30.00
CA LEU B 438 23.53 1.12 31.28
C LEU B 438 23.60 2.52 31.88
N PRO B 439 24.17 3.56 31.25
CA PRO B 439 24.16 4.90 31.85
C PRO B 439 22.74 5.44 32.09
N ILE B 440 21.78 5.11 31.20
CA ILE B 440 20.44 5.66 31.36
C ILE B 440 19.82 5.09 32.64
N ILE B 441 19.79 3.76 32.78
CA ILE B 441 19.18 3.19 33.97
C ILE B 441 19.93 3.68 35.21
N GLU B 442 21.26 3.72 35.15
CA GLU B 442 22.05 4.06 36.31
C GLU B 442 21.77 5.48 36.76
N HIS B 443 21.80 6.41 35.81
CA HIS B 443 21.71 7.82 36.15
C HIS B 443 20.28 8.19 36.53
N VAL B 444 19.30 7.52 35.91
CA VAL B 444 17.92 7.77 36.28
C VAL B 444 17.71 7.31 37.72
N MET B 445 18.12 6.05 38.01
CA MET B 445 17.69 5.41 39.22
C MET B 445 18.48 5.95 40.39
N LEU B 446 19.74 6.30 40.15
CA LEU B 446 20.61 6.58 41.28
C LEU B 446 20.89 8.07 41.41
N THR B 447 20.65 8.87 40.35
CA THR B 447 20.95 10.31 40.40
C THR B 447 19.72 11.14 40.05
N GLY B 448 18.55 10.51 39.92
CA GLY B 448 17.31 11.28 39.98
C GLY B 448 16.97 12.01 38.69
N GLN B 449 17.46 11.52 37.55
CA GLN B 449 17.08 12.12 36.29
C GLN B 449 15.60 11.87 36.00
N THR B 450 14.87 12.94 35.63
CA THR B 450 13.46 12.77 35.27
C THR B 450 13.23 12.88 33.77
N VAL B 451 14.30 13.18 33.02
CA VAL B 451 14.19 13.42 31.60
C VAL B 451 15.12 12.48 30.83
N ILE B 452 14.54 11.75 29.89
CA ILE B 452 15.31 10.95 28.93
C ILE B 452 15.08 11.53 27.56
N ASP B 453 16.15 11.88 26.85
CA ASP B 453 16.05 12.54 25.56
C ASP B 453 16.67 11.67 24.46
N GLY B 454 15.87 11.30 23.44
CA GLY B 454 16.38 10.52 22.32
C GLY B 454 16.03 9.03 22.40
N PRO B 455 17.00 8.06 22.38
CA PRO B 455 18.43 8.32 22.27
C PRO B 455 18.91 8.63 20.85
N GLU B 456 20.10 9.20 20.68
CA GLU B 456 20.64 9.55 19.37
C GLU B 456 21.53 8.41 18.86
N LEU B 457 21.80 8.34 17.55
CA LEU B 457 21.19 9.15 16.52
C LEU B 457 19.75 8.72 16.30
N ILE B 458 18.86 9.71 16.15
CA ILE B 458 17.45 9.40 16.04
C ILE B 458 17.21 8.45 14.87
N TRP B 459 17.91 8.70 13.74
CA TRP B 459 17.66 8.00 12.49
C TRP B 459 18.43 6.67 12.40
N GLN B 460 19.15 6.30 13.47
CA GLN B 460 19.73 4.95 13.54
C GLN B 460 19.25 4.17 14.75
N GLN B 461 18.86 4.83 15.83
CA GLN B 461 18.49 4.13 17.05
C GLN B 461 16.99 4.18 17.37
N CYS B 462 16.24 5.10 16.71
CA CYS B 462 14.82 5.31 17.03
C CYS B 462 13.94 4.97 15.85
N PHE B 463 14.05 5.74 14.77
CA PHE B 463 13.11 5.59 13.67
C PHE B 463 13.80 5.64 12.32
N LYS B 464 13.17 5.00 11.33
CA LYS B 464 13.60 5.10 9.95
C LYS B 464 12.39 5.13 9.01
N GLU B 465 12.53 5.92 7.95
CA GLU B 465 11.62 5.83 6.82
C GLU B 465 11.97 4.57 6.00
N THR B 466 10.98 3.73 5.70
CA THR B 466 11.18 2.59 4.80
C THR B 466 10.77 3.02 3.40
N ASN B 467 10.75 2.05 2.47
CA ASN B 467 10.13 2.32 1.17
C ASN B 467 8.65 2.58 1.43
N ALA B 468 7.94 3.18 0.45
CA ALA B 468 6.50 3.35 0.53
C ALA B 468 5.82 1.99 0.48
N VAL B 469 4.59 1.89 1.01
CA VAL B 469 3.83 0.65 1.10
C VAL B 469 2.43 0.91 0.53
N SER B 470 1.76 -0.15 0.07
CA SER B 470 0.37 -0.06 -0.37
C SER B 470 -0.54 0.20 0.84
N VAL B 471 -1.57 1.03 0.65
CA VAL B 471 -2.47 1.39 1.73
C VAL B 471 -3.90 1.32 1.22
N GLY B 472 -4.13 0.50 0.19
CA GLY B 472 -5.48 0.25 -0.30
C GLY B 472 -5.84 1.16 -1.47
N ASP B 473 -6.61 0.59 -2.41
CA ASP B 473 -7.35 1.29 -3.46
C ASP B 473 -6.37 2.04 -4.38
N GLY B 474 -5.19 1.43 -4.57
CA GLY B 474 -4.20 1.88 -5.55
C GLY B 474 -3.27 2.95 -4.99
N TYR B 475 -3.43 3.31 -3.71
CA TYR B 475 -2.66 4.41 -3.14
C TYR B 475 -1.44 3.83 -2.44
N GLN B 476 -0.34 4.56 -2.47
CA GLN B 476 0.81 4.22 -1.64
C GLN B 476 0.98 5.28 -0.57
N SER B 477 1.76 4.96 0.46
CA SER B 477 2.09 5.99 1.43
C SER B 477 3.46 5.77 2.03
N ARG B 478 4.04 6.89 2.43
CA ARG B 478 5.31 6.94 3.13
C ARG B 478 5.13 6.19 4.42
N ASN B 479 6.18 5.51 4.85
CA ASN B 479 6.09 4.63 5.99
C ASN B 479 7.31 4.85 6.87
N TRP B 480 7.09 4.91 8.19
CA TRP B 480 8.16 4.92 9.17
C TRP B 480 7.98 3.75 10.13
N GLU B 481 9.11 3.22 10.61
CA GLU B 481 9.13 2.11 11.53
C GLU B 481 10.07 2.45 12.68
N CYS B 482 9.90 1.74 13.80
CA CYS B 482 10.87 1.79 14.90
C CYS B 482 12.02 0.83 14.59
N PHE B 483 13.23 1.22 14.94
CA PHE B 483 14.35 0.29 15.02
C PHE B 483 14.05 -0.70 16.13
N PRO B 484 14.41 -2.00 15.98
CA PRO B 484 14.12 -2.98 17.04
C PRO B 484 14.70 -2.58 18.41
N GLN B 485 15.83 -1.89 18.43
CA GLN B 485 16.48 -1.51 19.70
C GLN B 485 15.61 -0.50 20.47
N PHE B 486 14.91 0.39 19.75
CA PHE B 486 14.01 1.36 20.38
C PHE B 486 12.94 0.68 21.22
N VAL B 487 12.32 -0.37 20.67
CA VAL B 487 11.25 -1.11 21.31
C VAL B 487 11.82 -1.92 22.47
N ASN B 488 12.97 -2.58 22.21
CA ASN B 488 13.42 -3.62 23.12
C ASN B 488 14.31 -3.02 24.20
N ILE B 489 14.74 -1.78 24.05
CA ILE B 489 15.54 -1.13 25.09
C ILE B 489 14.78 0.05 25.66
N ASN B 490 14.50 1.06 24.82
CA ASN B 490 14.05 2.37 25.31
C ASN B 490 12.57 2.33 25.71
N ILE B 491 11.70 1.82 24.83
CA ILE B 491 10.30 1.75 25.19
C ILE B 491 10.14 0.89 26.44
N ASP B 492 10.85 -0.23 26.49
CA ASP B 492 10.68 -1.16 27.60
C ASP B 492 11.22 -0.57 28.91
N MET B 493 12.35 0.13 28.80
CA MET B 493 12.92 0.77 29.97
C MET B 493 11.88 1.76 30.55
N PHE B 494 11.23 2.55 29.69
CA PHE B 494 10.31 3.56 30.19
C PHE B 494 9.12 2.90 30.88
N ARG B 495 8.66 1.77 30.34
CA ARG B 495 7.59 1.03 30.99
C ARG B 495 7.99 0.55 32.38
N LYS B 496 9.30 0.32 32.60
CA LYS B 496 9.80 -0.09 33.90
C LYS B 496 9.87 1.10 34.88
N ILE B 497 9.84 2.33 34.37
CA ILE B 497 9.69 3.50 35.21
C ILE B 497 8.22 3.61 35.64
N ILE B 498 7.35 3.48 34.64
CA ILE B 498 5.91 3.63 34.80
C ILE B 498 5.35 2.60 35.77
N ASP B 499 5.86 1.36 35.77
CA ASP B 499 5.30 0.27 36.56
C ASP B 499 5.96 0.22 37.94
N LYS B 500 6.84 1.19 38.21
CA LYS B 500 7.38 1.46 39.53
C LYS B 500 8.54 0.54 39.91
N THR B 501 9.05 -0.23 38.94
CA THR B 501 10.25 -1.02 39.21
C THR B 501 11.42 -0.06 39.41
N ILE B 502 11.55 0.90 38.48
CA ILE B 502 12.64 1.86 38.51
C ILE B 502 12.15 3.16 39.15
N ARG B 503 12.38 3.28 40.45
CA ARG B 503 11.96 4.46 41.21
C ARG B 503 12.97 5.57 41.00
N ILE B 504 12.49 6.74 40.56
CA ILE B 504 13.38 7.88 40.43
C ILE B 504 13.43 8.63 41.77
N PRO B 505 14.62 8.85 42.38
CA PRO B 505 14.73 9.67 43.59
C PRO B 505 14.52 11.16 43.32
N SER B 506 13.98 11.82 44.33
CA SER B 506 13.80 13.27 44.29
C SER B 506 15.15 13.95 44.49
N ARG B 507 15.23 15.23 44.11
CA ARG B 507 16.40 16.05 44.40
C ARG B 507 16.89 15.80 45.83
N LYS B 508 15.97 15.91 46.80
CA LYS B 508 16.36 15.88 48.22
C LYS B 508 16.87 14.50 48.59
N GLU B 509 16.25 13.44 48.05
CA GLU B 509 16.68 12.08 48.28
C GLU B 509 18.06 11.84 47.65
N VAL B 510 18.29 12.40 46.44
CA VAL B 510 19.61 12.32 45.82
C VAL B 510 20.65 13.03 46.71
N ILE B 511 20.35 14.24 47.20
CA ILE B 511 21.32 15.00 47.98
C ILE B 511 21.70 14.21 49.22
N ASP B 512 20.73 13.55 49.86
CA ASP B 512 20.97 12.80 51.08
C ASP B 512 21.83 11.56 50.83
N ARG B 513 21.62 10.89 49.69
CA ARG B 513 22.42 9.74 49.33
C ARG B 513 23.83 10.17 48.95
N THR B 514 23.92 11.25 48.16
CA THR B 514 25.17 11.69 47.54
C THR B 514 26.16 12.17 48.61
N LYS B 515 25.70 12.94 49.60
CA LYS B 515 26.48 13.37 50.76
C LYS B 515 27.48 14.50 50.43
N VAL B 516 28.21 14.42 49.31
CA VAL B 516 29.35 15.30 49.05
C VAL B 516 29.14 16.06 47.74
N VAL B 517 29.62 17.31 47.71
CA VAL B 517 29.52 18.18 46.54
C VAL B 517 30.80 19.01 46.46
N ILE B 518 31.38 19.13 45.24
CA ILE B 518 32.52 20.00 45.00
C ILE B 518 32.00 21.36 44.52
N LEU B 519 32.47 22.45 45.13
CA LEU B 519 32.13 23.80 44.69
C LEU B 519 33.28 24.40 43.90
N GLN B 520 32.98 24.89 42.71
CA GLN B 520 34.04 25.30 41.81
C GLN B 520 34.33 26.77 42.07
N ASP B 521 35.22 27.03 43.03
CA ASP B 521 35.55 28.37 43.49
C ASP B 521 36.91 28.83 42.96
N VAL B 522 37.39 28.27 41.83
CA VAL B 522 38.73 28.59 41.36
C VAL B 522 38.67 29.67 40.28
N TYR B 523 39.47 30.72 40.48
CA TYR B 523 39.50 31.88 39.60
C TYR B 523 40.88 32.11 38.96
N SER B 524 41.86 31.24 39.25
CA SER B 524 43.18 31.35 38.64
C SER B 524 43.41 30.16 37.70
N GLY B 525 44.26 30.36 36.69
CA GLY B 525 44.74 29.24 35.88
C GLY B 525 44.00 29.17 34.55
N ASP B 526 44.07 28.00 33.90
CA ASP B 526 43.45 27.82 32.60
C ASP B 526 41.96 27.54 32.80
N ASP B 527 41.26 27.41 31.67
CA ASP B 527 39.81 27.23 31.66
C ASP B 527 39.37 25.94 32.35
N ASN B 528 40.19 24.87 32.29
CA ASN B 528 39.86 23.61 32.95
C ASN B 528 39.96 23.81 34.46
N ALA B 529 40.97 24.59 34.86
CA ALA B 529 41.23 24.83 36.26
C ALA B 529 40.03 25.55 36.89
N LYS B 530 39.39 26.39 36.07
CA LYS B 530 38.38 27.32 36.56
C LYS B 530 36.99 26.76 36.36
N TYR B 531 36.78 25.84 35.40
CA TYR B 531 35.42 25.41 35.10
C TYR B 531 35.23 23.89 35.10
N SER B 532 36.31 23.11 34.99
CA SER B 532 36.17 21.65 34.92
C SER B 532 36.32 21.08 36.31
N SER B 533 35.87 19.83 36.50
CA SER B 533 36.07 19.15 37.77
C SER B 533 37.55 18.86 37.95
N PRO B 534 38.00 18.51 39.18
CA PRO B 534 39.40 18.14 39.38
C PRO B 534 39.78 16.98 38.46
N LYS B 535 40.92 17.12 37.76
CA LYS B 535 41.33 16.16 36.77
C LYS B 535 41.21 14.71 37.26
N ASN B 536 41.66 14.44 38.49
CA ASN B 536 41.79 13.07 38.96
C ASN B 536 40.62 12.71 39.89
N LEU B 537 39.53 13.49 39.82
CA LEU B 537 38.42 13.36 40.75
C LEU B 537 37.93 11.91 40.80
N HIS B 538 37.79 11.27 39.64
CA HIS B 538 37.21 9.93 39.57
C HIS B 538 38.23 8.81 39.79
N GLU B 539 39.53 9.15 39.84
CA GLU B 539 40.57 8.14 39.89
C GLU B 539 40.48 7.39 41.21
N GLY B 540 40.35 6.06 41.12
CA GLY B 540 40.47 5.21 42.29
C GLY B 540 39.12 5.06 42.95
N LEU B 541 38.11 5.70 42.33
CA LEU B 541 36.72 5.57 42.75
C LEU B 541 35.99 4.73 41.70
N TYR B 542 35.32 5.35 40.71
CA TYR B 542 34.57 4.55 39.78
C TYR B 542 35.15 4.58 38.36
N LEU B 543 36.33 5.17 38.21
CA LEU B 543 37.02 5.13 36.93
C LEU B 543 37.67 3.76 36.77
N ARG B 544 37.47 3.16 35.60
CA ARG B 544 38.03 1.86 35.24
C ARG B 544 39.55 1.91 35.21
N ASP B 545 40.16 0.73 35.38
CA ASP B 545 41.61 0.61 35.36
C ASP B 545 42.15 0.92 33.95
N ASP B 546 41.37 0.59 32.90
CA ASP B 546 41.78 0.75 31.50
C ASP B 546 41.47 2.14 30.96
N ASP B 547 41.01 3.07 31.82
CA ASP B 547 40.52 4.37 31.38
C ASP B 547 41.31 5.46 32.09
N GLY B 548 41.25 6.69 31.59
CA GLY B 548 42.08 7.79 32.08
C GLY B 548 41.23 8.97 32.55
N ASN B 549 41.92 9.99 33.07
CA ASN B 549 41.31 11.10 33.77
C ASN B 549 40.74 12.15 32.82
N LEU B 550 39.58 12.72 33.19
CA LEU B 550 39.06 13.93 32.58
C LEU B 550 38.90 13.73 31.06
N TRP B 551 39.74 14.36 30.23
CA TRP B 551 39.55 14.28 28.77
C TRP B 551 40.20 13.02 28.20
N ASP B 552 40.84 12.21 29.05
CA ASP B 552 41.25 10.86 28.73
C ASP B 552 40.26 9.82 29.27
N ASN B 553 39.12 10.25 29.82
CA ASN B 553 38.07 9.36 30.29
C ASN B 553 37.18 9.02 29.11
N HIS B 554 37.35 7.83 28.51
CA HIS B 554 36.69 7.50 27.25
C HIS B 554 35.55 6.48 27.45
N CYS B 555 35.28 6.09 28.69
CA CYS B 555 34.31 5.03 28.93
C CYS B 555 33.36 5.44 30.05
N TYR B 556 32.06 5.27 29.77
CA TYR B 556 31.01 5.79 30.63
C TYR B 556 30.46 4.67 31.52
N PHE B 557 31.12 3.52 31.53
CA PHE B 557 30.82 2.45 32.47
C PHE B 557 31.60 2.65 33.75
N LYS B 558 30.92 2.59 34.89
CA LYS B 558 31.58 2.77 36.16
C LYS B 558 32.11 1.42 36.65
N LYS B 559 33.29 1.46 37.29
CA LYS B 559 33.96 0.28 37.78
C LYS B 559 33.21 -0.30 38.97
N THR B 560 32.79 0.57 39.89
CA THR B 560 32.01 0.17 41.06
C THR B 560 30.85 1.16 41.25
N GLY B 561 29.83 0.75 41.99
CA GLY B 561 28.76 1.66 42.38
C GLY B 561 28.78 2.01 43.87
N ARG B 562 29.83 1.62 44.58
CA ARG B 562 29.96 1.93 45.99
C ARG B 562 29.86 3.43 46.22
N TYR B 563 30.36 4.23 45.25
CA TYR B 563 30.41 5.67 45.38
C TYR B 563 29.33 6.32 44.51
N PRO B 564 28.58 7.31 45.03
CA PRO B 564 27.61 7.99 44.16
C PRO B 564 28.32 8.84 43.12
N THR B 565 27.62 9.13 42.01
CA THR B 565 28.13 10.15 41.10
C THR B 565 28.36 11.40 41.94
N ILE B 566 29.54 11.99 41.79
CA ILE B 566 29.98 13.10 42.61
C ILE B 566 29.56 14.38 41.90
N PRO B 567 28.66 15.17 42.50
CA PRO B 567 28.21 16.43 41.89
C PRO B 567 29.24 17.54 42.04
N VAL B 568 29.36 18.36 40.99
CA VAL B 568 30.24 19.52 40.99
C VAL B 568 29.38 20.75 40.65
N ALA B 569 29.45 21.80 41.50
CA ALA B 569 28.57 22.95 41.38
C ALA B 569 29.38 24.24 41.48
N PHE B 570 28.80 25.37 41.10
CA PHE B 570 29.42 26.67 41.29
C PHE B 570 29.14 27.13 42.73
N GLU B 571 27.85 27.19 43.07
CA GLU B 571 27.36 27.69 44.36
C GLU B 571 26.07 26.94 44.67
N LEU B 572 25.67 26.97 45.95
CA LEU B 572 24.49 26.31 46.48
C LEU B 572 23.44 27.35 46.83
N CYS B 573 22.33 27.37 46.04
CA CYS B 573 21.42 28.51 45.92
C CYS B 573 20.38 28.62 47.03
N ASP B 574 19.92 27.48 47.54
CA ASP B 574 18.78 27.44 48.43
C ASP B 574 19.12 26.53 49.59
N ASP B 575 18.16 26.38 50.52
CA ASP B 575 18.35 25.61 51.74
C ASP B 575 18.56 24.14 51.40
N VAL B 576 17.86 23.62 50.37
CA VAL B 576 17.99 22.22 49.99
C VAL B 576 19.44 21.94 49.54
N ALA B 577 19.99 22.82 48.69
CA ALA B 577 21.36 22.71 48.22
C ALA B 577 22.33 22.74 49.41
N ASN B 578 22.05 23.60 50.39
CA ASN B 578 22.95 23.81 51.51
C ASN B 578 22.82 22.71 52.57
N SER B 579 22.00 21.69 52.30
CA SER B 579 21.84 20.59 53.24
C SER B 579 22.84 19.46 52.95
N PHE B 580 23.65 19.62 51.89
CA PHE B 580 24.75 18.68 51.62
C PHE B 580 25.59 18.49 52.88
N GLN B 581 25.86 17.22 53.23
CA GLN B 581 26.63 16.89 54.41
C GLN B 581 28.08 17.39 54.29
N TYR B 582 28.70 17.21 53.12
CA TYR B 582 30.11 17.56 52.93
C TYR B 582 30.27 18.48 51.72
N LYS B 583 30.87 19.66 51.95
CA LYS B 583 31.10 20.63 50.90
C LYS B 583 32.61 20.82 50.74
N ILE B 584 33.15 20.50 49.56
CA ILE B 584 34.57 20.63 49.27
C ILE B 584 34.81 21.73 48.24
N ASN B 585 35.55 22.76 48.63
CA ASN B 585 35.97 23.80 47.71
C ASN B 585 37.04 23.22 46.80
N GLN B 586 36.90 23.42 45.48
CA GLN B 586 37.86 22.89 44.52
C GLN B 586 39.23 23.52 44.73
N SER B 587 39.26 24.76 45.26
CA SER B 587 40.50 25.45 45.60
C SER B 587 41.34 24.67 46.61
N THR B 588 40.71 23.84 47.47
CA THR B 588 41.44 23.06 48.47
C THR B 588 41.78 21.67 47.93
N PHE B 589 41.37 21.36 46.69
CA PHE B 589 41.40 19.99 46.20
C PHE B 589 42.86 19.55 45.98
N GLU B 590 43.67 20.43 45.40
CA GLU B 590 45.07 20.15 45.10
C GLU B 590 45.88 19.92 46.38
N GLY B 591 45.56 20.67 47.43
CA GLY B 591 46.13 20.42 48.75
C GLY B 591 45.90 18.97 49.21
N SER B 592 44.63 18.61 49.46
CA SER B 592 44.28 17.39 50.16
C SER B 592 43.93 16.27 49.17
N TRP B 593 42.84 16.47 48.42
CA TRP B 593 42.07 15.41 47.80
C TRP B 593 42.71 14.89 46.50
N SER B 594 43.75 15.59 46.00
CA SER B 594 44.40 15.18 44.77
C SER B 594 45.25 13.93 45.00
N ASP B 595 45.60 13.66 46.26
CA ASP B 595 46.25 12.41 46.62
C ASP B 595 45.19 11.30 46.67
N VAL B 596 45.20 10.42 45.67
CA VAL B 596 44.12 9.47 45.43
C VAL B 596 43.82 8.65 46.70
N ASN B 597 44.88 8.17 47.40
CA ASN B 597 44.74 7.28 48.55
C ASN B 597 44.01 7.98 49.70
N THR B 598 44.28 9.28 49.90
CA THR B 598 43.63 10.09 50.93
C THR B 598 42.13 10.19 50.63
N LYS B 599 41.79 10.46 49.37
CA LYS B 599 40.41 10.58 48.95
C LYS B 599 39.67 9.24 49.17
N VAL B 600 40.24 8.14 48.67
CA VAL B 600 39.57 6.85 48.74
C VAL B 600 39.29 6.53 50.21
N GLY B 601 40.24 6.87 51.08
CA GLY B 601 40.06 6.67 52.51
C GLY B 601 38.81 7.37 53.03
N LYS B 602 38.66 8.66 52.73
CA LYS B 602 37.56 9.43 53.30
C LYS B 602 36.24 8.99 52.67
N PHE B 603 36.25 8.78 51.34
CA PHE B 603 35.09 8.24 50.66
C PHE B 603 34.72 6.88 51.25
N ASN B 604 35.71 6.03 51.54
CA ASN B 604 35.40 4.70 52.04
C ASN B 604 34.76 4.74 53.43
N ARG B 605 34.98 5.81 54.23
CA ARG B 605 34.27 5.99 55.49
C ARG B 605 32.82 6.46 55.26
N TRP B 606 32.62 7.40 54.31
CA TRP B 606 31.29 7.92 53.99
C TRP B 606 30.42 6.87 53.31
N PHE B 607 31.02 6.00 52.48
CA PHE B 607 30.26 5.06 51.66
C PHE B 607 30.71 3.63 51.97
N PRO B 608 29.98 2.86 52.79
CA PRO B 608 30.47 1.55 53.18
C PRO B 608 30.39 0.57 52.02
N GLN B 609 31.18 -0.49 52.09
CA GLN B 609 31.19 -1.51 51.06
C GLN B 609 29.92 -2.32 51.23
N GLU B 610 29.19 -2.57 50.14
CA GLU B 610 27.98 -3.36 50.22
C GLU B 610 27.94 -4.45 49.16
N TYR B 611 29.06 -4.67 48.44
CA TYR B 611 29.25 -5.90 47.69
C TYR B 611 30.74 -6.11 47.37
N THR B 612 31.10 -7.26 46.77
CA THR B 612 32.41 -7.40 46.15
C THR B 612 32.21 -7.97 44.74
N GLY B 613 33.23 -7.79 43.90
CA GLY B 613 33.22 -8.33 42.54
C GLY B 613 33.49 -7.25 41.50
N GLU B 614 33.47 -7.67 40.21
CA GLU B 614 33.85 -6.79 39.12
C GLU B 614 32.63 -6.21 38.39
N LEU B 615 31.42 -6.63 38.77
CA LEU B 615 30.21 -6.00 38.27
C LEU B 615 30.01 -4.64 38.91
N TYR B 616 29.38 -3.73 38.17
CA TYR B 616 28.83 -2.50 38.74
C TYR B 616 27.59 -2.86 39.54
N ALA B 617 27.59 -2.53 40.83
CA ALA B 617 26.41 -2.65 41.68
C ALA B 617 26.30 -1.40 42.52
N GLY B 618 25.15 -0.70 42.36
CA GLY B 618 24.79 0.47 43.18
C GLY B 618 23.39 0.30 43.75
N ARG B 619 23.22 0.76 45.01
CA ARG B 619 21.99 0.51 45.75
C ARG B 619 21.37 1.84 46.19
N ILE B 620 20.04 1.93 46.06
CA ILE B 620 19.26 2.99 46.67
C ILE B 620 18.01 2.40 47.33
N GLU B 621 17.89 2.52 48.67
CA GLU B 621 16.85 1.81 49.41
C GLU B 621 16.91 0.34 48.99
N ASN B 622 15.78 -0.26 48.61
CA ASN B 622 15.68 -1.68 48.35
C ASN B 622 15.92 -1.97 46.86
N GLY B 623 16.54 -1.03 46.15
CA GLY B 623 16.76 -1.21 44.72
C GLY B 623 18.25 -1.20 44.37
N TRP B 624 18.67 -2.17 43.56
CA TRP B 624 20.00 -2.19 42.99
C TRP B 624 19.93 -1.99 41.48
N VAL B 625 20.87 -1.20 40.98
CA VAL B 625 21.29 -1.29 39.58
C VAL B 625 22.56 -2.13 39.57
N VAL B 626 22.55 -3.19 38.78
CA VAL B 626 23.71 -4.04 38.59
C VAL B 626 23.88 -4.23 37.10
N TYR B 627 25.09 -4.00 36.61
CA TYR B 627 25.37 -4.22 35.20
C TYR B 627 26.81 -4.71 35.03
N ASN B 628 27.06 -5.28 33.86
CA ASN B 628 28.40 -5.67 33.45
C ASN B 628 28.87 -4.84 32.27
N GLY B 629 29.87 -3.99 32.55
CA GLY B 629 30.44 -3.13 31.54
C GLY B 629 31.76 -3.68 31.01
N LEU B 630 32.19 -4.89 31.44
CA LEU B 630 33.42 -5.50 30.94
C LEU B 630 33.10 -6.66 29.99
N ALA B 631 34.11 -7.07 29.24
CA ALA B 631 34.03 -8.28 28.44
C ALA B 631 34.01 -9.50 29.35
N GLY B 632 33.28 -10.54 28.92
CA GLY B 632 33.20 -11.79 29.64
C GLY B 632 32.01 -11.81 30.59
N ILE B 633 31.82 -12.96 31.25
CA ILE B 633 30.81 -13.07 32.29
C ILE B 633 31.48 -12.67 33.60
N ARG B 634 31.00 -11.59 34.23
CA ARG B 634 31.61 -11.01 35.43
C ARG B 634 30.70 -11.20 36.65
N ASN B 635 31.28 -11.07 37.85
CA ASN B 635 30.68 -11.62 39.06
C ASN B 635 30.54 -10.57 40.14
N ALA B 636 29.60 -10.81 41.06
CA ALA B 636 29.38 -9.97 42.23
C ALA B 636 28.81 -10.84 43.34
N ALA B 637 29.26 -10.55 44.58
CA ALA B 637 28.70 -11.15 45.78
C ALA B 637 28.08 -10.02 46.62
N ILE B 638 26.76 -10.10 46.80
CA ILE B 638 25.96 -8.99 47.32
C ILE B 638 25.15 -9.51 48.50
N PRO B 639 25.56 -9.20 49.75
CA PRO B 639 24.72 -9.42 50.93
C PRO B 639 23.40 -8.68 50.82
N PHE B 640 22.30 -9.33 51.19
CA PHE B 640 20.97 -8.73 51.09
C PHE B 640 20.75 -7.72 52.21
N LYS B 641 20.03 -6.64 51.92
CA LYS B 641 19.78 -5.58 52.88
C LYS B 641 18.33 -5.62 53.38
N TYR B 642 17.45 -6.28 52.60
CA TYR B 642 16.03 -6.35 52.91
C TYR B 642 15.58 -7.82 52.90
N ASN B 643 15.99 -8.59 51.90
CA ASN B 643 15.60 -9.99 51.83
C ASN B 643 16.17 -10.74 53.02
N THR B 644 15.40 -11.74 53.48
CA THR B 644 15.67 -12.46 54.73
C THR B 644 16.68 -13.61 54.49
N CYS B 645 17.03 -13.89 53.21
CA CYS B 645 18.12 -14.77 52.84
C CYS B 645 19.45 -14.07 53.16
N ASP B 646 20.58 -14.64 52.73
CA ASP B 646 21.90 -14.15 53.14
C ASP B 646 22.53 -13.28 52.06
N LYS B 647 22.57 -13.79 50.83
CA LYS B 647 23.31 -13.14 49.76
C LYS B 647 22.97 -13.75 48.41
N MET B 648 23.32 -12.99 47.36
CA MET B 648 23.15 -13.44 46.00
C MET B 648 24.51 -13.36 45.32
N GLU B 649 24.82 -14.35 44.49
CA GLU B 649 26.01 -14.25 43.66
C GLU B 649 25.52 -14.14 42.23
N LEU B 650 26.06 -13.15 41.52
CA LEU B 650 25.59 -12.82 40.21
C LEU B 650 26.72 -12.94 39.22
N ALA B 651 26.40 -13.59 38.10
CA ALA B 651 27.30 -13.74 36.98
C ALA B 651 26.56 -13.26 35.75
N TYR B 652 26.99 -12.10 35.23
CA TYR B 652 26.29 -11.40 34.16
C TYR B 652 27.16 -11.30 32.91
N SER B 653 26.55 -11.44 31.74
CA SER B 653 27.18 -11.22 30.45
C SER B 653 27.45 -9.73 30.23
N LYS B 654 28.29 -9.46 29.24
CA LYS B 654 28.77 -8.14 28.90
C LYS B 654 27.57 -7.34 28.42
N TYR B 655 27.35 -6.16 29.04
CA TYR B 655 26.28 -5.25 28.68
C TYR B 655 24.92 -5.72 29.19
N THR B 656 24.89 -6.68 30.12
CA THR B 656 23.65 -6.98 30.80
C THR B 656 23.46 -5.96 31.90
N VAL B 657 22.27 -5.38 31.95
CA VAL B 657 21.91 -4.47 33.01
C VAL B 657 20.74 -5.09 33.75
N SER B 658 20.62 -4.77 35.05
CA SER B 658 19.53 -5.29 35.85
C SER B 658 19.11 -4.29 36.92
N VAL B 659 17.79 -4.28 37.18
CA VAL B 659 17.25 -3.59 38.32
C VAL B 659 16.68 -4.69 39.23
N ILE B 660 17.15 -4.72 40.48
CA ILE B 660 16.79 -5.78 41.38
C ILE B 660 16.09 -5.11 42.54
N LYS B 661 14.85 -5.54 42.80
CA LYS B 661 14.12 -5.05 43.95
C LYS B 661 14.17 -6.15 45.00
N GLU B 662 14.65 -5.78 46.19
CA GLU B 662 14.61 -6.65 47.35
C GLU B 662 13.28 -6.46 48.09
N TYR B 663 12.63 -7.59 48.43
CA TYR B 663 11.59 -7.66 49.45
C TYR B 663 11.99 -8.72 50.48
N ALA B 664 11.18 -8.85 51.53
CA ALA B 664 11.46 -9.72 52.66
C ALA B 664 11.56 -11.19 52.23
N ASN B 665 10.68 -11.61 51.33
CA ASN B 665 10.54 -13.00 50.92
C ASN B 665 10.42 -13.11 49.41
N LYS B 666 11.01 -12.13 48.70
CA LYS B 666 10.86 -12.01 47.27
C LYS B 666 11.99 -11.16 46.72
N LEU B 667 12.40 -11.46 45.47
CA LEU B 667 13.29 -10.63 44.68
C LEU B 667 12.67 -10.47 43.28
N THR B 668 12.75 -9.27 42.71
CA THR B 668 12.45 -9.15 41.30
C THR B 668 13.71 -8.65 40.63
N PHE B 669 13.85 -9.09 39.38
CA PHE B 669 14.94 -8.72 38.50
C PHE B 669 14.34 -8.35 37.16
N TYR B 670 14.44 -7.05 36.82
CA TYR B 670 14.36 -6.63 35.43
C TYR B 670 15.77 -6.77 34.83
N MET B 671 15.88 -7.54 33.76
CA MET B 671 17.17 -7.77 33.12
C MET B 671 17.01 -7.47 31.64
N ASN B 672 18.01 -6.84 31.04
CA ASN B 672 18.03 -6.67 29.61
C ASN B 672 19.47 -6.78 29.09
N ASN B 673 19.57 -7.36 27.88
CA ASN B 673 20.74 -7.32 27.03
C ASN B 673 20.22 -7.59 25.61
N TYR B 674 19.85 -6.54 24.91
CA TYR B 674 19.20 -6.68 23.62
C TYR B 674 20.26 -6.56 22.52
N ASP B 675 20.31 -7.59 21.65
CA ASP B 675 21.09 -7.57 20.43
C ASP B 675 20.15 -7.68 19.23
N PRO B 676 20.04 -6.67 18.34
CA PRO B 676 19.19 -6.78 17.16
C PRO B 676 19.45 -8.00 16.29
N SER B 677 20.67 -8.58 16.37
CA SER B 677 21.04 -9.71 15.51
C SER B 677 20.63 -11.04 16.11
N GLY B 678 20.17 -11.05 17.38
CA GLY B 678 19.48 -12.20 17.93
C GLY B 678 20.35 -13.12 18.78
N SER B 679 21.58 -12.72 19.11
CA SER B 679 22.44 -13.51 19.97
C SER B 679 21.76 -13.69 21.33
N SER B 680 22.06 -14.84 21.97
CA SER B 680 21.60 -15.13 23.32
C SER B 680 22.73 -14.90 24.32
N LYS B 681 22.36 -14.40 25.51
CA LYS B 681 23.26 -14.18 26.62
C LYS B 681 22.88 -15.07 27.80
N THR B 682 23.90 -15.47 28.57
CA THR B 682 23.71 -16.28 29.77
C THR B 682 23.97 -15.41 30.99
N GLU B 683 23.03 -15.43 31.95
CA GLU B 683 23.22 -14.87 33.29
C GLU B 683 23.07 -16.00 34.28
N VAL B 684 23.78 -15.92 35.41
CA VAL B 684 23.62 -16.92 36.47
C VAL B 684 23.38 -16.21 37.80
N ILE B 685 22.40 -16.70 38.56
CA ILE B 685 21.99 -16.08 39.80
C ILE B 685 21.99 -17.17 40.86
N LYS B 686 22.70 -16.92 41.96
CA LYS B 686 22.68 -17.84 43.09
C LYS B 686 22.23 -17.11 44.35
N ILE B 687 21.23 -17.70 45.02
CA ILE B 687 20.71 -17.23 46.31
C ILE B 687 21.19 -18.21 47.39
N TYR B 688 21.92 -17.67 48.38
CA TYR B 688 22.35 -18.41 49.55
C TYR B 688 21.48 -18.04 50.75
N GLY B 689 21.31 -19.01 51.66
CA GLY B 689 20.75 -18.76 52.97
C GLY B 689 19.24 -18.93 53.01
N CYS B 690 18.68 -19.55 51.96
CA CYS B 690 17.28 -19.95 51.93
C CYS B 690 17.00 -21.04 52.97
N THR B 691 15.84 -20.97 53.65
CA THR B 691 15.50 -21.97 54.65
C THR B 691 14.41 -22.91 54.14
N SER B 692 14.20 -22.90 52.81
CA SER B 692 12.99 -23.42 52.19
C SER B 692 13.21 -23.39 50.68
N LYS B 693 12.74 -24.42 49.97
CA LYS B 693 12.91 -24.52 48.52
C LYS B 693 12.26 -23.29 47.85
N PRO B 694 13.04 -22.40 47.19
CA PRO B 694 12.47 -21.28 46.47
C PRO B 694 11.71 -21.69 45.22
N THR B 695 10.90 -20.75 44.70
CA THR B 695 10.30 -20.87 43.38
C THR B 695 10.66 -19.61 42.60
N HIS B 696 10.47 -19.68 41.28
CA HIS B 696 10.76 -18.56 40.40
C HIS B 696 9.66 -18.48 39.35
N SER B 697 9.54 -17.31 38.72
CA SER B 697 8.78 -17.21 37.49
C SER B 697 9.38 -16.11 36.64
N VAL B 698 9.13 -16.18 35.34
CA VAL B 698 9.80 -15.30 34.39
C VAL B 698 8.80 -14.93 33.29
N SER B 699 8.91 -13.69 32.81
CA SER B 699 8.20 -13.27 31.63
C SER B 699 9.13 -12.48 30.72
N SER B 700 9.27 -12.92 29.47
CA SER B 700 9.86 -12.13 28.39
C SER B 700 9.02 -10.88 28.19
N ARG B 701 9.67 -9.79 27.77
CA ARG B 701 9.01 -8.54 27.46
C ARG B 701 9.37 -8.17 26.02
N ALA B 702 8.57 -7.28 25.42
CA ALA B 702 8.84 -6.74 24.10
C ALA B 702 9.02 -7.92 23.14
N ASN B 703 10.11 -7.95 22.34
CA ASN B 703 10.35 -9.03 21.39
C ASN B 703 11.38 -10.03 21.94
N GLY B 704 11.61 -10.01 23.26
CA GLY B 704 12.73 -10.72 23.84
C GLY B 704 12.37 -12.20 24.04
N THR B 705 13.43 -13.02 24.17
CA THR B 705 13.29 -14.44 24.43
C THR B 705 13.94 -14.75 25.77
N ALA B 706 13.38 -15.67 26.53
CA ALA B 706 13.97 -16.02 27.81
C ALA B 706 13.70 -17.48 28.09
N GLN B 707 14.62 -18.07 28.85
CA GLN B 707 14.48 -19.44 29.31
C GLN B 707 15.24 -19.47 30.63
N VAL B 708 14.57 -19.93 31.68
CA VAL B 708 15.16 -19.93 33.01
C VAL B 708 15.06 -21.35 33.55
N SER B 709 16.20 -21.89 33.97
CA SER B 709 16.34 -23.18 34.64
C SER B 709 16.65 -22.94 36.09
N GLU B 710 16.21 -23.87 36.94
CA GLU B 710 16.50 -23.80 38.35
C GLU B 710 17.19 -25.08 38.79
N ASN B 711 17.93 -24.95 39.90
CA ASN B 711 18.75 -26.02 40.44
C ASN B 711 18.88 -25.79 41.95
N TRP B 712 18.39 -26.76 42.75
CA TRP B 712 18.39 -26.66 44.21
C TRP B 712 19.22 -27.80 44.80
N LYS B 713 20.37 -27.43 45.38
CA LYS B 713 21.40 -28.37 45.79
C LYS B 713 22.27 -27.67 46.83
N GLU B 714 22.46 -28.32 47.98
CA GLU B 714 23.39 -27.89 49.02
C GLU B 714 22.87 -26.64 49.72
N ASP B 715 21.54 -26.41 49.65
CA ASP B 715 20.90 -25.24 50.23
C ASP B 715 21.37 -23.98 49.50
N VAL B 716 21.44 -24.09 48.17
CA VAL B 716 21.87 -23.05 47.27
C VAL B 716 20.99 -23.13 46.03
N TYR B 717 20.31 -22.02 45.72
CA TYR B 717 19.34 -21.96 44.64
C TYR B 717 19.98 -21.24 43.46
N THR B 718 20.11 -21.94 42.32
CA THR B 718 20.83 -21.42 41.18
C THR B 718 19.87 -21.27 40.01
N LEU B 719 19.81 -20.06 39.46
CA LEU B 719 18.99 -19.78 38.30
C LEU B 719 19.92 -19.49 37.13
N THR B 720 19.70 -20.20 36.02
CA THR B 720 20.37 -19.91 34.77
C THR B 720 19.38 -19.23 33.83
N VAL B 721 19.72 -18.03 33.35
CA VAL B 721 18.84 -17.22 32.51
C VAL B 721 19.42 -17.04 31.11
N THR B 722 18.92 -17.77 30.12
CA THR B 722 19.27 -17.56 28.72
C THR B 722 18.27 -16.56 28.15
N HIS B 723 18.75 -15.50 27.49
CA HIS B 723 17.82 -14.52 26.96
C HIS B 723 18.45 -13.65 25.89
N ASN B 724 17.62 -13.16 24.99
CA ASN B 724 17.93 -11.95 24.23
C ASN B 724 16.84 -10.92 24.56
N GLY B 725 17.29 -9.75 24.99
CA GLY B 725 16.34 -8.69 25.27
C GLY B 725 15.79 -8.80 26.67
N PRO B 726 14.72 -8.04 26.95
CA PRO B 726 14.25 -7.80 28.32
C PRO B 726 13.35 -8.91 28.89
N LEU B 727 13.40 -9.04 30.20
CA LEU B 727 12.55 -9.98 30.93
C LEU B 727 12.37 -9.47 32.36
N ASP B 728 11.27 -9.91 32.99
CA ASP B 728 11.05 -9.76 34.42
C ASP B 728 11.10 -11.14 35.05
N LEU B 729 11.95 -11.26 36.08
CA LEU B 729 12.15 -12.52 36.74
C LEU B 729 11.76 -12.33 38.20
N THR B 730 10.92 -13.22 38.72
CA THR B 730 10.54 -13.14 40.11
C THR B 730 11.13 -14.35 40.85
N VAL B 731 11.73 -14.09 42.02
CA VAL B 731 12.26 -15.15 42.86
C VAL B 731 11.62 -15.10 44.25
N ASN B 732 10.96 -16.20 44.65
CA ASN B 732 10.36 -16.30 45.97
C ASN B 732 11.32 -17.05 46.90
N CYS B 733 11.96 -16.30 47.80
CA CYS B 733 13.06 -16.80 48.60
C CYS B 733 13.07 -16.10 49.95
N SER B 734 13.06 -16.90 51.02
CA SER B 734 13.08 -16.44 52.40
C SER B 734 14.06 -17.26 53.26
N GLY B 735 14.63 -16.57 54.25
CA GLY B 735 15.50 -17.16 55.26
C GLY B 735 15.20 -16.59 56.64
N LYS B 736 16.20 -16.61 57.53
CA LYS B 736 15.93 -16.37 58.94
C LYS B 736 16.63 -15.12 59.46
N ALA B 737 17.15 -14.27 58.56
CA ALA B 737 17.69 -13.00 59.02
C ALA B 737 16.56 -12.22 59.71
N THR B 738 16.88 -11.57 60.84
CA THR B 738 16.00 -10.60 61.47
C THR B 738 16.56 -9.17 61.32
N ASP B 739 17.82 -9.08 60.87
CA ASP B 739 18.60 -7.85 60.88
C ASP B 739 18.46 -7.13 59.52
N ARG B 740 17.20 -6.92 59.09
CA ARG B 740 16.91 -6.46 57.74
C ARG B 740 16.08 -5.18 57.77
N LEU B 741 16.09 -4.45 56.65
CA LEU B 741 15.35 -3.20 56.55
C LEU B 741 13.95 -3.44 55.97
N THR B 742 13.10 -2.43 56.11
CA THR B 742 11.71 -2.56 55.73
C THR B 742 11.51 -1.78 54.42
N VAL B 743 10.83 -2.42 53.49
CA VAL B 743 10.57 -1.83 52.19
C VAL B 743 9.52 -0.73 52.35
N SER B 744 9.77 0.41 51.71
CA SER B 744 8.80 1.50 51.60
C SER B 744 7.54 1.08 50.85
N THR B 745 6.48 1.83 51.14
CA THR B 745 5.23 1.85 50.38
C THR B 745 5.54 2.13 48.91
N ALA B 746 4.68 1.64 48.03
CA ALA B 746 4.85 1.82 46.59
C ALA B 746 5.00 3.31 46.23
N ALA B 747 6.01 3.59 45.40
CA ALA B 747 6.21 4.93 44.88
C ALA B 747 5.03 5.35 44.02
N SER B 748 4.87 6.67 43.87
CA SER B 748 3.80 7.29 43.10
C SER B 748 4.23 7.54 41.66
N ILE B 749 3.43 7.05 40.72
CA ILE B 749 3.50 7.48 39.34
C ILE B 749 2.15 8.11 39.01
N GLN B 750 2.17 9.29 38.42
CA GLN B 750 0.97 9.98 37.99
C GLN B 750 1.06 10.14 36.48
N VAL B 751 0.08 9.58 35.78
CA VAL B 751 -0.04 9.81 34.34
C VAL B 751 -0.16 11.31 34.13
N PRO B 752 0.82 11.98 33.46
CA PRO B 752 0.72 13.41 33.23
C PRO B 752 -0.54 13.82 32.49
N ALA B 753 -1.23 14.87 32.93
CA ALA B 753 -2.44 15.31 32.23
C ALA B 753 -2.09 15.74 30.81
N SER B 754 -3.08 15.57 29.94
CA SER B 754 -3.03 15.98 28.56
C SER B 754 -3.06 17.50 28.47
N PRO B 755 -2.55 18.09 27.37
CA PRO B 755 -2.69 19.53 27.16
C PRO B 755 -4.14 19.94 26.97
N GLN B 756 -4.39 21.25 27.12
CA GLN B 756 -5.67 21.80 26.76
C GLN B 756 -5.89 21.60 25.26
N ILE B 757 -7.16 21.42 24.87
CA ILE B 757 -7.53 21.13 23.49
C ILE B 757 -7.16 22.34 22.63
N TYR B 758 -6.45 22.10 21.52
CA TYR B 758 -6.03 23.17 20.63
C TYR B 758 -7.20 23.57 19.77
N GLN B 759 -7.49 24.89 19.68
CA GLN B 759 -8.67 25.40 19.00
C GLN B 759 -8.30 25.96 17.63
N GLY B 760 -7.02 25.89 17.25
CA GLY B 760 -6.53 26.57 16.05
C GLY B 760 -6.64 25.72 14.76
N ALA B 761 -6.11 26.26 13.68
CA ALA B 761 -6.01 25.57 12.41
C ALA B 761 -5.10 24.33 12.52
N TYR B 762 -5.47 23.31 11.75
CA TYR B 762 -4.70 22.10 11.54
C TYR B 762 -4.04 22.21 10.18
N GLN B 763 -2.87 21.54 10.06
CA GLN B 763 -2.02 21.61 8.88
C GLN B 763 -1.61 20.20 8.51
N TYR B 764 -1.56 19.94 7.19
CA TYR B 764 -1.26 18.63 6.59
C TYR B 764 -0.41 18.85 5.34
N GLU B 765 0.82 18.31 5.36
CA GLU B 765 1.76 18.51 4.27
C GLU B 765 1.47 17.54 3.13
N ALA B 766 1.44 18.05 1.89
CA ALA B 766 1.16 17.23 0.72
C ALA B 766 2.22 16.12 0.58
N GLU B 767 3.48 16.45 0.87
CA GLU B 767 4.56 15.48 0.88
C GLU B 767 4.27 14.30 1.80
N CYS B 768 3.24 14.40 2.66
CA CYS B 768 2.85 13.31 3.53
C CYS B 768 1.56 12.65 3.07
N PHE B 769 0.93 13.15 2.00
CA PHE B 769 -0.30 12.52 1.54
C PHE B 769 -0.03 11.12 1.04
N ASP B 770 -1.00 10.21 1.17
CA ASP B 770 -1.07 9.00 0.35
C ASP B 770 -1.22 9.43 -1.11
N PHE B 771 -0.73 8.62 -2.05
CA PHE B 771 -0.65 9.08 -3.44
C PHE B 771 -0.78 7.96 -4.47
N LYS B 772 -1.05 8.38 -5.71
CA LYS B 772 -0.97 7.54 -6.90
C LYS B 772 -0.84 8.42 -8.15
N ASN B 773 0.08 8.03 -9.04
CA ASN B 773 0.13 8.58 -10.39
C ASN B 773 0.41 10.09 -10.32
N VAL B 774 1.39 10.48 -9.50
CA VAL B 774 1.84 11.87 -9.42
C VAL B 774 3.21 11.99 -10.07
N THR B 775 3.53 13.20 -10.53
CA THR B 775 4.76 13.44 -11.29
C THR B 775 5.99 13.39 -10.39
N LYS B 776 5.91 14.01 -9.19
CA LYS B 776 7.09 14.05 -8.34
C LYS B 776 6.72 14.36 -6.89
N ARG B 777 7.41 13.69 -5.97
CA ARG B 777 7.21 13.88 -4.55
C ARG B 777 8.54 14.37 -4.01
N VAL B 778 8.53 15.60 -3.51
CA VAL B 778 9.73 16.25 -3.04
C VAL B 778 9.66 16.23 -1.53
N THR B 779 10.33 15.23 -0.94
CA THR B 779 10.38 15.05 0.49
C THR B 779 11.57 15.83 1.05
N LYS B 780 12.49 16.24 0.16
CA LYS B 780 13.64 17.03 0.55
C LYS B 780 13.79 18.24 -0.37
N GLY B 781 13.24 19.38 0.07
CA GLY B 781 12.98 20.49 -0.85
C GLY B 781 14.23 21.30 -1.22
N ASP B 782 15.28 21.21 -0.39
CA ASP B 782 16.36 22.17 -0.43
C ASP B 782 17.18 22.09 -1.71
N SER B 783 17.26 20.87 -2.28
CA SER B 783 18.04 20.55 -3.47
C SER B 783 17.21 20.83 -4.73
N GLU B 784 15.89 20.96 -4.58
CA GLU B 784 15.04 21.19 -5.73
C GLU B 784 14.89 22.69 -5.97
N PRO B 785 14.36 23.10 -7.15
CA PRO B 785 14.28 24.52 -7.51
C PRO B 785 13.14 25.34 -6.94
N ILE B 786 12.17 24.70 -6.24
CA ILE B 786 11.01 25.42 -5.72
C ILE B 786 11.30 25.91 -4.31
N ARG B 787 11.04 27.19 -4.07
CA ARG B 787 11.30 27.81 -2.78
C ARG B 787 9.98 28.03 -2.02
N ASN B 788 10.10 28.47 -0.77
CA ASN B 788 8.99 29.08 -0.06
C ASN B 788 7.87 28.06 0.14
N TYR B 789 8.21 26.80 0.41
CA TYR B 789 7.24 25.76 0.77
C TYR B 789 7.21 25.61 2.30
N THR B 790 6.28 24.80 2.82
CA THR B 790 6.17 24.58 4.26
C THR B 790 6.66 23.18 4.60
N ALA B 791 7.17 23.03 5.81
CA ALA B 791 7.86 21.81 6.21
C ALA B 791 9.00 21.57 5.21
N GLN B 792 9.34 20.32 4.93
CA GLN B 792 10.58 20.05 4.22
C GLN B 792 10.35 19.82 2.72
N GLY B 793 9.10 19.86 2.26
CA GLY B 793 8.91 19.64 0.84
C GLY B 793 7.51 19.99 0.34
N TYR B 794 7.13 19.31 -0.75
CA TYR B 794 5.88 19.49 -1.45
C TYR B 794 5.77 18.35 -2.47
N ILE B 795 4.71 18.38 -3.29
CA ILE B 795 4.65 17.47 -4.42
C ILE B 795 4.29 18.23 -5.68
N ASN B 796 4.69 17.63 -6.80
CA ASN B 796 4.13 17.94 -8.10
C ASN B 796 3.05 16.90 -8.38
N PHE B 797 1.79 17.28 -8.07
CA PHE B 797 0.66 16.41 -8.29
C PHE B 797 0.62 15.99 -9.77
N GLY B 798 0.99 16.91 -10.68
CA GLY B 798 1.15 16.61 -12.10
C GLY B 798 -0.19 16.60 -12.84
N ALA B 799 -0.19 16.02 -14.05
CA ALA B 799 -1.25 16.25 -15.02
C ALA B 799 -1.94 14.97 -15.46
N SER B 800 -1.52 13.82 -14.90
CA SER B 800 -2.14 12.56 -15.24
C SER B 800 -3.62 12.56 -14.85
N SER B 801 -4.45 11.98 -15.74
CA SER B 801 -5.87 11.83 -15.53
C SER B 801 -6.15 10.88 -14.36
N ALA B 802 -5.11 10.15 -13.93
CA ALA B 802 -5.26 9.13 -12.90
C ALA B 802 -4.67 9.60 -11.57
N ALA B 803 -4.20 10.85 -11.54
CA ALA B 803 -3.50 11.38 -10.38
C ALA B 803 -4.46 11.56 -9.21
N ALA B 804 -4.00 11.21 -8.01
CA ALA B 804 -4.82 11.35 -6.82
C ALA B 804 -3.96 11.38 -5.57
N VAL B 805 -4.49 12.04 -4.53
CA VAL B 805 -3.85 12.09 -3.23
C VAL B 805 -4.96 11.98 -2.17
N ARG B 806 -4.59 11.43 -1.03
CA ARG B 806 -5.53 11.17 0.05
C ARG B 806 -4.84 11.44 1.39
N ALA B 808 -5.83 11.40 5.98
CA ALA B 808 -6.73 11.30 7.12
C ALA B 808 -6.59 12.58 7.94
N VAL B 809 -7.67 13.37 7.95
CA VAL B 809 -7.73 14.61 8.69
C VAL B 809 -8.77 14.47 9.81
N THR B 810 -8.73 15.38 10.82
CA THR B 810 -9.66 15.33 11.93
C THR B 810 -10.40 16.67 12.09
N ALA B 811 -11.53 16.61 12.81
CA ALA B 811 -12.28 17.79 13.26
C ALA B 811 -12.72 17.60 14.72
N LEU B 812 -12.63 18.69 15.51
CA LEU B 812 -13.10 18.64 16.88
C LEU B 812 -14.62 18.41 16.91
N GLU B 813 -15.36 19.05 15.99
CA GLU B 813 -16.82 19.01 16.02
C GLU B 813 -17.36 18.90 14.59
N ASP B 814 -18.61 18.45 14.45
CA ASP B 814 -19.33 18.52 13.19
C ASP B 814 -19.56 19.99 12.83
N GLY B 815 -19.39 20.32 11.54
CA GLY B 815 -19.68 21.66 11.08
C GLY B 815 -18.88 22.00 9.82
N VAL B 816 -18.89 23.30 9.46
CA VAL B 816 -18.33 23.75 8.21
C VAL B 816 -16.90 24.21 8.47
N TYR B 817 -16.00 23.84 7.55
CA TYR B 817 -14.59 24.14 7.68
C TYR B 817 -14.08 24.71 6.36
N THR B 818 -13.10 25.58 6.46
CA THR B 818 -12.35 26.01 5.30
C THR B 818 -11.11 25.13 5.17
N ILE B 819 -10.93 24.59 3.96
CA ILE B 819 -9.72 23.92 3.53
C ILE B 819 -9.00 24.83 2.54
N ARG B 820 -7.83 25.33 2.97
CA ARG B 820 -6.96 26.17 2.16
C ARG B 820 -5.88 25.31 1.55
N ILE B 821 -5.89 25.18 0.21
CA ILE B 821 -4.95 24.35 -0.52
C ILE B 821 -3.87 25.27 -1.05
N ARG B 822 -2.63 25.07 -0.58
CA ARG B 822 -1.52 25.88 -1.01
C ARG B 822 -0.89 25.19 -2.22
N TYR B 823 -0.97 25.84 -3.38
CA TYR B 823 -0.71 25.16 -4.63
C TYR B 823 0.11 26.05 -5.55
N ARG B 824 0.56 25.45 -6.67
CA ARG B 824 1.12 26.20 -7.78
C ARG B 824 0.52 25.59 -9.04
N ALA B 825 0.12 26.46 -9.97
CA ALA B 825 -0.25 26.05 -11.32
C ALA B 825 0.41 27.02 -12.29
N PRO B 826 1.72 26.83 -12.60
CA PRO B 826 2.55 27.90 -13.15
C PRO B 826 2.43 28.15 -14.66
N SER B 827 1.75 27.27 -15.42
CA SER B 827 1.69 27.42 -16.86
C SER B 827 0.25 27.51 -17.38
N ALA B 828 -0.72 27.17 -16.52
CA ALA B 828 -2.15 27.21 -16.88
C ALA B 828 -3.00 26.84 -15.67
N THR B 829 -4.24 27.32 -15.70
CA THR B 829 -5.28 27.03 -14.72
C THR B 829 -5.58 25.54 -14.73
N VAL B 830 -5.83 24.98 -13.53
CA VAL B 830 -6.23 23.59 -13.39
C VAL B 830 -7.65 23.51 -12.83
N ASN B 831 -8.54 22.82 -13.55
CA ASN B 831 -9.95 22.71 -13.21
C ASN B 831 -10.40 21.27 -13.41
N THR B 832 -9.43 20.34 -13.45
CA THR B 832 -9.66 18.93 -13.72
C THR B 832 -9.35 18.07 -12.49
N VAL B 833 -9.25 18.70 -11.31
CA VAL B 833 -9.01 17.99 -10.07
C VAL B 833 -10.15 18.29 -9.11
N ASP B 834 -10.86 17.21 -8.73
CA ASP B 834 -12.01 17.27 -7.84
C ASP B 834 -11.62 16.90 -6.42
N MET B 835 -12.32 17.47 -5.44
CA MET B 835 -12.09 17.18 -4.03
C MET B 835 -13.20 16.26 -3.52
N TYR B 836 -12.80 15.22 -2.78
CA TYR B 836 -13.73 14.30 -2.14
C TYR B 836 -13.53 14.41 -0.62
N ILE B 837 -14.62 14.41 0.13
CA ILE B 837 -14.63 14.29 1.58
C ILE B 837 -15.47 13.06 1.92
N ASN B 838 -14.86 12.07 2.58
CA ASN B 838 -15.52 10.85 3.04
C ASN B 838 -16.16 10.13 1.86
N ASN B 839 -15.37 10.02 0.77
CA ASN B 839 -15.70 9.26 -0.43
C ASN B 839 -16.88 9.86 -1.15
N THR B 840 -17.10 11.19 -1.03
CA THR B 840 -18.15 11.89 -1.75
C THR B 840 -17.54 13.16 -2.38
N LYS B 841 -17.80 13.38 -3.67
CA LYS B 841 -17.27 14.53 -4.39
C LYS B 841 -17.93 15.79 -3.85
N VAL B 842 -17.13 16.81 -3.49
CA VAL B 842 -17.69 18.01 -2.87
C VAL B 842 -17.48 19.24 -3.75
N GLY B 843 -16.55 19.18 -4.70
CA GLY B 843 -16.43 20.25 -5.67
C GLY B 843 -15.11 20.15 -6.43
N THR B 844 -14.80 21.25 -7.15
CA THR B 844 -13.60 21.35 -7.96
C THR B 844 -12.91 22.66 -7.59
N PRO B 845 -11.83 22.62 -6.77
CA PRO B 845 -11.07 23.82 -6.44
C PRO B 845 -10.60 24.60 -7.66
N GLU B 846 -10.51 25.94 -7.52
CA GLU B 846 -10.20 26.81 -8.64
C GLU B 846 -8.71 27.15 -8.61
N PHE B 847 -7.89 26.21 -9.11
CA PHE B 847 -6.44 26.34 -9.12
C PHE B 847 -6.04 27.30 -10.24
N ALA B 848 -6.24 28.60 -9.96
CA ALA B 848 -5.99 29.65 -10.94
C ALA B 848 -4.50 29.68 -11.27
N GLN B 849 -4.17 29.81 -12.55
CA GLN B 849 -2.78 29.95 -12.98
C GLN B 849 -2.04 30.96 -12.10
N THR B 850 -0.85 30.54 -11.64
CA THR B 850 0.03 31.32 -10.76
C THR B 850 1.30 31.77 -11.50
N ASP B 851 1.97 32.77 -10.91
CA ASP B 851 3.16 33.39 -11.45
C ASP B 851 4.27 32.34 -11.55
N ASN B 852 5.10 32.46 -12.59
CA ASN B 852 6.10 31.45 -12.93
C ASN B 852 7.20 31.33 -11.89
N ASP B 853 7.42 32.38 -11.09
CA ASP B 853 8.58 32.48 -10.22
C ASP B 853 8.70 31.23 -9.34
N ASN B 854 9.95 30.85 -9.03
CA ASN B 854 10.21 29.68 -8.22
C ASN B 854 9.81 29.91 -6.75
N THR B 855 9.41 31.14 -6.35
CA THR B 855 9.09 31.38 -4.95
C THR B 855 7.57 31.51 -4.76
N VAL B 856 6.78 31.49 -5.84
CA VAL B 856 5.38 31.89 -5.74
C VAL B 856 4.46 30.68 -5.49
N TRP B 857 3.69 30.72 -4.40
CA TRP B 857 2.54 29.84 -4.20
C TRP B 857 1.27 30.67 -4.08
N ASN B 858 0.12 30.00 -4.17
CA ASN B 858 -1.17 30.62 -3.91
C ASN B 858 -2.04 29.62 -3.15
N THR B 859 -3.24 30.03 -2.74
CA THR B 859 -4.12 29.16 -1.98
C THR B 859 -5.52 29.19 -2.57
N ALA B 860 -6.09 27.99 -2.74
CA ALA B 860 -7.45 27.79 -3.19
C ALA B 860 -8.29 27.39 -2.00
N LEU B 861 -9.52 27.93 -1.94
CA LEU B 861 -10.42 27.77 -0.80
C LEU B 861 -11.59 26.86 -1.17
N MET B 862 -11.98 26.04 -0.17
CA MET B 862 -13.17 25.23 -0.24
C MET B 862 -13.78 25.14 1.14
N SER B 863 -15.10 25.29 1.22
CA SER B 863 -15.85 25.03 2.44
C SER B 863 -16.45 23.64 2.38
N VAL B 864 -16.28 22.84 3.44
CA VAL B 864 -16.95 21.56 3.48
C VAL B 864 -17.50 21.26 4.87
N SER B 865 -18.44 20.30 4.93
CA SER B 865 -18.84 19.68 6.17
C SER B 865 -17.86 18.57 6.54
N LEU B 866 -17.32 18.65 7.75
CA LEU B 866 -16.56 17.55 8.32
C LEU B 866 -17.40 16.98 9.45
N ARG B 867 -17.16 15.73 9.79
CA ARG B 867 -17.79 15.17 10.96
C ARG B 867 -16.74 15.15 12.07
N LYS B 868 -17.22 15.11 13.31
CA LYS B 868 -16.38 14.94 14.49
C LYS B 868 -15.49 13.71 14.29
N GLY B 869 -14.18 13.91 14.48
CA GLY B 869 -13.22 12.82 14.42
C GLY B 869 -12.61 12.70 13.03
N ALA B 870 -12.31 11.46 12.61
CA ALA B 870 -11.53 11.21 11.42
C ALA B 870 -12.40 11.50 10.20
N ASN B 871 -11.81 12.23 9.21
CA ASN B 871 -12.36 12.35 7.87
C ASN B 871 -11.28 11.98 6.85
N THR B 872 -11.74 11.61 5.64
CA THR B 872 -10.90 11.32 4.48
C THR B 872 -10.93 12.51 3.49
N PHE B 873 -9.76 13.12 3.23
CA PHE B 873 -9.63 14.15 2.21
C PHE B 873 -8.94 13.52 1.00
N GLU B 874 -9.49 13.82 -0.17
CA GLU B 874 -8.95 13.33 -1.42
C GLU B 874 -9.00 14.43 -2.47
N LEU B 875 -7.93 14.49 -3.27
CA LEU B 875 -7.98 15.20 -4.52
C LEU B 875 -7.75 14.17 -5.63
N LYS B 876 -8.63 14.16 -6.62
CA LYS B 876 -8.57 13.19 -7.71
C LYS B 876 -8.76 13.88 -9.07
N ALA B 877 -7.78 13.70 -9.96
CA ALA B 877 -7.91 14.14 -11.35
C ALA B 877 -9.07 13.39 -12.00
N ASN B 878 -9.85 14.07 -12.85
CA ASN B 878 -10.92 13.42 -13.62
C ASN B 878 -10.55 13.36 -15.11
N SER B 879 -9.44 14.03 -15.48
CA SER B 879 -8.98 14.15 -16.86
C SER B 879 -7.61 14.84 -16.86
N SER B 880 -6.98 14.99 -18.03
CA SER B 880 -5.65 15.57 -18.17
C SER B 880 -5.61 17.03 -17.77
N GLY B 881 -4.60 17.42 -16.99
CA GLY B 881 -4.43 18.80 -16.59
C GLY B 881 -3.86 19.66 -17.74
N ALA B 882 -4.32 20.90 -17.83
CA ALA B 882 -3.81 21.86 -18.81
C ALA B 882 -2.37 22.21 -18.48
N GLY B 883 -1.99 21.97 -17.23
CA GLY B 883 -0.63 22.17 -16.79
C GLY B 883 -0.41 21.43 -15.48
N ASP B 884 0.84 21.43 -15.03
CA ASP B 884 1.19 20.77 -13.78
C ASP B 884 0.53 21.50 -12.60
N LEU B 885 0.13 20.73 -11.58
CA LEU B 885 -0.35 21.26 -10.31
C LEU B 885 0.59 20.84 -9.19
N TYR B 886 1.19 21.82 -8.49
CA TYR B 886 1.98 21.54 -7.31
C TYR B 886 1.11 21.75 -6.07
N LEU B 887 1.35 20.94 -5.03
CA LEU B 887 0.62 21.00 -3.75
C LEU B 887 1.62 20.99 -2.59
N ASP B 888 1.40 21.89 -1.63
CA ASP B 888 2.33 22.11 -0.56
C ASP B 888 1.78 21.57 0.75
N ASN B 889 0.51 21.87 0.99
CA ASN B 889 -0.17 21.53 2.23
C ASN B 889 -1.63 21.88 2.07
N ILE B 890 -2.43 21.43 3.04
CA ILE B 890 -3.73 22.00 3.26
C ILE B 890 -3.76 22.47 4.71
N VAL B 891 -4.52 23.54 4.93
CA VAL B 891 -4.78 24.03 6.28
C VAL B 891 -6.28 23.98 6.47
N ILE B 892 -6.74 23.35 7.57
CA ILE B 892 -8.17 23.20 7.84
C ILE B 892 -8.51 24.03 9.07
N GLU B 893 -9.58 24.84 8.96
CA GLU B 893 -9.99 25.74 10.02
C GLU B 893 -11.52 25.86 10.05
N ARG B 894 -12.09 25.75 11.25
CA ARG B 894 -13.44 26.18 11.61
C ARG B 894 -13.88 27.43 10.84
N LYS B 895 -15.03 27.39 10.18
CA LYS B 895 -15.57 28.56 9.50
C LYS B 895 -16.45 29.42 10.46
#